data_5WNH
#
_entry.id   5WNH
#
_cell.length_a   162.923
_cell.length_b   81.975
_cell.length_c   167.476
_cell.angle_alpha   90.00
_cell.angle_beta   115.68
_cell.angle_gamma   90.00
#
_symmetry.space_group_name_H-M   'C 1 2 1'
#
loop_
_entity.id
_entity.type
_entity.pdbx_description
1 polymer 'Rho-associated protein kinase 1'
2 non-polymer (2R)-N-(3-cyanophenyl)-2-{3-[(5-methyl-4,5,6,7-tetrahydro[1,3]thiazolo[5,4-c]pyridin-2-yl)carbamoyl]phenyl}pyrrolidine-1-carboxamide
3 water water
#
_entity_poly.entity_id   1
_entity_poly.type   'polypeptide(L)'
_entity_poly.pdbx_seq_one_letter_code
;GSLHMSFETRFEKMDNLLRDPKSEVNSDCLLDGLDALVYDLDFPALRKNKNIDNFLSRYKDTINKIRDLRMKAEDYEVVK
VIGRGAFGEVQLVRHKSTRKVYAMKLLSKFEMIKRSDSAFFWEERDIMAFANSPWVVQLFYAFQDDRYLYMVMEYMPGGD
LVNLMSNYDVPEKWARFYTAEVVLALDAIHSMGFIHRDVKPDNMLLDKSGHLKLADFGTCMKMNKEGMVRCDTAVGTPDY
ISPEVLKSQGGDGYYGRECDWWSVGVFLYEMLVGDTPFYADSLVGTYSKIMNHKNSLTFPDDNDISKEAKNLICAFLTDR
EVRLGRNGVEEIKRHLFFKNDQWAWETLRDTVAPVVPDLSSDIDTSNFDDLEEDKGEEETFPIPKAFVGNQLPFVGFTYY
SNRRYLSSANPNDNR
;
_entity_poly.pdbx_strand_id   A,B,C,D
#
loop_
_chem_comp.id
_chem_comp.type
_chem_comp.name
_chem_comp.formula
B5G non-polymer (2R)-N-(3-cyanophenyl)-2-{3-[(5-methyl-4,5,6,7-tetrahydro[1,3]thiazolo[5,4-c]pyridin-2-yl)carbamoyl]phenyl}pyrrolidine-1-carboxamide 'C26 H26 N6 O2 S'
#
# COMPACT_ATOMS: atom_id res chain seq x y z
N SER A 6 -0.78 16.07 29.27
CA SER A 6 -1.52 16.44 30.48
C SER A 6 -2.11 15.20 31.17
N PHE A 7 -2.07 15.17 32.52
CA PHE A 7 -2.59 14.07 33.35
C PHE A 7 -4.10 13.94 33.30
N GLU A 8 -4.85 15.04 33.55
CA GLU A 8 -6.31 15.05 33.55
C GLU A 8 -6.91 14.68 32.18
N THR A 9 -6.33 15.20 31.08
CA THR A 9 -6.75 14.94 29.69
C THR A 9 -6.50 13.49 29.28
N ARG A 10 -5.46 12.85 29.86
CA ARG A 10 -5.07 11.46 29.59
C ARG A 10 -6.12 10.46 30.06
N PHE A 11 -6.59 10.57 31.33
CA PHE A 11 -7.57 9.65 31.89
C PHE A 11 -9.01 9.92 31.41
N GLU A 12 -9.24 11.08 30.74
CA GLU A 12 -10.54 11.40 30.13
C GLU A 12 -10.67 10.57 28.84
N LYS A 13 -9.55 10.47 28.07
CA LYS A 13 -9.46 9.72 26.82
C LYS A 13 -9.31 8.21 27.07
N MET A 14 -8.61 7.84 28.16
CA MET A 14 -8.38 6.45 28.57
C MET A 14 -9.69 5.76 28.97
N ASP A 15 -10.56 6.45 29.74
CA ASP A 15 -11.84 5.91 30.18
C ASP A 15 -12.84 5.91 29.03
N ASN A 16 -12.69 6.85 28.07
CA ASN A 16 -13.52 6.99 26.87
C ASN A 16 -13.37 5.77 25.96
N LEU A 17 -12.15 5.20 25.90
CA LEU A 17 -11.80 4.02 25.10
C LEU A 17 -12.32 2.70 25.67
N LEU A 18 -12.81 2.68 26.93
CA LEU A 18 -13.27 1.45 27.59
C LEU A 18 -14.79 1.25 27.68
N ARG A 19 -15.59 2.32 27.49
CA ARG A 19 -17.05 2.22 27.52
C ARG A 19 -17.67 2.31 26.11
N ASP A 20 -16.93 2.95 25.18
CA ASP A 20 -17.30 3.18 23.78
C ASP A 20 -17.58 1.86 23.04
N PRO A 21 -18.80 1.68 22.47
CA PRO A 21 -19.11 0.42 21.77
C PRO A 21 -18.37 0.25 20.44
N LYS A 22 -17.98 1.36 19.81
CA LYS A 22 -17.26 1.38 18.53
C LYS A 22 -15.74 1.20 18.73
N SER A 23 -15.25 1.29 19.98
CA SER A 23 -13.84 1.15 20.34
C SER A 23 -13.30 -0.28 20.18
N GLU A 24 -12.06 -0.40 19.68
CA GLU A 24 -11.38 -1.69 19.47
C GLU A 24 -10.94 -2.29 20.81
N VAL A 25 -10.61 -1.42 21.79
CA VAL A 25 -10.13 -1.80 23.13
C VAL A 25 -11.22 -1.59 24.20
N ASN A 26 -12.47 -1.91 23.82
CA ASN A 26 -13.68 -1.85 24.66
C ASN A 26 -13.58 -2.92 25.76
N SER A 27 -14.33 -2.72 26.88
CA SER A 27 -14.39 -3.63 28.03
C SER A 27 -14.66 -5.10 27.64
N ASP A 28 -15.68 -5.33 26.79
CA ASP A 28 -16.07 -6.66 26.32
C ASP A 28 -15.09 -7.25 25.30
N CYS A 29 -14.32 -6.39 24.62
CA CYS A 29 -13.31 -6.79 23.64
C CYS A 29 -12.01 -7.21 24.33
N LEU A 30 -11.72 -6.64 25.52
CA LEU A 30 -10.51 -6.95 26.31
C LEU A 30 -10.59 -8.33 26.94
N LEU A 31 -11.81 -8.77 27.31
CA LEU A 31 -12.08 -10.10 27.86
C LEU A 31 -11.84 -11.16 26.79
N ASP A 32 -12.17 -10.85 25.51
CA ASP A 32 -11.97 -11.72 24.35
C ASP A 32 -10.51 -12.12 24.20
N GLY A 33 -9.59 -11.23 24.58
CA GLY A 33 -8.15 -11.47 24.55
C GLY A 33 -7.72 -12.51 25.55
N LEU A 34 -8.17 -12.36 26.82
CA LEU A 34 -7.90 -13.29 27.93
C LEU A 34 -8.54 -14.65 27.65
N ASP A 35 -9.73 -14.65 27.04
CA ASP A 35 -10.52 -15.83 26.69
C ASP A 35 -9.84 -16.63 25.57
N ALA A 36 -9.38 -15.95 24.49
CA ALA A 36 -8.70 -16.56 23.35
C ALA A 36 -7.35 -17.11 23.77
N LEU A 37 -6.65 -16.40 24.67
CA LEU A 37 -5.35 -16.78 25.21
C LEU A 37 -5.44 -18.10 25.97
N VAL A 38 -6.48 -18.28 26.82
CA VAL A 38 -6.71 -19.51 27.56
C VAL A 38 -7.03 -20.67 26.60
N TYR A 39 -7.87 -20.40 25.58
CA TYR A 39 -8.26 -21.38 24.56
C TYR A 39 -7.04 -21.90 23.78
N ASP A 40 -6.16 -20.98 23.33
CA ASP A 40 -4.97 -21.29 22.54
C ASP A 40 -3.76 -21.82 23.32
N LEU A 41 -3.71 -21.57 24.65
CA LEU A 41 -2.57 -22.03 25.46
C LEU A 41 -2.80 -23.34 26.24
N ASP A 42 -4.07 -23.66 26.58
CA ASP A 42 -4.38 -24.86 27.37
C ASP A 42 -4.31 -26.15 26.55
N PHE A 43 -3.07 -26.66 26.37
CA PHE A 43 -2.72 -27.91 25.67
C PHE A 43 -1.47 -28.50 26.35
N PRO A 44 -1.35 -29.84 26.47
CA PRO A 44 -0.17 -30.42 27.16
C PRO A 44 1.21 -30.02 26.63
N ALA A 45 1.38 -29.97 25.29
CA ALA A 45 2.64 -29.60 24.64
C ALA A 45 3.08 -28.18 25.02
N LEU A 46 2.11 -27.24 25.03
CA LEU A 46 2.31 -25.83 25.38
C LEU A 46 2.48 -25.64 26.89
N ARG A 47 1.72 -26.42 27.70
CA ARG A 47 1.76 -26.37 29.17
C ARG A 47 3.13 -26.75 29.77
N LYS A 48 4.04 -27.31 28.94
CA LYS A 48 5.39 -27.69 29.33
C LYS A 48 6.23 -26.44 29.63
N ASN A 49 5.85 -25.30 29.02
CA ASN A 49 6.46 -23.98 29.19
C ASN A 49 6.08 -23.45 30.57
N LYS A 50 7.09 -23.12 31.39
CA LYS A 50 6.91 -22.59 32.75
C LYS A 50 6.04 -21.32 32.79
N ASN A 51 6.17 -20.46 31.76
CA ASN A 51 5.41 -19.22 31.63
C ASN A 51 3.92 -19.47 31.30
N ILE A 52 3.64 -20.38 30.35
CA ILE A 52 2.29 -20.74 29.90
C ILE A 52 1.52 -21.47 31.03
N ASP A 53 2.21 -22.36 31.76
CA ASP A 53 1.66 -23.12 32.89
C ASP A 53 1.26 -22.21 34.05
N ASN A 54 2.11 -21.23 34.40
CA ASN A 54 1.87 -20.28 35.49
C ASN A 54 0.74 -19.30 35.18
N PHE A 55 0.50 -19.01 33.87
CA PHE A 55 -0.59 -18.13 33.44
C PHE A 55 -1.92 -18.87 33.58
N LEU A 56 -2.00 -20.10 33.01
CA LEU A 56 -3.20 -20.94 33.04
C LEU A 56 -3.63 -21.33 34.46
N SER A 57 -2.67 -21.67 35.33
CA SER A 57 -2.96 -22.01 36.73
C SER A 57 -3.54 -20.82 37.51
N ARG A 58 -3.28 -19.60 37.01
CA ARG A 58 -3.74 -18.35 37.61
C ARG A 58 -5.03 -17.81 36.98
N TYR A 59 -5.27 -18.07 35.68
CA TYR A 59 -6.45 -17.51 35.00
C TYR A 59 -7.52 -18.53 34.55
N LYS A 60 -7.21 -19.84 34.47
CA LYS A 60 -8.19 -20.88 34.05
C LYS A 60 -9.40 -20.95 34.99
N ASP A 61 -9.15 -20.78 36.31
CA ASP A 61 -10.16 -20.81 37.37
C ASP A 61 -11.24 -19.73 37.15
N THR A 62 -10.80 -18.48 36.98
CA THR A 62 -11.68 -17.32 36.78
C THR A 62 -12.29 -17.26 35.39
N ILE A 63 -11.52 -17.60 34.34
CA ILE A 63 -11.98 -17.57 32.94
C ILE A 63 -13.19 -18.52 32.70
N ASN A 64 -13.28 -19.61 33.49
CA ASN A 64 -14.38 -20.55 33.42
C ASN A 64 -15.63 -19.91 34.06
N LYS A 65 -15.45 -19.19 35.20
CA LYS A 65 -16.52 -18.47 35.90
C LYS A 65 -17.09 -17.38 35.00
N ILE A 66 -16.20 -16.71 34.24
CA ILE A 66 -16.55 -15.65 33.28
C ILE A 66 -17.31 -16.25 32.09
N ARG A 67 -16.90 -17.45 31.64
CA ARG A 67 -17.52 -18.18 30.52
C ARG A 67 -19.01 -18.50 30.78
N ASP A 68 -19.35 -18.80 32.04
CA ASP A 68 -20.70 -19.08 32.51
C ASP A 68 -21.50 -17.78 32.60
N LEU A 69 -20.88 -16.68 33.10
CA LEU A 69 -21.50 -15.36 33.29
C LEU A 69 -21.86 -14.66 31.99
N ARG A 70 -20.87 -14.47 31.10
CA ARG A 70 -21.10 -13.79 29.82
C ARG A 70 -21.89 -14.69 28.86
N MET A 71 -22.65 -14.06 27.94
CA MET A 71 -23.53 -14.70 26.96
C MET A 71 -22.92 -15.93 26.27
N LYS A 72 -23.67 -17.03 26.25
CA LYS A 72 -23.31 -18.30 25.62
C LYS A 72 -24.48 -18.85 24.78
N ALA A 73 -24.19 -19.83 23.90
CA ALA A 73 -25.16 -20.44 22.98
C ALA A 73 -26.20 -21.25 23.73
N GLU A 74 -25.83 -21.72 24.94
CA GLU A 74 -26.66 -22.52 25.85
C GLU A 74 -27.85 -21.71 26.40
N ASP A 75 -27.71 -20.37 26.49
CA ASP A 75 -28.74 -19.46 26.99
C ASP A 75 -29.91 -19.31 25.99
N TYR A 76 -29.74 -19.83 24.77
CA TYR A 76 -30.73 -19.74 23.72
C TYR A 76 -31.31 -21.10 23.33
N GLU A 77 -32.65 -21.15 23.20
CA GLU A 77 -33.42 -22.33 22.83
C GLU A 77 -33.63 -22.33 21.30
N VAL A 78 -32.94 -23.23 20.57
CA VAL A 78 -33.07 -23.30 19.11
C VAL A 78 -34.41 -23.95 18.73
N VAL A 79 -35.26 -23.16 18.04
CA VAL A 79 -36.60 -23.56 17.62
C VAL A 79 -36.57 -24.29 16.27
N LYS A 80 -35.99 -23.65 15.24
CA LYS A 80 -35.92 -24.20 13.87
C LYS A 80 -34.77 -23.54 13.10
N VAL A 81 -34.12 -24.30 12.18
CA VAL A 81 -33.05 -23.78 11.31
C VAL A 81 -33.77 -23.12 10.12
N ILE A 82 -33.78 -21.78 10.09
CA ILE A 82 -34.48 -20.99 9.07
C ILE A 82 -33.65 -20.76 7.81
N GLY A 83 -32.31 -20.71 7.95
CA GLY A 83 -31.39 -20.49 6.85
C GLY A 83 -30.07 -21.22 6.97
N ARG A 84 -29.31 -21.27 5.86
CA ARG A 84 -28.00 -21.92 5.76
C ARG A 84 -27.11 -21.20 4.73
N GLY A 85 -25.87 -20.92 5.14
CA GLY A 85 -24.87 -20.23 4.31
C GLY A 85 -23.60 -21.04 4.11
N ALA A 86 -22.57 -20.37 3.55
CA ALA A 86 -21.26 -20.98 3.25
C ALA A 86 -20.49 -21.46 4.47
N PHE A 87 -20.40 -20.60 5.52
CA PHE A 87 -19.68 -20.88 6.76
C PHE A 87 -20.56 -21.15 7.99
N GLY A 88 -21.88 -21.21 7.81
CA GLY A 88 -22.79 -21.46 8.92
C GLY A 88 -24.25 -21.59 8.57
N GLU A 89 -25.12 -21.38 9.57
CA GLU A 89 -26.57 -21.50 9.45
C GLU A 89 -27.30 -20.57 10.40
N VAL A 90 -28.42 -19.97 9.94
CA VAL A 90 -29.26 -19.06 10.74
C VAL A 90 -30.38 -19.87 11.38
N GLN A 91 -30.58 -19.70 12.71
CA GLN A 91 -31.58 -20.42 13.51
C GLN A 91 -32.55 -19.46 14.19
N LEU A 92 -33.81 -19.88 14.32
CA LEU A 92 -34.81 -19.12 15.06
C LEU A 92 -34.61 -19.50 16.52
N VAL A 93 -34.21 -18.52 17.35
CA VAL A 93 -33.93 -18.78 18.76
C VAL A 93 -34.80 -17.96 19.71
N ARG A 94 -34.94 -18.45 20.95
CA ARG A 94 -35.65 -17.80 22.03
C ARG A 94 -34.69 -17.78 23.22
N HIS A 95 -34.45 -16.58 23.80
CA HIS A 95 -33.57 -16.48 24.96
C HIS A 95 -34.27 -17.12 26.16
N LYS A 96 -33.63 -18.10 26.81
CA LYS A 96 -34.20 -18.85 27.93
C LYS A 96 -34.68 -18.00 29.11
N SER A 97 -33.98 -16.89 29.40
CA SER A 97 -34.34 -16.01 30.52
C SER A 97 -35.40 -14.96 30.17
N THR A 98 -35.16 -14.14 29.12
CA THR A 98 -36.06 -13.06 28.69
C THR A 98 -37.28 -13.54 27.88
N ARG A 99 -37.16 -14.72 27.25
CA ARG A 99 -38.16 -15.37 26.38
C ARG A 99 -38.38 -14.59 25.06
N LYS A 100 -37.42 -13.72 24.71
CA LYS A 100 -37.41 -12.90 23.51
C LYS A 100 -37.03 -13.74 22.29
N VAL A 101 -37.73 -13.52 21.15
CA VAL A 101 -37.50 -14.25 19.89
C VAL A 101 -36.53 -13.49 18.98
N TYR A 102 -35.44 -14.17 18.57
CA TYR A 102 -34.39 -13.63 17.71
C TYR A 102 -34.02 -14.59 16.57
N ALA A 103 -33.21 -14.11 15.61
CA ALA A 103 -32.64 -14.88 14.50
C ALA A 103 -31.12 -14.90 14.74
N MET A 104 -30.56 -16.10 14.97
CA MET A 104 -29.13 -16.24 15.29
C MET A 104 -28.31 -16.89 14.18
N LYS A 105 -27.27 -16.19 13.70
CA LYS A 105 -26.36 -16.68 12.66
C LYS A 105 -25.04 -17.12 13.29
N LEU A 106 -24.67 -18.40 13.13
CA LEU A 106 -23.40 -18.91 13.65
C LEU A 106 -22.41 -19.19 12.50
N LEU A 107 -21.17 -18.70 12.66
CA LEU A 107 -20.08 -18.79 11.69
C LEU A 107 -18.99 -19.71 12.21
N SER A 108 -18.63 -20.72 11.41
CA SER A 108 -17.61 -21.71 11.75
C SER A 108 -16.21 -21.11 11.75
N LYS A 109 -15.54 -21.12 12.92
CA LYS A 109 -14.18 -20.62 13.08
C LYS A 109 -13.17 -21.49 12.33
N PHE A 110 -13.43 -22.83 12.24
CA PHE A 110 -12.57 -23.74 11.49
C PHE A 110 -12.64 -23.46 10.00
N GLU A 111 -13.87 -23.38 9.44
CA GLU A 111 -14.07 -23.10 8.02
C GLU A 111 -13.51 -21.74 7.62
N MET A 112 -13.47 -20.80 8.58
CA MET A 112 -12.91 -19.46 8.39
C MET A 112 -11.38 -19.46 8.37
N ILE A 113 -10.75 -20.24 9.28
CA ILE A 113 -9.28 -20.35 9.37
C ILE A 113 -8.72 -21.08 8.15
N LYS A 114 -9.33 -22.23 7.80
CA LYS A 114 -8.96 -23.09 6.66
C LYS A 114 -8.98 -22.31 5.34
N ARG A 115 -10.09 -21.62 5.04
CA ARG A 115 -10.32 -20.86 3.81
C ARG A 115 -9.71 -19.43 3.82
N SER A 116 -8.99 -19.06 4.92
CA SER A 116 -8.32 -17.76 5.11
C SER A 116 -9.26 -16.52 5.05
N ASP A 117 -10.58 -16.73 5.11
CA ASP A 117 -11.63 -15.71 5.09
C ASP A 117 -11.98 -15.36 6.56
N SER A 118 -11.05 -14.71 7.28
CA SER A 118 -11.24 -14.37 8.70
C SER A 118 -11.29 -12.86 9.00
N ALA A 119 -11.98 -12.08 8.12
CA ALA A 119 -12.11 -10.63 8.27
C ALA A 119 -13.42 -10.03 7.73
N PHE A 120 -14.21 -10.82 6.95
CA PHE A 120 -15.47 -10.39 6.33
C PHE A 120 -16.55 -9.94 7.33
N PHE A 121 -16.58 -10.57 8.51
CA PHE A 121 -17.58 -10.33 9.54
C PHE A 121 -17.49 -8.97 10.24
N TRP A 122 -16.31 -8.32 10.24
CA TRP A 122 -16.09 -7.03 10.90
C TRP A 122 -17.01 -5.92 10.39
N GLU A 123 -17.15 -5.77 9.05
CA GLU A 123 -18.00 -4.75 8.41
C GLU A 123 -19.47 -5.05 8.68
N GLU A 124 -19.85 -6.32 8.59
CA GLU A 124 -21.21 -6.82 8.85
C GLU A 124 -21.59 -6.53 10.31
N ARG A 125 -20.64 -6.71 11.25
CA ARG A 125 -20.81 -6.44 12.68
C ARG A 125 -21.02 -4.95 12.94
N ASP A 126 -20.26 -4.08 12.25
CA ASP A 126 -20.39 -2.63 12.41
C ASP A 126 -21.68 -2.09 11.79
N ILE A 127 -21.98 -2.52 10.54
CA ILE A 127 -23.17 -2.09 9.79
C ILE A 127 -24.45 -2.44 10.54
N MET A 128 -24.64 -3.73 10.86
CA MET A 128 -25.83 -4.17 11.57
C MET A 128 -26.01 -3.54 12.96
N ALA A 129 -24.91 -3.37 13.73
CA ALA A 129 -24.97 -2.80 15.07
C ALA A 129 -25.14 -1.28 15.12
N PHE A 130 -24.52 -0.54 14.19
CA PHE A 130 -24.56 0.91 14.22
C PHE A 130 -25.23 1.60 13.00
N ALA A 131 -26.03 0.86 12.19
CA ALA A 131 -26.73 1.41 11.03
C ALA A 131 -27.76 2.48 11.41
N ASN A 132 -28.62 2.17 12.42
CA ASN A 132 -29.70 3.02 12.91
C ASN A 132 -30.66 3.41 11.77
N SER A 133 -30.94 2.43 10.88
CA SER A 133 -31.80 2.57 9.71
C SER A 133 -32.84 1.42 9.67
N PRO A 134 -34.10 1.69 9.24
CA PRO A 134 -35.09 0.60 9.15
C PRO A 134 -34.80 -0.37 8.00
N TRP A 135 -33.89 0.05 7.08
CA TRP A 135 -33.45 -0.67 5.89
C TRP A 135 -32.41 -1.75 6.20
N VAL A 136 -31.91 -1.81 7.44
CA VAL A 136 -30.89 -2.78 7.88
C VAL A 136 -31.40 -3.59 9.07
N VAL A 137 -31.22 -4.93 9.00
CA VAL A 137 -31.58 -5.88 10.06
C VAL A 137 -30.66 -5.56 11.25
N GLN A 138 -31.26 -5.26 12.41
CA GLN A 138 -30.54 -4.89 13.63
C GLN A 138 -29.82 -6.05 14.30
N LEU A 139 -28.61 -5.78 14.85
CA LEU A 139 -27.81 -6.73 15.61
C LEU A 139 -27.91 -6.32 17.07
N PHE A 140 -28.47 -7.19 17.92
CA PHE A 140 -28.64 -6.92 19.34
C PHE A 140 -27.45 -7.37 20.16
N TYR A 141 -26.97 -8.61 19.92
CA TYR A 141 -25.82 -9.18 20.63
C TYR A 141 -24.93 -9.96 19.70
N ALA A 142 -23.62 -9.89 19.95
CA ALA A 142 -22.60 -10.62 19.21
C ALA A 142 -21.67 -11.27 20.25
N PHE A 143 -21.56 -12.60 20.20
CA PHE A 143 -20.72 -13.38 21.12
C PHE A 143 -19.98 -14.52 20.40
N GLN A 144 -19.11 -15.25 21.12
CA GLN A 144 -18.30 -16.33 20.54
C GLN A 144 -17.85 -17.37 21.55
N ASP A 145 -17.40 -18.51 21.03
CA ASP A 145 -16.81 -19.64 21.75
C ASP A 145 -15.72 -20.24 20.86
N ASP A 146 -14.94 -21.22 21.38
CA ASP A 146 -13.84 -21.88 20.65
C ASP A 146 -14.22 -22.40 19.25
N ARG A 147 -15.52 -22.65 19.02
CA ARG A 147 -16.00 -23.22 17.77
C ARG A 147 -16.68 -22.23 16.82
N TYR A 148 -17.55 -21.35 17.32
CA TYR A 148 -18.30 -20.42 16.46
C TYR A 148 -18.34 -18.96 16.89
N LEU A 149 -18.81 -18.12 15.95
CA LEU A 149 -19.13 -16.70 16.12
C LEU A 149 -20.67 -16.67 16.08
N TYR A 150 -21.29 -15.91 16.97
CA TYR A 150 -22.74 -15.83 17.04
C TYR A 150 -23.23 -14.40 16.85
N MET A 151 -24.31 -14.24 16.08
CA MET A 151 -24.91 -12.95 15.81
C MET A 151 -26.41 -12.98 16.08
N VAL A 152 -26.80 -12.53 17.29
CA VAL A 152 -28.19 -12.48 17.74
C VAL A 152 -28.82 -11.22 17.12
N MET A 153 -29.64 -11.44 16.08
CA MET A 153 -30.26 -10.37 15.29
C MET A 153 -31.79 -10.36 15.36
N GLU A 154 -32.39 -9.33 14.71
CA GLU A 154 -33.81 -9.07 14.53
C GLU A 154 -34.39 -10.18 13.64
N TYR A 155 -35.47 -10.83 14.08
CA TYR A 155 -36.08 -11.90 13.28
C TYR A 155 -37.05 -11.32 12.25
N MET A 156 -36.94 -11.81 11.00
CA MET A 156 -37.75 -11.39 9.86
C MET A 156 -38.84 -12.45 9.58
N PRO A 157 -40.08 -12.28 10.11
CA PRO A 157 -41.10 -13.32 9.92
C PRO A 157 -41.71 -13.41 8.53
N GLY A 158 -41.56 -12.35 7.74
CA GLY A 158 -42.06 -12.28 6.37
C GLY A 158 -41.29 -13.13 5.37
N GLY A 159 -40.06 -13.50 5.75
CA GLY A 159 -39.17 -14.33 4.93
C GLY A 159 -38.42 -13.58 3.85
N ASP A 160 -37.58 -14.33 3.11
CA ASP A 160 -36.76 -13.83 2.00
C ASP A 160 -37.59 -13.59 0.73
N LEU A 161 -37.06 -12.80 -0.21
CA LEU A 161 -37.74 -12.50 -1.47
C LEU A 161 -37.70 -13.64 -2.49
N VAL A 162 -36.73 -14.56 -2.36
CA VAL A 162 -36.64 -15.71 -3.28
C VAL A 162 -37.80 -16.69 -2.95
N ASN A 163 -38.33 -16.59 -1.72
CA ASN A 163 -39.47 -17.35 -1.21
C ASN A 163 -40.78 -16.71 -1.69
N LEU A 164 -40.76 -15.39 -1.93
CA LEU A 164 -41.90 -14.60 -2.39
C LEU A 164 -42.16 -14.83 -3.87
N MET A 165 -41.14 -14.71 -4.74
CA MET A 165 -41.35 -14.93 -6.18
C MET A 165 -41.65 -16.40 -6.51
N SER A 166 -41.20 -17.34 -5.65
CA SER A 166 -41.50 -18.77 -5.82
C SER A 166 -42.94 -19.10 -5.42
N ASN A 167 -43.47 -18.39 -4.39
CA ASN A 167 -44.83 -18.58 -3.86
C ASN A 167 -45.90 -17.65 -4.45
N TYR A 168 -45.49 -16.64 -5.24
CA TYR A 168 -46.42 -15.68 -5.86
C TYR A 168 -46.00 -15.34 -7.29
N ASP A 169 -46.99 -15.14 -8.17
CA ASP A 169 -46.77 -14.71 -9.56
C ASP A 169 -46.77 -13.16 -9.46
N VAL A 170 -45.59 -12.60 -9.19
CA VAL A 170 -45.33 -11.17 -8.93
C VAL A 170 -45.73 -10.26 -10.11
N PRO A 171 -46.77 -9.40 -9.92
CA PRO A 171 -47.14 -8.44 -10.98
C PRO A 171 -46.22 -7.21 -10.96
N GLU A 172 -46.36 -6.31 -11.95
CA GLU A 172 -45.54 -5.11 -12.08
C GLU A 172 -45.72 -4.13 -10.90
N LYS A 173 -46.95 -4.03 -10.36
CA LYS A 173 -47.31 -3.17 -9.22
C LYS A 173 -46.45 -3.52 -7.99
N TRP A 174 -46.27 -4.83 -7.73
CA TRP A 174 -45.47 -5.36 -6.61
C TRP A 174 -43.99 -5.14 -6.89
N ALA A 175 -43.54 -5.45 -8.13
CA ALA A 175 -42.16 -5.31 -8.60
C ALA A 175 -41.69 -3.87 -8.46
N ARG A 176 -42.59 -2.89 -8.74
CA ARG A 176 -42.34 -1.46 -8.62
C ARG A 176 -42.02 -1.10 -7.17
N PHE A 177 -42.78 -1.66 -6.22
CA PHE A 177 -42.62 -1.41 -4.78
C PHE A 177 -41.29 -1.94 -4.24
N TYR A 178 -41.03 -3.26 -4.37
CA TYR A 178 -39.84 -3.93 -3.85
C TYR A 178 -38.53 -3.41 -4.46
N THR A 179 -38.55 -2.99 -5.75
CA THR A 179 -37.36 -2.44 -6.41
C THR A 179 -37.01 -1.08 -5.78
N ALA A 180 -38.03 -0.22 -5.56
CA ALA A 180 -37.89 1.10 -4.95
C ALA A 180 -37.39 1.02 -3.52
N GLU A 181 -37.77 -0.05 -2.78
CA GLU A 181 -37.31 -0.30 -1.40
C GLU A 181 -35.82 -0.64 -1.40
N VAL A 182 -35.36 -1.50 -2.36
CA VAL A 182 -33.97 -1.90 -2.54
C VAL A 182 -33.12 -0.67 -2.88
N VAL A 183 -33.65 0.21 -3.76
CA VAL A 183 -33.00 1.47 -4.17
C VAL A 183 -32.77 2.35 -2.94
N LEU A 184 -33.81 2.55 -2.12
CA LEU A 184 -33.73 3.34 -0.88
C LEU A 184 -32.82 2.69 0.15
N ALA A 185 -32.83 1.34 0.23
CA ALA A 185 -32.00 0.58 1.16
C ALA A 185 -30.52 0.67 0.80
N LEU A 186 -30.19 0.53 -0.49
CA LEU A 186 -28.81 0.61 -0.98
C LEU A 186 -28.23 2.01 -0.81
N ASP A 187 -29.07 3.05 -0.99
CA ASP A 187 -28.68 4.44 -0.82
C ASP A 187 -28.28 4.71 0.64
N ALA A 188 -28.95 4.03 1.60
CA ALA A 188 -28.67 4.13 3.03
C ALA A 188 -27.30 3.51 3.34
N ILE A 189 -26.95 2.39 2.65
CA ILE A 189 -25.68 1.70 2.79
C ILE A 189 -24.56 2.52 2.15
N HIS A 190 -24.84 3.17 1.00
CA HIS A 190 -23.89 4.05 0.29
C HIS A 190 -23.60 5.33 1.13
N SER A 191 -24.61 5.79 1.92
CA SER A 191 -24.54 6.96 2.81
C SER A 191 -23.54 6.72 3.95
N MET A 192 -23.41 5.45 4.39
CA MET A 192 -22.47 5.04 5.43
C MET A 192 -21.07 4.86 4.82
N GLY A 193 -21.00 4.98 3.49
CA GLY A 193 -19.78 4.86 2.70
C GLY A 193 -19.42 3.41 2.41
N PHE A 194 -20.42 2.60 2.04
CA PHE A 194 -20.25 1.17 1.75
C PHE A 194 -20.83 0.74 0.42
N ILE A 195 -20.15 -0.18 -0.26
CA ILE A 195 -20.62 -0.81 -1.50
C ILE A 195 -21.00 -2.21 -1.02
N HIS A 196 -22.24 -2.63 -1.28
CA HIS A 196 -22.73 -3.93 -0.84
C HIS A 196 -22.02 -5.12 -1.52
N ARG A 197 -21.74 -4.99 -2.84
CA ARG A 197 -21.09 -5.98 -3.71
C ARG A 197 -21.82 -7.35 -3.78
N ASP A 198 -23.01 -7.48 -3.13
CA ASP A 198 -23.80 -8.71 -3.13
C ASP A 198 -25.31 -8.46 -2.99
N VAL A 199 -25.89 -7.70 -3.91
CA VAL A 199 -27.33 -7.43 -3.87
C VAL A 199 -28.06 -8.60 -4.55
N LYS A 200 -28.80 -9.41 -3.75
CA LYS A 200 -29.55 -10.56 -4.26
C LYS A 200 -30.85 -10.80 -3.45
N PRO A 201 -31.93 -11.38 -4.04
CA PRO A 201 -33.17 -11.60 -3.27
C PRO A 201 -33.02 -12.46 -2.01
N ASP A 202 -31.94 -13.26 -1.92
CA ASP A 202 -31.65 -14.12 -0.77
C ASP A 202 -31.26 -13.26 0.45
N ASN A 203 -30.59 -12.12 0.22
CA ASN A 203 -30.18 -11.19 1.27
C ASN A 203 -31.28 -10.21 1.67
N MET A 204 -32.32 -10.04 0.81
CA MET A 204 -33.46 -9.14 1.06
C MET A 204 -34.51 -9.88 1.90
N LEU A 205 -34.78 -9.38 3.11
CA LEU A 205 -35.75 -10.01 4.01
C LEU A 205 -36.89 -9.07 4.37
N LEU A 206 -38.07 -9.65 4.69
CA LEU A 206 -39.27 -8.88 5.04
C LEU A 206 -39.66 -9.02 6.51
N ASP A 207 -40.07 -7.89 7.14
CA ASP A 207 -40.49 -7.84 8.55
C ASP A 207 -41.96 -8.25 8.73
N LYS A 208 -42.53 -8.02 9.94
CA LYS A 208 -43.92 -8.34 10.27
C LYS A 208 -44.95 -7.57 9.44
N SER A 209 -44.56 -6.39 8.91
CA SER A 209 -45.41 -5.53 8.08
C SER A 209 -45.31 -5.81 6.57
N GLY A 210 -44.28 -6.56 6.18
CA GLY A 210 -44.03 -6.92 4.79
C GLY A 210 -43.09 -5.97 4.06
N HIS A 211 -42.30 -5.19 4.82
CA HIS A 211 -41.33 -4.22 4.28
C HIS A 211 -39.91 -4.77 4.22
N LEU A 212 -39.21 -4.45 3.13
CA LEU A 212 -37.85 -4.90 2.83
C LEU A 212 -36.78 -4.24 3.71
N LYS A 213 -35.75 -5.04 4.03
CA LYS A 213 -34.54 -4.66 4.76
C LYS A 213 -33.41 -5.67 4.51
N LEU A 214 -32.22 -5.16 4.11
CA LEU A 214 -31.04 -5.97 3.78
C LEU A 214 -30.43 -6.67 5.00
N ALA A 215 -29.85 -7.87 4.79
CA ALA A 215 -29.33 -8.65 5.90
C ALA A 215 -27.86 -9.13 5.77
N ASP A 216 -27.39 -9.62 4.60
CA ASP A 216 -25.99 -10.07 4.56
C ASP A 216 -25.05 -8.96 4.11
N PHE A 217 -24.31 -8.40 5.06
CA PHE A 217 -23.34 -7.32 4.85
C PHE A 217 -21.88 -7.84 4.93
N GLY A 218 -21.70 -9.14 4.68
CA GLY A 218 -20.40 -9.81 4.73
C GLY A 218 -19.54 -9.61 3.49
N THR A 219 -20.08 -8.92 2.48
CA THR A 219 -19.43 -8.62 1.19
C THR A 219 -19.21 -7.09 1.05
N CYS A 220 -19.62 -6.30 2.07
CA CYS A 220 -19.50 -4.85 2.09
C CYS A 220 -18.07 -4.37 2.21
N MET A 221 -17.76 -3.26 1.53
CA MET A 221 -16.44 -2.62 1.56
C MET A 221 -16.57 -1.12 1.72
N LYS A 222 -15.71 -0.52 2.58
CA LYS A 222 -15.74 0.92 2.79
C LYS A 222 -15.14 1.67 1.61
N MET A 223 -15.97 2.52 0.98
CA MET A 223 -15.68 3.37 -0.16
C MET A 223 -14.68 4.46 0.23
N ASN A 224 -13.76 4.85 -0.68
CA ASN A 224 -12.79 5.91 -0.42
C ASN A 224 -13.42 7.29 -0.64
N LYS A 225 -12.64 8.37 -0.45
CA LYS A 225 -13.10 9.75 -0.59
C LYS A 225 -13.71 10.08 -1.97
N GLU A 226 -13.32 9.33 -3.03
CA GLU A 226 -13.83 9.50 -4.40
C GLU A 226 -15.01 8.58 -4.70
N GLY A 227 -15.39 7.76 -3.72
CA GLY A 227 -16.50 6.83 -3.82
C GLY A 227 -16.16 5.56 -4.57
N MET A 228 -14.86 5.25 -4.64
CA MET A 228 -14.33 4.09 -5.36
C MET A 228 -13.77 3.05 -4.41
N VAL A 229 -13.37 1.90 -4.96
CA VAL A 229 -12.77 0.79 -4.23
C VAL A 229 -11.81 0.03 -5.14
N ARG A 230 -10.71 -0.49 -4.56
CA ARG A 230 -9.72 -1.29 -5.27
C ARG A 230 -9.78 -2.71 -4.73
N CYS A 231 -10.06 -3.69 -5.62
CA CYS A 231 -10.14 -5.09 -5.24
C CYS A 231 -9.52 -6.03 -6.28
N ASP A 232 -8.57 -6.87 -5.83
CA ASP A 232 -7.87 -7.85 -6.65
C ASP A 232 -8.68 -9.16 -6.77
N THR A 233 -9.83 -9.26 -6.06
CA THR A 233 -10.71 -10.42 -6.06
C THR A 233 -12.18 -10.10 -6.32
N ALA A 234 -12.78 -10.89 -7.21
CA ALA A 234 -14.18 -10.79 -7.60
C ALA A 234 -15.06 -11.35 -6.47
N VAL A 235 -16.10 -10.59 -6.04
CA VAL A 235 -17.00 -11.03 -4.97
C VAL A 235 -18.47 -10.80 -5.30
N GLY A 236 -19.31 -11.75 -4.94
CA GLY A 236 -20.75 -11.70 -5.16
C GLY A 236 -21.36 -13.06 -5.44
N THR A 237 -22.42 -13.07 -6.27
CA THR A 237 -23.13 -14.30 -6.67
C THR A 237 -22.99 -14.45 -8.19
N PRO A 238 -22.65 -15.66 -8.71
CA PRO A 238 -22.42 -15.82 -10.17
C PRO A 238 -23.46 -15.21 -11.11
N ASP A 239 -24.74 -15.19 -10.73
CA ASP A 239 -25.78 -14.63 -11.59
C ASP A 239 -26.01 -13.12 -11.40
N TYR A 240 -25.83 -12.60 -10.18
CA TYR A 240 -26.08 -11.19 -9.85
C TYR A 240 -24.86 -10.28 -10.00
N ILE A 241 -23.66 -10.89 -10.19
CA ILE A 241 -22.36 -10.21 -10.35
C ILE A 241 -22.36 -9.26 -11.58
N SER A 242 -21.62 -8.14 -11.45
CA SER A 242 -21.44 -7.09 -12.45
C SER A 242 -20.20 -7.36 -13.33
N PRO A 243 -20.18 -6.97 -14.63
CA PRO A 243 -18.99 -7.26 -15.47
C PRO A 243 -17.68 -6.60 -15.05
N GLU A 244 -17.72 -5.39 -14.44
CA GLU A 244 -16.49 -4.72 -13.99
C GLU A 244 -15.91 -5.35 -12.73
N VAL A 245 -16.78 -5.93 -11.90
CA VAL A 245 -16.40 -6.59 -10.65
C VAL A 245 -16.19 -8.08 -10.84
N LEU A 246 -16.59 -8.62 -12.01
CA LEU A 246 -16.43 -10.02 -12.37
C LEU A 246 -15.01 -10.26 -12.82
N LYS A 247 -14.47 -9.37 -13.67
CA LYS A 247 -13.10 -9.47 -14.18
C LYS A 247 -12.05 -8.88 -13.24
N SER A 248 -12.48 -8.24 -12.11
CA SER A 248 -11.61 -7.60 -11.13
C SER A 248 -10.49 -8.53 -10.65
N GLN A 249 -9.26 -8.27 -11.16
CA GLN A 249 -8.05 -9.03 -10.87
C GLN A 249 -6.93 -8.11 -10.35
N GLY A 250 -5.71 -8.65 -10.23
CA GLY A 250 -4.54 -7.90 -9.77
C GLY A 250 -4.08 -6.92 -10.82
N GLY A 251 -4.25 -5.64 -10.49
CA GLY A 251 -3.94 -4.50 -11.36
C GLY A 251 -5.20 -3.81 -11.85
N ASP A 252 -6.12 -4.58 -12.44
CA ASP A 252 -7.40 -4.09 -12.95
C ASP A 252 -8.55 -4.53 -12.02
N GLY A 253 -8.81 -3.74 -10.98
CA GLY A 253 -9.86 -4.01 -10.01
C GLY A 253 -10.43 -2.76 -9.36
N TYR A 254 -10.59 -1.70 -10.15
CA TYR A 254 -11.06 -0.37 -9.73
C TYR A 254 -12.54 -0.14 -10.10
N TYR A 255 -13.43 0.05 -9.09
CA TYR A 255 -14.88 0.27 -9.27
C TYR A 255 -15.57 1.00 -8.10
N GLY A 256 -16.67 1.69 -8.42
CA GLY A 256 -17.49 2.44 -7.48
C GLY A 256 -18.77 1.74 -7.05
N ARG A 257 -19.81 2.52 -6.72
CA ARG A 257 -21.09 1.97 -6.26
C ARG A 257 -22.03 1.55 -7.40
N GLU A 258 -21.66 1.86 -8.66
CA GLU A 258 -22.44 1.55 -9.87
C GLU A 258 -22.69 0.05 -10.04
N CYS A 259 -21.77 -0.80 -9.52
CA CYS A 259 -21.87 -2.26 -9.59
C CYS A 259 -23.08 -2.81 -8.84
N ASP A 260 -23.54 -2.08 -7.78
CA ASP A 260 -24.70 -2.42 -6.97
C ASP A 260 -26.01 -2.14 -7.73
N TRP A 261 -25.98 -1.20 -8.70
CA TRP A 261 -27.15 -0.87 -9.54
C TRP A 261 -27.39 -1.92 -10.61
N TRP A 262 -26.31 -2.63 -11.03
CA TRP A 262 -26.36 -3.71 -12.01
C TRP A 262 -27.25 -4.82 -11.43
N SER A 263 -26.98 -5.19 -10.17
CA SER A 263 -27.68 -6.23 -9.41
C SER A 263 -29.16 -5.91 -9.15
N VAL A 264 -29.55 -4.62 -9.21
CA VAL A 264 -30.94 -4.17 -9.05
C VAL A 264 -31.70 -4.55 -10.35
N GLY A 265 -31.05 -4.33 -11.50
CA GLY A 265 -31.58 -4.67 -12.81
C GLY A 265 -31.80 -6.16 -12.98
N VAL A 266 -30.82 -6.96 -12.49
CA VAL A 266 -30.85 -8.43 -12.51
C VAL A 266 -32.04 -8.89 -11.66
N PHE A 267 -32.20 -8.26 -10.47
CA PHE A 267 -33.27 -8.52 -9.53
C PHE A 267 -34.66 -8.22 -10.11
N LEU A 268 -34.81 -7.04 -10.76
CA LEU A 268 -36.07 -6.63 -11.38
C LEU A 268 -36.45 -7.57 -12.54
N TYR A 269 -35.44 -8.06 -13.29
CA TYR A 269 -35.64 -9.00 -14.40
C TYR A 269 -36.23 -10.30 -13.88
N GLU A 270 -35.59 -10.91 -12.86
CA GLU A 270 -36.07 -12.18 -12.26
C GLU A 270 -37.45 -12.02 -11.61
N MET A 271 -37.74 -10.82 -11.09
CA MET A 271 -39.00 -10.44 -10.45
C MET A 271 -40.18 -10.48 -11.44
N LEU A 272 -39.92 -10.14 -12.71
CA LEU A 272 -40.94 -10.05 -13.76
C LEU A 272 -40.93 -11.21 -14.76
N VAL A 273 -39.73 -11.72 -15.11
CA VAL A 273 -39.55 -12.79 -16.10
C VAL A 273 -39.62 -14.20 -15.46
N GLY A 274 -39.10 -14.35 -14.25
CA GLY A 274 -39.13 -15.62 -13.52
C GLY A 274 -37.78 -16.29 -13.37
N ASP A 275 -36.85 -15.95 -14.29
CA ASP A 275 -35.49 -16.47 -14.32
C ASP A 275 -34.47 -15.34 -14.36
N THR A 276 -33.21 -15.61 -13.97
CA THR A 276 -32.12 -14.63 -14.01
C THR A 276 -31.76 -14.33 -15.48
N PRO A 277 -31.41 -13.07 -15.84
CA PRO A 277 -31.14 -12.75 -17.26
C PRO A 277 -29.96 -13.48 -17.91
N PHE A 278 -28.92 -13.79 -17.13
CA PHE A 278 -27.72 -14.44 -17.65
C PHE A 278 -27.57 -15.90 -17.19
N TYR A 279 -28.71 -16.60 -16.96
CA TYR A 279 -28.71 -18.01 -16.54
C TYR A 279 -28.18 -18.95 -17.62
N ALA A 280 -27.33 -19.88 -17.19
CA ALA A 280 -26.74 -20.94 -18.00
C ALA A 280 -26.65 -22.21 -17.16
N ASP A 281 -26.77 -23.37 -17.83
CA ASP A 281 -26.75 -24.69 -17.18
C ASP A 281 -25.38 -25.04 -16.57
N SER A 282 -24.31 -24.34 -17.02
CA SER A 282 -22.94 -24.44 -16.53
C SER A 282 -22.56 -23.06 -15.99
N LEU A 283 -21.84 -23.00 -14.86
CA LEU A 283 -21.42 -21.74 -14.21
C LEU A 283 -20.51 -20.86 -15.10
N VAL A 284 -19.67 -21.45 -15.98
CA VAL A 284 -18.79 -20.69 -16.88
C VAL A 284 -19.61 -20.01 -17.99
N GLY A 285 -20.73 -20.65 -18.39
CA GLY A 285 -21.62 -20.10 -19.40
C GLY A 285 -22.22 -18.77 -18.98
N THR A 286 -22.52 -18.62 -17.66
CA THR A 286 -23.06 -17.40 -17.03
C THR A 286 -22.04 -16.28 -17.13
N TYR A 287 -20.76 -16.59 -16.84
CA TYR A 287 -19.60 -15.69 -16.90
C TYR A 287 -19.49 -15.01 -18.27
N SER A 288 -19.57 -15.81 -19.35
CA SER A 288 -19.47 -15.37 -20.73
C SER A 288 -20.66 -14.52 -21.15
N LYS A 289 -21.86 -14.82 -20.62
CA LYS A 289 -23.09 -14.10 -20.93
C LYS A 289 -23.09 -12.68 -20.34
N ILE A 290 -22.52 -12.51 -19.12
CA ILE A 290 -22.43 -11.22 -18.42
C ILE A 290 -21.52 -10.26 -19.19
N MET A 291 -20.33 -10.74 -19.62
CA MET A 291 -19.34 -9.95 -20.38
C MET A 291 -19.90 -9.58 -21.77
N ASN A 292 -20.83 -10.40 -22.30
CA ASN A 292 -21.49 -10.20 -23.59
C ASN A 292 -22.95 -9.77 -23.43
N HIS A 293 -23.25 -8.96 -22.38
CA HIS A 293 -24.59 -8.45 -22.07
C HIS A 293 -25.24 -7.65 -23.21
N LYS A 294 -24.41 -7.06 -24.09
CA LYS A 294 -24.84 -6.28 -25.26
C LYS A 294 -25.59 -7.15 -26.27
N ASN A 295 -25.30 -8.47 -26.31
CA ASN A 295 -25.91 -9.43 -27.23
C ASN A 295 -26.65 -10.58 -26.51
N SER A 296 -26.33 -10.81 -25.21
CA SER A 296 -26.90 -11.87 -24.36
C SER A 296 -28.25 -11.53 -23.73
N LEU A 297 -28.47 -10.24 -23.40
CA LEU A 297 -29.72 -9.80 -22.76
C LEU A 297 -30.86 -9.76 -23.77
N THR A 298 -31.81 -10.70 -23.61
CA THR A 298 -33.00 -10.85 -24.44
C THR A 298 -34.22 -11.08 -23.58
N PHE A 299 -35.33 -10.41 -23.93
CA PHE A 299 -36.60 -10.54 -23.21
C PHE A 299 -37.50 -11.58 -23.91
N PRO A 300 -38.30 -12.38 -23.16
CA PRO A 300 -39.19 -13.36 -23.83
C PRO A 300 -40.25 -12.72 -24.73
N ASP A 301 -40.67 -13.45 -25.80
CA ASP A 301 -41.67 -13.02 -26.79
C ASP A 301 -43.04 -12.65 -26.19
N ASP A 302 -43.49 -13.43 -25.19
CA ASP A 302 -44.74 -13.19 -24.46
C ASP A 302 -44.42 -12.21 -23.32
N ASN A 303 -45.05 -11.02 -23.31
CA ASN A 303 -44.75 -10.02 -22.27
C ASN A 303 -45.96 -9.49 -21.50
N ASP A 304 -45.80 -9.53 -20.17
CA ASP A 304 -46.70 -8.99 -19.15
C ASP A 304 -46.10 -7.65 -18.69
N ILE A 305 -44.80 -7.46 -19.02
CA ILE A 305 -43.91 -6.34 -18.66
C ILE A 305 -44.02 -5.13 -19.59
N SER A 306 -43.95 -3.92 -19.00
CA SER A 306 -44.04 -2.63 -19.67
C SER A 306 -42.78 -2.21 -20.43
N LYS A 307 -42.92 -1.13 -21.22
CA LYS A 307 -41.86 -0.50 -21.99
C LYS A 307 -40.87 0.18 -21.04
N GLU A 308 -41.38 0.83 -19.97
CA GLU A 308 -40.56 1.54 -19.00
C GLU A 308 -39.78 0.60 -18.08
N ALA A 309 -40.30 -0.62 -17.86
CA ALA A 309 -39.66 -1.67 -17.08
C ALA A 309 -38.49 -2.24 -17.91
N LYS A 310 -38.69 -2.37 -19.25
CA LYS A 310 -37.67 -2.83 -20.18
C LYS A 310 -36.55 -1.80 -20.25
N ASN A 311 -36.91 -0.49 -20.26
CA ASN A 311 -35.96 0.63 -20.29
C ASN A 311 -35.11 0.65 -19.03
N LEU A 312 -35.75 0.50 -17.85
CA LEU A 312 -35.11 0.49 -16.53
C LEU A 312 -34.15 -0.69 -16.35
N ILE A 313 -34.49 -1.86 -16.93
CA ILE A 313 -33.63 -3.06 -16.88
C ILE A 313 -32.37 -2.78 -17.72
N CYS A 314 -32.56 -2.36 -18.99
CA CYS A 314 -31.49 -2.05 -19.94
C CYS A 314 -30.63 -0.87 -19.50
N ALA A 315 -31.19 0.09 -18.73
CA ALA A 315 -30.46 1.24 -18.19
C ALA A 315 -29.44 0.78 -17.14
N PHE A 316 -29.80 -0.29 -16.40
CA PHE A 316 -28.98 -0.89 -15.36
C PHE A 316 -28.03 -1.96 -15.92
N LEU A 317 -28.50 -2.75 -16.91
CA LEU A 317 -27.73 -3.83 -17.54
C LEU A 317 -26.91 -3.36 -18.73
N THR A 318 -26.01 -2.41 -18.49
CA THR A 318 -25.08 -1.85 -19.48
C THR A 318 -23.71 -1.62 -18.85
N ASP A 319 -22.78 -1.11 -19.66
CA ASP A 319 -21.42 -0.81 -19.24
C ASP A 319 -21.48 0.25 -18.15
N ARG A 320 -20.58 0.16 -17.17
CA ARG A 320 -20.49 1.06 -16.03
C ARG A 320 -20.59 2.55 -16.39
N GLU A 321 -19.87 2.97 -17.44
CA GLU A 321 -19.80 4.35 -17.92
C GLU A 321 -21.12 4.89 -18.49
N VAL A 322 -22.06 4.01 -18.86
CA VAL A 322 -23.37 4.38 -19.43
C VAL A 322 -24.55 3.90 -18.55
N ARG A 323 -24.25 3.20 -17.44
CA ARG A 323 -25.21 2.65 -16.47
C ARG A 323 -25.97 3.73 -15.71
N LEU A 324 -27.24 3.47 -15.38
CA LEU A 324 -28.09 4.39 -14.61
C LEU A 324 -27.62 4.48 -13.16
N GLY A 325 -27.70 5.68 -12.60
CA GLY A 325 -27.27 5.95 -11.23
C GLY A 325 -25.83 6.39 -11.11
N ARG A 326 -25.11 6.52 -12.26
CA ARG A 326 -23.72 6.95 -12.32
C ARG A 326 -23.56 8.43 -11.87
N ASN A 327 -24.67 9.18 -11.93
CA ASN A 327 -24.74 10.58 -11.52
C ASN A 327 -25.86 10.77 -10.48
N GLY A 328 -25.67 10.14 -9.33
CA GLY A 328 -26.58 10.22 -8.20
C GLY A 328 -27.75 9.25 -8.23
N VAL A 329 -28.36 9.05 -7.04
CA VAL A 329 -29.50 8.16 -6.80
C VAL A 329 -30.80 8.77 -7.34
N GLU A 330 -30.87 10.12 -7.38
CA GLU A 330 -32.05 10.85 -7.86
C GLU A 330 -32.31 10.58 -9.34
N GLU A 331 -31.26 10.22 -10.11
CA GLU A 331 -31.30 9.85 -11.53
C GLU A 331 -32.21 8.62 -11.71
N ILE A 332 -32.08 7.63 -10.79
CA ILE A 332 -32.85 6.38 -10.75
C ILE A 332 -34.30 6.69 -10.36
N LYS A 333 -34.47 7.49 -9.28
CA LYS A 333 -35.77 7.92 -8.75
C LYS A 333 -36.61 8.61 -9.83
N ARG A 334 -35.94 9.36 -10.72
CA ARG A 334 -36.55 10.10 -11.82
C ARG A 334 -37.11 9.22 -12.94
N HIS A 335 -36.65 7.95 -13.07
CA HIS A 335 -37.10 7.02 -14.12
C HIS A 335 -38.61 6.86 -14.15
N LEU A 336 -39.16 6.77 -15.38
CA LEU A 336 -40.60 6.66 -15.68
C LEU A 336 -41.28 5.42 -15.11
N PHE A 337 -40.52 4.34 -14.86
CA PHE A 337 -41.04 3.09 -14.28
C PHE A 337 -41.55 3.28 -12.84
N PHE A 338 -40.93 4.18 -12.06
CA PHE A 338 -41.30 4.43 -10.68
C PHE A 338 -42.46 5.43 -10.51
N LYS A 339 -42.87 6.10 -11.61
CA LYS A 339 -43.97 7.06 -11.59
C LYS A 339 -45.30 6.31 -11.40
N ASN A 340 -45.91 6.48 -10.21
CA ASN A 340 -47.15 5.82 -9.81
C ASN A 340 -48.06 6.71 -8.94
N ASP A 341 -49.26 6.21 -8.64
CA ASP A 341 -50.31 6.86 -7.86
C ASP A 341 -50.40 6.35 -6.40
N GLN A 342 -49.85 5.16 -6.14
CA GLN A 342 -49.89 4.47 -4.85
C GLN A 342 -49.03 5.10 -3.73
N TRP A 343 -47.70 5.16 -3.94
CA TRP A 343 -46.73 5.64 -2.94
C TRP A 343 -45.82 6.79 -3.43
N ALA A 344 -45.05 7.36 -2.49
CA ALA A 344 -44.06 8.43 -2.70
C ALA A 344 -42.72 7.95 -2.17
N TRP A 345 -41.60 8.43 -2.74
CA TRP A 345 -40.24 8.04 -2.32
C TRP A 345 -39.97 8.36 -0.85
N GLU A 346 -40.38 9.57 -0.40
CA GLU A 346 -40.14 10.06 0.96
C GLU A 346 -40.92 9.31 2.05
N THR A 347 -42.03 8.65 1.66
CA THR A 347 -42.89 7.92 2.60
C THR A 347 -43.28 6.52 2.04
N LEU A 348 -42.30 5.81 1.45
CA LEU A 348 -42.50 4.49 0.88
C LEU A 348 -42.64 3.38 1.94
N ARG A 349 -41.81 3.40 2.99
CA ARG A 349 -41.84 2.39 4.05
C ARG A 349 -43.05 2.53 4.99
N ASP A 350 -43.76 3.67 4.91
CA ASP A 350 -44.95 3.96 5.71
C ASP A 350 -46.25 3.50 5.04
N THR A 351 -46.21 3.21 3.71
CA THR A 351 -47.37 2.73 2.95
C THR A 351 -47.56 1.23 3.16
N VAL A 352 -48.75 0.69 2.80
CA VAL A 352 -49.05 -0.73 2.96
C VAL A 352 -48.28 -1.56 1.93
N ALA A 353 -47.64 -2.63 2.40
CA ALA A 353 -46.84 -3.56 1.61
C ALA A 353 -47.74 -4.46 0.73
N PRO A 354 -47.27 -4.98 -0.44
CA PRO A 354 -48.14 -5.84 -1.26
C PRO A 354 -48.56 -7.12 -0.56
N VAL A 355 -47.63 -7.75 0.19
CA VAL A 355 -47.88 -8.96 0.96
C VAL A 355 -47.52 -8.67 2.42
N VAL A 356 -48.50 -8.86 3.31
CA VAL A 356 -48.31 -8.67 4.75
C VAL A 356 -48.37 -10.07 5.39
N PRO A 357 -47.30 -10.52 6.11
CA PRO A 357 -47.31 -11.88 6.66
C PRO A 357 -48.36 -12.12 7.75
N ASP A 358 -49.17 -13.18 7.56
CA ASP A 358 -50.21 -13.59 8.50
C ASP A 358 -49.53 -14.49 9.54
N LEU A 359 -49.26 -13.92 10.72
CA LEU A 359 -48.53 -14.60 11.79
C LEU A 359 -49.42 -15.02 12.95
N SER A 360 -49.42 -16.34 13.24
CA SER A 360 -50.22 -16.94 14.31
C SER A 360 -49.52 -16.90 15.67
N SER A 361 -48.18 -17.01 15.67
CA SER A 361 -47.37 -17.01 16.89
C SER A 361 -46.06 -16.24 16.71
N ASP A 362 -45.36 -15.96 17.82
CA ASP A 362 -44.07 -15.25 17.84
C ASP A 362 -42.93 -16.10 17.23
N ILE A 363 -43.17 -17.41 17.04
CA ILE A 363 -42.22 -18.37 16.47
C ILE A 363 -42.77 -19.00 15.15
N ASP A 364 -43.57 -18.22 14.40
CA ASP A 364 -44.15 -18.63 13.12
C ASP A 364 -43.06 -18.67 12.05
N THR A 365 -42.91 -19.83 11.38
CA THR A 365 -41.88 -20.05 10.34
C THR A 365 -42.50 -20.54 9.01
N SER A 366 -43.74 -20.12 8.71
CA SER A 366 -44.47 -20.49 7.49
C SER A 366 -43.81 -19.93 6.21
N ASN A 367 -43.19 -18.75 6.30
CA ASN A 367 -42.52 -18.08 5.18
C ASN A 367 -41.12 -18.64 4.89
N PHE A 368 -40.58 -19.46 5.81
CA PHE A 368 -39.28 -20.11 5.63
C PHE A 368 -39.47 -21.58 5.33
N ASP A 369 -38.92 -22.04 4.20
CA ASP A 369 -39.03 -23.44 3.82
C ASP A 369 -38.04 -24.31 4.59
N ASP A 370 -38.52 -25.50 5.03
CA ASP A 370 -37.81 -26.51 5.83
C ASP A 370 -36.41 -26.85 5.33
N LEU A 371 -35.49 -27.07 6.28
CA LEU A 371 -34.08 -27.42 6.01
C LEU A 371 -33.59 -28.50 6.98
N GLU A 372 -32.65 -29.34 6.52
CA GLU A 372 -32.04 -30.40 7.32
C GLU A 372 -31.23 -29.77 8.47
N GLU A 373 -31.37 -30.32 9.70
CA GLU A 373 -30.71 -29.78 10.89
C GLU A 373 -29.20 -30.04 10.91
N GLY A 376 -25.34 -33.27 8.57
CA GLY A 376 -23.93 -33.37 8.22
C GLY A 376 -22.99 -33.00 9.35
N GLU A 377 -21.91 -33.80 9.51
CA GLU A 377 -20.90 -33.61 10.56
C GLU A 377 -19.75 -32.69 10.12
N GLU A 378 -19.33 -31.79 11.04
CA GLU A 378 -18.26 -30.80 10.81
C GLU A 378 -16.90 -31.20 11.42
N GLU A 379 -15.82 -30.58 10.93
CA GLU A 379 -14.43 -30.78 11.38
C GLU A 379 -14.08 -29.77 12.48
N THR A 380 -13.04 -30.07 13.27
CA THR A 380 -12.55 -29.21 14.36
C THR A 380 -11.02 -29.12 14.30
N PHE A 381 -10.46 -28.01 14.83
CA PHE A 381 -9.02 -27.72 14.87
C PHE A 381 -8.23 -28.84 15.56
N PRO A 382 -7.12 -29.32 14.96
CA PRO A 382 -6.32 -30.36 15.64
C PRO A 382 -5.54 -29.79 16.83
N ILE A 383 -5.13 -30.65 17.75
CA ILE A 383 -4.36 -30.18 18.89
C ILE A 383 -3.04 -29.66 18.35
N PRO A 384 -2.61 -28.49 18.85
CA PRO A 384 -1.34 -27.92 18.37
C PRO A 384 -0.11 -28.42 19.13
N LYS A 385 1.01 -28.57 18.39
CA LYS A 385 2.30 -29.00 18.93
C LYS A 385 3.13 -27.80 19.41
N ALA A 386 2.67 -26.58 19.05
CA ALA A 386 3.24 -25.27 19.39
C ALA A 386 2.16 -24.21 19.20
N PHE A 387 2.36 -22.98 19.75
CA PHE A 387 1.40 -21.87 19.63
C PHE A 387 1.05 -21.52 18.20
N VAL A 388 -0.26 -21.52 17.89
CA VAL A 388 -0.79 -21.20 16.56
C VAL A 388 -1.70 -19.97 16.60
N GLY A 389 -2.41 -19.80 17.71
CA GLY A 389 -3.32 -18.67 17.94
C GLY A 389 -4.48 -18.59 16.99
N ASN A 390 -5.24 -19.70 16.85
CA ASN A 390 -6.41 -19.78 15.96
C ASN A 390 -7.58 -18.90 16.39
N GLN A 391 -7.63 -18.47 17.67
CA GLN A 391 -8.70 -17.64 18.20
C GLN A 391 -8.39 -16.12 18.11
N LEU A 392 -7.14 -15.77 17.77
CA LEU A 392 -6.66 -14.38 17.65
C LEU A 392 -7.40 -13.53 16.58
N PRO A 393 -7.71 -14.01 15.34
CA PRO A 393 -8.42 -13.14 14.38
C PRO A 393 -9.89 -12.84 14.73
N PHE A 394 -10.36 -13.38 15.87
CA PHE A 394 -11.74 -13.22 16.35
C PHE A 394 -11.86 -12.38 17.62
N VAL A 395 -10.71 -11.97 18.21
CA VAL A 395 -10.62 -11.14 19.43
C VAL A 395 -11.22 -9.76 19.14
N GLY A 396 -12.23 -9.39 19.92
CA GLY A 396 -12.89 -8.10 19.78
C GLY A 396 -14.22 -8.12 19.05
N PHE A 397 -14.77 -9.32 18.81
CA PHE A 397 -16.04 -9.52 18.13
C PHE A 397 -17.23 -9.34 19.07
N THR A 398 -17.05 -9.62 20.38
CA THR A 398 -18.11 -9.54 21.39
C THR A 398 -18.69 -8.11 21.51
N TYR A 399 -20.03 -8.00 21.37
CA TYR A 399 -20.82 -6.76 21.44
C TYR A 399 -22.16 -7.02 22.18
N TYR A 400 -22.57 -6.09 23.07
CA TYR A 400 -23.81 -6.20 23.84
C TYR A 400 -24.80 -5.05 23.65
N SER A 401 -24.30 -3.79 23.64
CA SER A 401 -25.04 -2.52 23.55
C SER A 401 -26.35 -2.55 22.76
N MET B 5 -28.98 -17.03 39.04
CA MET B 5 -29.19 -17.12 37.60
C MET B 5 -29.85 -15.85 37.02
N SER B 6 -30.64 -15.99 35.90
CA SER B 6 -31.36 -14.96 35.11
C SER B 6 -30.42 -14.03 34.32
N PHE B 7 -30.92 -13.50 33.18
CA PHE B 7 -30.16 -12.64 32.26
C PHE B 7 -29.65 -11.35 32.91
N GLU B 8 -30.58 -10.54 33.44
CA GLU B 8 -30.38 -9.25 34.10
C GLU B 8 -29.44 -9.29 35.30
N THR B 9 -29.47 -10.39 36.07
CA THR B 9 -28.62 -10.57 37.26
C THR B 9 -27.19 -10.99 36.88
N ARG B 10 -27.03 -11.70 35.73
CA ARG B 10 -25.72 -12.14 35.23
C ARG B 10 -24.88 -10.96 34.76
N PHE B 11 -25.52 -9.90 34.24
CA PHE B 11 -24.89 -8.68 33.76
C PHE B 11 -24.38 -7.82 34.91
N GLU B 12 -25.06 -7.88 36.07
CA GLU B 12 -24.69 -7.14 37.28
C GLU B 12 -23.40 -7.72 37.87
N LYS B 13 -23.35 -9.06 38.04
CA LYS B 13 -22.22 -9.82 38.59
C LYS B 13 -20.98 -9.69 37.70
N MET B 14 -21.17 -9.71 36.36
CA MET B 14 -20.11 -9.56 35.35
C MET B 14 -19.53 -8.15 35.39
N ASP B 15 -20.39 -7.13 35.63
CA ASP B 15 -20.00 -5.74 35.73
C ASP B 15 -19.22 -5.49 37.03
N ASN B 16 -19.51 -6.25 38.12
CA ASN B 16 -18.84 -6.15 39.42
C ASN B 16 -17.37 -6.55 39.29
N LEU B 17 -17.09 -7.73 38.68
CA LEU B 17 -15.76 -8.30 38.42
C LEU B 17 -14.88 -7.38 37.59
N LEU B 18 -15.51 -6.61 36.67
CA LEU B 18 -14.82 -5.66 35.81
C LEU B 18 -14.35 -4.41 36.54
N ARG B 19 -15.13 -3.95 37.54
CA ARG B 19 -14.85 -2.74 38.33
C ARG B 19 -14.05 -3.02 39.59
N ASP B 20 -14.28 -4.18 40.24
CA ASP B 20 -13.63 -4.62 41.48
C ASP B 20 -12.09 -4.53 41.44
N PRO B 21 -11.45 -3.79 42.39
CA PRO B 21 -9.99 -3.67 42.37
C PRO B 21 -9.25 -4.94 42.79
N LYS B 22 -9.91 -5.81 43.60
CA LYS B 22 -9.34 -7.07 44.06
C LYS B 22 -9.49 -8.21 43.04
N SER B 23 -10.34 -7.99 42.00
CA SER B 23 -10.64 -8.96 40.96
C SER B 23 -9.46 -9.25 40.03
N GLU B 24 -9.30 -10.53 39.63
CA GLU B 24 -8.25 -11.00 38.73
C GLU B 24 -8.53 -10.53 37.29
N VAL B 25 -9.81 -10.43 36.92
CA VAL B 25 -10.27 -10.02 35.59
C VAL B 25 -10.79 -8.57 35.59
N ASN B 26 -10.11 -7.71 36.38
CA ASN B 26 -10.38 -6.28 36.53
C ASN B 26 -10.06 -5.55 35.20
N SER B 27 -10.67 -4.37 34.99
CA SER B 27 -10.49 -3.53 33.80
C SER B 27 -9.01 -3.28 33.44
N ASP B 28 -8.20 -2.87 34.44
CA ASP B 28 -6.77 -2.58 34.28
C ASP B 28 -5.92 -3.84 34.09
N CYS B 29 -6.41 -5.00 34.57
CA CYS B 29 -5.75 -6.30 34.45
C CYS B 29 -5.98 -6.91 33.07
N LEU B 30 -7.12 -6.60 32.43
CA LEU B 30 -7.49 -7.10 31.11
C LEU B 30 -6.63 -6.46 30.02
N LEU B 31 -6.25 -5.17 30.22
CA LEU B 31 -5.39 -4.42 29.31
C LEU B 31 -4.00 -5.02 29.31
N ASP B 32 -3.53 -5.49 30.50
CA ASP B 32 -2.23 -6.13 30.68
C ASP B 32 -2.06 -7.33 29.76
N GLY B 33 -3.14 -8.06 29.53
CA GLY B 33 -3.19 -9.22 28.65
C GLY B 33 -2.92 -8.85 27.21
N LEU B 34 -3.64 -7.84 26.70
CA LEU B 34 -3.51 -7.30 25.35
C LEU B 34 -2.12 -6.68 25.15
N ASP B 35 -1.59 -6.01 26.20
CA ASP B 35 -0.28 -5.36 26.23
C ASP B 35 0.86 -6.38 26.16
N ALA B 36 0.79 -7.45 26.98
CA ALA B 36 1.78 -8.53 27.04
C ALA B 36 1.79 -9.32 25.75
N LEU B 37 0.59 -9.53 25.15
CA LEU B 37 0.40 -10.25 23.91
C LEU B 37 1.10 -9.54 22.76
N VAL B 38 0.97 -8.20 22.68
CA VAL B 38 1.64 -7.40 21.64
C VAL B 38 3.16 -7.45 21.84
N TYR B 39 3.64 -7.34 23.10
CA TYR B 39 5.06 -7.42 23.45
C TYR B 39 5.69 -8.75 23.00
N ASP B 40 5.01 -9.87 23.32
CA ASP B 40 5.47 -11.24 23.03
C ASP B 40 5.26 -11.72 21.59
N LEU B 41 4.34 -11.10 20.82
CA LEU B 41 4.08 -11.53 19.45
C LEU B 41 4.78 -10.70 18.37
N ASP B 42 5.09 -9.41 18.63
CA ASP B 42 5.70 -8.54 17.64
C ASP B 42 7.20 -8.82 17.42
N PHE B 43 7.49 -9.86 16.60
CA PHE B 43 8.81 -10.32 16.20
C PHE B 43 8.72 -10.91 14.80
N PRO B 44 9.75 -10.74 13.92
CA PRO B 44 9.64 -11.25 12.53
C PRO B 44 9.34 -12.74 12.37
N ALA B 45 9.99 -13.61 13.18
CA ALA B 45 9.80 -15.06 13.15
C ALA B 45 8.34 -15.44 13.44
N LEU B 46 7.74 -14.79 14.44
CA LEU B 46 6.35 -15.01 14.87
C LEU B 46 5.35 -14.37 13.89
N ARG B 47 5.70 -13.19 13.34
CA ARG B 47 4.85 -12.45 12.39
C ARG B 47 4.68 -13.17 11.04
N LYS B 48 5.35 -14.32 10.84
CA LYS B 48 5.21 -15.17 9.65
C LYS B 48 3.86 -15.91 9.69
N ASN B 49 3.30 -16.08 10.90
CA ASN B 49 2.00 -16.70 11.16
C ASN B 49 0.90 -15.72 10.76
N LYS B 50 0.00 -16.17 9.86
CA LYS B 50 -1.12 -15.36 9.36
C LYS B 50 -2.02 -14.82 10.48
N ASN B 51 -2.21 -15.62 11.55
CA ASN B 51 -3.03 -15.26 12.72
C ASN B 51 -2.36 -14.18 13.58
N ILE B 52 -1.05 -14.31 13.85
CA ILE B 52 -0.27 -13.37 14.65
C ILE B 52 -0.13 -12.01 13.94
N ASP B 53 0.09 -12.05 12.62
CA ASP B 53 0.21 -10.85 11.78
C ASP B 53 -1.09 -10.04 11.73
N ASN B 54 -2.24 -10.73 11.56
CA ASN B 54 -3.56 -10.09 11.50
C ASN B 54 -4.00 -9.50 12.84
N PHE B 55 -3.50 -10.05 13.96
CA PHE B 55 -3.78 -9.54 15.31
C PHE B 55 -3.01 -8.24 15.52
N LEU B 56 -1.68 -8.26 15.28
CA LEU B 56 -0.79 -7.12 15.45
C LEU B 56 -1.16 -5.93 14.57
N SER B 57 -1.51 -6.19 13.28
CA SER B 57 -1.93 -5.15 12.35
C SER B 57 -3.23 -4.46 12.80
N ARG B 58 -4.01 -5.14 13.64
CA ARG B 58 -5.28 -4.66 14.16
C ARG B 58 -5.16 -4.02 15.56
N TYR B 59 -4.21 -4.49 16.40
CA TYR B 59 -4.11 -3.98 17.77
C TYR B 59 -2.84 -3.20 18.14
N LYS B 60 -1.70 -3.39 17.43
CA LYS B 60 -0.45 -2.68 17.78
C LYS B 60 -0.57 -1.16 17.83
N ASP B 61 -1.25 -0.56 16.84
CA ASP B 61 -1.46 0.90 16.76
C ASP B 61 -2.21 1.47 17.98
N THR B 62 -3.38 0.86 18.30
CA THR B 62 -4.23 1.27 19.42
C THR B 62 -3.61 0.91 20.77
N ILE B 63 -2.77 -0.15 20.84
CA ILE B 63 -2.12 -0.53 22.10
C ILE B 63 -0.99 0.45 22.44
N ASN B 64 -0.36 1.06 21.42
CA ASN B 64 0.71 2.04 21.61
C ASN B 64 0.11 3.36 22.12
N LYS B 65 -1.13 3.65 21.70
CA LYS B 65 -1.91 4.83 22.12
C LYS B 65 -2.22 4.71 23.60
N ILE B 66 -2.57 3.49 24.05
CA ILE B 66 -2.89 3.15 25.44
C ILE B 66 -1.63 3.26 26.31
N ARG B 67 -0.48 2.72 25.83
CA ARG B 67 0.82 2.73 26.50
C ARG B 67 1.23 4.16 26.91
N ASP B 68 0.93 5.14 26.03
CA ASP B 68 1.20 6.55 26.26
C ASP B 68 0.22 7.14 27.29
N LEU B 69 -1.09 6.78 27.18
CA LEU B 69 -2.15 7.26 28.08
C LEU B 69 -2.01 6.74 29.51
N ARG B 70 -1.79 5.42 29.68
CA ARG B 70 -1.61 4.74 30.96
C ARG B 70 -0.32 5.20 31.65
N MET B 71 -0.20 4.92 32.96
CA MET B 71 0.96 5.32 33.80
C MET B 71 2.29 4.74 33.29
N LYS B 72 3.31 5.62 33.19
CA LYS B 72 4.66 5.33 32.71
C LYS B 72 5.71 5.74 33.75
N ALA B 73 6.93 5.20 33.63
CA ALA B 73 8.07 5.54 34.48
C ALA B 73 8.53 6.98 34.17
N GLU B 74 8.18 7.46 32.95
CA GLU B 74 8.47 8.79 32.43
C GLU B 74 7.66 9.87 33.17
N ASP B 75 6.51 9.49 33.78
CA ASP B 75 5.64 10.39 34.53
C ASP B 75 6.27 10.85 35.86
N TYR B 76 7.31 10.13 36.33
CA TYR B 76 7.99 10.40 37.60
C TYR B 76 9.43 10.82 37.40
N GLU B 77 9.90 11.80 38.20
CA GLU B 77 11.29 12.24 38.18
C GLU B 77 12.02 11.64 39.38
N VAL B 78 13.11 10.92 39.12
CA VAL B 78 13.89 10.25 40.16
C VAL B 78 14.82 11.24 40.88
N VAL B 79 14.61 11.41 42.20
CA VAL B 79 15.37 12.34 43.04
C VAL B 79 16.66 11.68 43.56
N LYS B 80 16.53 10.52 44.25
CA LYS B 80 17.65 9.79 44.85
C LYS B 80 17.29 8.30 45.03
N VAL B 81 18.28 7.40 44.89
CA VAL B 81 18.11 5.96 45.10
C VAL B 81 18.24 5.74 46.62
N ILE B 82 17.11 5.49 47.29
CA ILE B 82 17.04 5.31 48.75
C ILE B 82 17.35 3.87 49.21
N GLY B 83 17.04 2.90 48.36
CA GLY B 83 17.27 1.48 48.65
C GLY B 83 17.63 0.63 47.44
N ARG B 84 18.11 -0.60 47.70
CA ARG B 84 18.53 -1.58 46.70
C ARG B 84 18.30 -3.00 47.21
N GLY B 85 17.71 -3.83 46.37
CA GLY B 85 17.42 -5.23 46.69
C GLY B 85 18.07 -6.20 45.73
N ALA B 86 17.59 -7.45 45.74
CA ALA B 86 18.08 -8.53 44.90
C ALA B 86 17.71 -8.38 43.41
N PHE B 87 16.42 -8.04 43.12
CA PHE B 87 15.92 -7.90 41.76
C PHE B 87 15.63 -6.45 41.34
N GLY B 88 15.89 -5.49 42.23
CA GLY B 88 15.64 -4.09 41.93
C GLY B 88 16.15 -3.09 42.94
N GLU B 89 15.50 -1.92 42.98
CA GLU B 89 15.86 -0.81 43.85
C GLU B 89 14.64 0.06 44.21
N VAL B 90 14.77 0.84 45.29
CA VAL B 90 13.74 1.77 45.76
C VAL B 90 14.27 3.20 45.52
N GLN B 91 13.52 4.02 44.76
CA GLN B 91 13.90 5.38 44.43
C GLN B 91 12.91 6.39 45.00
N LEU B 92 13.40 7.56 45.43
CA LEU B 92 12.54 8.66 45.89
C LEU B 92 12.13 9.38 44.61
N VAL B 93 10.82 9.36 44.31
CA VAL B 93 10.30 9.98 43.08
C VAL B 93 9.27 11.07 43.36
N ARG B 94 9.11 11.97 42.38
CA ARG B 94 8.13 13.05 42.39
C ARG B 94 7.36 12.93 41.07
N HIS B 95 6.03 12.77 41.13
CA HIS B 95 5.20 12.67 39.93
C HIS B 95 5.20 14.05 39.28
N LYS B 96 5.73 14.14 38.04
CA LYS B 96 5.89 15.39 37.28
C LYS B 96 4.63 16.28 37.18
N SER B 97 3.43 15.68 37.07
CA SER B 97 2.19 16.44 36.95
C SER B 97 1.63 16.93 38.30
N THR B 98 1.41 16.00 39.26
CA THR B 98 0.83 16.30 40.58
C THR B 98 1.82 16.91 41.58
N ARG B 99 3.13 16.68 41.36
CA ARG B 99 4.29 17.11 42.18
C ARG B 99 4.32 16.40 43.54
N LYS B 100 3.59 15.27 43.64
CA LYS B 100 3.50 14.44 44.85
C LYS B 100 4.76 13.60 45.01
N VAL B 101 5.24 13.47 46.26
CA VAL B 101 6.45 12.71 46.60
C VAL B 101 6.10 11.28 47.02
N TYR B 102 6.70 10.29 46.33
CA TYR B 102 6.50 8.85 46.57
C TYR B 102 7.82 8.08 46.64
N ALA B 103 7.74 6.80 47.05
CA ALA B 103 8.86 5.86 47.09
C ALA B 103 8.51 4.78 46.04
N MET B 104 9.32 4.67 44.96
CA MET B 104 9.06 3.72 43.87
C MET B 104 10.03 2.54 43.83
N LYS B 105 9.47 1.33 43.95
CA LYS B 105 10.19 0.07 43.91
C LYS B 105 10.16 -0.48 42.47
N LEU B 106 11.34 -0.83 41.94
CA LEU B 106 11.50 -1.40 40.60
C LEU B 106 11.88 -2.88 40.71
N LEU B 107 11.33 -3.73 39.84
CA LEU B 107 11.66 -5.15 39.83
C LEU B 107 12.00 -5.59 38.41
N SER B 108 13.21 -6.15 38.21
CA SER B 108 13.68 -6.59 36.90
C SER B 108 12.96 -7.84 36.43
N LYS B 109 12.25 -7.73 35.29
CA LYS B 109 11.52 -8.84 34.68
C LYS B 109 12.48 -9.92 34.17
N PHE B 110 13.68 -9.52 33.69
CA PHE B 110 14.68 -10.46 33.21
C PHE B 110 15.20 -11.32 34.35
N GLU B 111 15.54 -10.69 35.50
CA GLU B 111 16.04 -11.40 36.68
C GLU B 111 15.03 -12.41 37.23
N MET B 112 13.73 -12.10 37.14
CA MET B 112 12.64 -12.96 37.60
C MET B 112 12.41 -14.17 36.69
N ILE B 113 12.50 -13.97 35.35
CA ILE B 113 12.33 -15.02 34.34
C ILE B 113 13.51 -16.02 34.40
N LYS B 114 14.74 -15.49 34.49
CA LYS B 114 16.00 -16.24 34.57
C LYS B 114 16.03 -17.15 35.81
N ARG B 115 15.87 -16.55 37.02
CA ARG B 115 15.95 -17.25 38.30
C ARG B 115 14.67 -18.02 38.70
N SER B 116 13.58 -17.92 37.87
CA SER B 116 12.27 -18.58 38.02
C SER B 116 11.42 -18.07 39.22
N ASP B 117 11.81 -16.93 39.82
CA ASP B 117 11.12 -16.28 40.94
C ASP B 117 10.15 -15.23 40.37
N SER B 118 9.07 -15.68 39.70
CA SER B 118 8.09 -14.79 39.07
C SER B 118 6.69 -14.86 39.71
N ALA B 119 6.62 -14.91 41.06
CA ALA B 119 5.34 -15.00 41.79
C ALA B 119 5.34 -14.33 43.18
N PHE B 120 6.52 -13.99 43.72
CA PHE B 120 6.69 -13.37 45.05
C PHE B 120 5.99 -12.02 45.23
N PHE B 121 5.90 -11.21 44.16
CA PHE B 121 5.32 -9.88 44.16
C PHE B 121 3.80 -9.82 44.36
N TRP B 122 3.07 -10.91 44.03
CA TRP B 122 1.61 -10.98 44.15
C TRP B 122 1.09 -10.71 45.57
N GLU B 123 1.73 -11.30 46.61
CA GLU B 123 1.36 -11.08 48.01
C GLU B 123 1.75 -9.68 48.47
N GLU B 124 2.93 -9.20 48.03
CA GLU B 124 3.45 -7.85 48.30
C GLU B 124 2.48 -6.79 47.76
N ARG B 125 1.86 -7.07 46.59
CA ARG B 125 0.90 -6.21 45.91
C ARG B 125 -0.42 -6.16 46.70
N ASP B 126 -1.06 -7.33 46.94
CA ASP B 126 -2.34 -7.46 47.65
C ASP B 126 -2.31 -6.94 49.08
N ILE B 127 -1.20 -7.17 49.82
CA ILE B 127 -1.04 -6.70 51.20
C ILE B 127 -0.99 -5.17 51.24
N MET B 128 -0.10 -4.56 50.45
CA MET B 128 0.09 -3.11 50.41
C MET B 128 -1.10 -2.33 49.85
N ALA B 129 -1.75 -2.84 48.79
CA ALA B 129 -2.88 -2.17 48.13
C ALA B 129 -4.22 -2.27 48.86
N PHE B 130 -4.50 -3.42 49.51
CA PHE B 130 -5.78 -3.63 50.17
C PHE B 130 -5.70 -3.82 51.70
N ALA B 131 -4.62 -3.30 52.33
CA ALA B 131 -4.44 -3.41 53.79
C ALA B 131 -5.39 -2.53 54.57
N ASN B 132 -5.43 -1.22 54.23
CA ASN B 132 -6.21 -0.18 54.90
C ASN B 132 -5.89 -0.12 56.41
N SER B 133 -4.59 -0.29 56.72
CA SER B 133 -4.04 -0.29 58.08
C SER B 133 -2.85 0.68 58.17
N PRO B 134 -2.69 1.42 59.30
CA PRO B 134 -1.55 2.33 59.42
C PRO B 134 -0.21 1.61 59.59
N TRP B 135 -0.27 0.30 59.93
CA TRP B 135 0.88 -0.57 60.15
C TRP B 135 1.50 -1.11 58.85
N VAL B 136 0.87 -0.84 57.70
CA VAL B 136 1.35 -1.29 56.39
C VAL B 136 1.58 -0.09 55.48
N VAL B 137 2.74 -0.05 54.80
CA VAL B 137 3.11 1.00 53.83
C VAL B 137 2.14 0.87 52.67
N GLN B 138 1.40 1.95 52.36
CA GLN B 138 0.38 1.98 51.33
C GLN B 138 0.94 1.97 49.91
N LEU B 139 0.25 1.26 49.00
CA LEU B 139 0.57 1.19 47.58
C LEU B 139 -0.49 2.01 46.86
N PHE B 140 -0.06 3.09 46.20
CA PHE B 140 -0.97 3.98 45.49
C PHE B 140 -1.18 3.54 44.06
N TYR B 141 -0.07 3.24 43.34
CA TYR B 141 -0.12 2.79 41.95
C TYR B 141 0.86 1.68 41.69
N ALA B 142 0.46 0.73 40.84
CA ALA B 142 1.29 -0.39 40.40
C ALA B 142 1.17 -0.47 38.88
N PHE B 143 2.30 -0.36 38.17
CA PHE B 143 2.34 -0.40 36.71
C PHE B 143 3.55 -1.19 36.20
N GLN B 144 3.66 -1.38 34.88
CA GLN B 144 4.72 -2.17 34.27
C GLN B 144 4.99 -1.81 32.81
N ASP B 145 6.15 -2.24 32.30
CA ASP B 145 6.57 -2.14 30.90
C ASP B 145 7.25 -3.47 30.52
N ASP B 146 7.89 -3.56 29.35
CA ASP B 146 8.57 -4.79 28.92
C ASP B 146 9.83 -5.12 29.75
N ARG B 147 10.35 -4.13 30.52
CA ARG B 147 11.57 -4.28 31.31
C ARG B 147 11.35 -4.43 32.82
N TYR B 148 10.47 -3.62 33.44
CA TYR B 148 10.28 -3.67 34.89
C TYR B 148 8.83 -3.66 35.37
N LEU B 149 8.68 -3.94 36.67
CA LEU B 149 7.46 -3.84 37.46
C LEU B 149 7.70 -2.64 38.37
N TYR B 150 6.70 -1.76 38.51
CA TYR B 150 6.83 -0.55 39.32
C TYR B 150 5.80 -0.50 40.42
N MET B 151 6.22 -0.09 41.62
CA MET B 151 5.35 0.02 42.78
C MET B 151 5.47 1.39 43.43
N VAL B 152 4.55 2.30 43.07
CA VAL B 152 4.49 3.68 43.58
C VAL B 152 3.84 3.62 44.96
N MET B 153 4.66 3.73 46.01
CA MET B 153 4.23 3.62 47.41
C MET B 153 4.43 4.89 48.24
N GLU B 154 3.97 4.82 49.50
CA GLU B 154 4.07 5.84 50.55
C GLU B 154 5.55 5.96 50.94
N TYR B 155 6.08 7.18 50.96
CA TYR B 155 7.47 7.40 51.33
C TYR B 155 7.63 7.51 52.85
N MET B 156 8.63 6.80 53.40
CA MET B 156 8.95 6.76 54.83
C MET B 156 10.15 7.66 55.13
N PRO B 157 9.95 8.92 55.54
CA PRO B 157 11.11 9.82 55.75
C PRO B 157 11.93 9.53 57.01
N GLY B 158 11.36 8.80 57.97
CA GLY B 158 12.03 8.44 59.21
C GLY B 158 13.11 7.40 59.07
N GLY B 159 13.05 6.65 57.97
CA GLY B 159 14.02 5.60 57.65
C GLY B 159 13.78 4.28 58.35
N ASP B 160 14.66 3.32 58.07
CA ASP B 160 14.63 1.96 58.62
C ASP B 160 15.13 1.90 60.07
N LEU B 161 14.79 0.81 60.80
CA LEU B 161 15.21 0.62 62.18
C LEU B 161 16.68 0.21 62.32
N VAL B 162 17.30 -0.27 61.23
CA VAL B 162 18.72 -0.65 61.17
C VAL B 162 19.56 0.63 61.38
N ASN B 163 19.15 1.73 60.72
CA ASN B 163 19.79 3.05 60.83
C ASN B 163 19.59 3.62 62.24
N LEU B 164 18.41 3.36 62.86
CA LEU B 164 18.08 3.83 64.22
C LEU B 164 19.01 3.20 65.27
N MET B 165 19.18 1.86 65.22
CA MET B 165 20.03 1.11 66.14
C MET B 165 21.51 1.46 65.96
N SER B 166 21.90 1.85 64.74
CA SER B 166 23.26 2.24 64.40
C SER B 166 23.59 3.66 64.87
N ASN B 167 22.59 4.57 64.83
CA ASN B 167 22.72 5.97 65.21
C ASN B 167 22.33 6.29 66.67
N TYR B 168 21.70 5.33 67.38
CA TYR B 168 21.26 5.51 68.77
C TYR B 168 21.53 4.27 69.63
N ASP B 169 21.90 4.50 70.91
CA ASP B 169 22.10 3.44 71.90
C ASP B 169 20.72 3.25 72.52
N VAL B 170 19.90 2.38 71.90
CA VAL B 170 18.49 2.11 72.21
C VAL B 170 18.28 1.60 73.66
N PRO B 171 17.60 2.42 74.52
CA PRO B 171 17.28 1.96 75.89
C PRO B 171 16.06 1.04 75.90
N GLU B 172 15.74 0.45 77.07
CA GLU B 172 14.60 -0.46 77.24
C GLU B 172 13.24 0.20 76.97
N LYS B 173 13.10 1.50 77.35
CA LYS B 173 11.89 2.29 77.16
C LYS B 173 11.50 2.38 75.68
N TRP B 174 12.51 2.58 74.80
CA TRP B 174 12.36 2.67 73.35
C TRP B 174 12.06 1.28 72.78
N ALA B 175 12.83 0.25 73.23
CA ALA B 175 12.71 -1.15 72.83
C ALA B 175 11.30 -1.68 73.12
N ARG B 176 10.69 -1.27 74.25
CA ARG B 176 9.33 -1.65 74.67
C ARG B 176 8.31 -1.10 73.67
N PHE B 177 8.51 0.14 73.19
CA PHE B 177 7.63 0.81 72.23
C PHE B 177 7.65 0.13 70.86
N TYR B 178 8.84 0.07 70.22
CA TYR B 178 9.01 -0.49 68.88
C TYR B 178 8.64 -1.98 68.78
N THR B 179 8.83 -2.77 69.85
CA THR B 179 8.46 -4.20 69.87
C THR B 179 6.93 -4.33 69.84
N ALA B 180 6.23 -3.52 70.67
CA ALA B 180 4.77 -3.48 70.75
C ALA B 180 4.11 -3.07 69.43
N GLU B 181 4.78 -2.17 68.67
CA GLU B 181 4.33 -1.70 67.35
C GLU B 181 4.42 -2.85 66.34
N VAL B 182 5.53 -3.62 66.36
CA VAL B 182 5.78 -4.80 65.51
C VAL B 182 4.71 -5.86 65.80
N VAL B 183 4.39 -6.08 67.09
CA VAL B 183 3.37 -7.03 67.55
C VAL B 183 2.00 -6.64 66.96
N LEU B 184 1.61 -5.36 67.08
CA LEU B 184 0.36 -4.85 66.52
C LEU B 184 0.34 -4.90 64.99
N ALA B 185 1.50 -4.67 64.36
CA ALA B 185 1.69 -4.69 62.92
C ALA B 185 1.53 -6.10 62.35
N LEU B 186 2.17 -7.09 63.00
CA LEU B 186 2.10 -8.49 62.60
C LEU B 186 0.72 -9.08 62.75
N ASP B 187 -0.01 -8.67 63.82
CA ASP B 187 -1.38 -9.10 64.11
C ASP B 187 -2.31 -8.66 62.98
N ALA B 188 -2.06 -7.47 62.39
CA ALA B 188 -2.82 -6.92 61.28
C ALA B 188 -2.60 -7.75 60.00
N ILE B 189 -1.34 -8.23 59.79
CA ILE B 189 -0.97 -9.06 58.64
C ILE B 189 -1.56 -10.46 58.78
N HIS B 190 -1.57 -11.01 60.01
CA HIS B 190 -2.15 -12.32 60.30
C HIS B 190 -3.66 -12.29 60.11
N SER B 191 -4.31 -11.13 60.44
CA SER B 191 -5.74 -10.89 60.29
C SER B 191 -6.20 -11.02 58.83
N MET B 192 -5.33 -10.62 57.90
CA MET B 192 -5.58 -10.68 56.45
C MET B 192 -5.35 -12.10 55.91
N GLY B 193 -4.81 -12.98 56.75
CA GLY B 193 -4.53 -14.36 56.40
C GLY B 193 -3.18 -14.52 55.72
N PHE B 194 -2.16 -13.79 56.21
CA PHE B 194 -0.81 -13.81 55.68
C PHE B 194 0.22 -14.02 56.78
N ILE B 195 1.32 -14.71 56.44
CA ILE B 195 2.46 -14.98 57.32
C ILE B 195 3.69 -14.33 56.67
N HIS B 196 4.36 -13.43 57.39
CA HIS B 196 5.52 -12.67 56.89
C HIS B 196 6.69 -13.55 56.46
N ARG B 197 7.09 -14.50 57.34
CA ARG B 197 8.20 -15.45 57.16
C ARG B 197 9.61 -14.78 57.21
N ASP B 198 9.67 -13.43 57.36
CA ASP B 198 10.93 -12.68 57.46
C ASP B 198 10.73 -11.30 58.12
N VAL B 199 10.56 -11.31 59.44
CA VAL B 199 10.40 -10.08 60.22
C VAL B 199 11.81 -9.64 60.66
N LYS B 200 12.25 -8.48 60.17
CA LYS B 200 13.59 -7.94 60.45
C LYS B 200 13.60 -6.39 60.48
N PRO B 201 14.54 -5.73 61.22
CA PRO B 201 14.57 -4.26 61.26
C PRO B 201 14.73 -3.54 59.92
N ASP B 202 15.23 -4.25 58.88
CA ASP B 202 15.39 -3.71 57.53
C ASP B 202 14.03 -3.48 56.86
N ASN B 203 13.03 -4.32 57.19
CA ASN B 203 11.66 -4.28 56.67
C ASN B 203 10.75 -3.33 57.47
N MET B 204 11.20 -2.91 58.67
CA MET B 204 10.47 -1.98 59.55
C MET B 204 10.89 -0.55 59.22
N LEU B 205 9.93 0.27 58.76
CA LEU B 205 10.20 1.66 58.40
C LEU B 205 9.38 2.64 59.22
N LEU B 206 9.91 3.86 59.41
CA LEU B 206 9.27 4.92 60.20
C LEU B 206 8.75 6.07 59.33
N ASP B 207 7.54 6.57 59.66
CA ASP B 207 6.92 7.69 58.96
C ASP B 207 7.42 9.06 59.47
N LYS B 208 6.74 10.16 59.08
CA LYS B 208 7.08 11.53 59.49
C LYS B 208 6.97 11.77 61.01
N SER B 209 6.12 10.97 61.70
CA SER B 209 5.89 11.07 63.14
C SER B 209 6.80 10.17 63.98
N GLY B 210 7.48 9.22 63.32
CA GLY B 210 8.39 8.29 63.97
C GLY B 210 7.75 6.98 64.37
N HIS B 211 6.59 6.65 63.77
CA HIS B 211 5.84 5.42 64.03
C HIS B 211 6.15 4.32 63.01
N LEU B 212 6.26 3.08 63.51
CA LEU B 212 6.58 1.89 62.73
C LEU B 212 5.46 1.42 61.84
N LYS B 213 5.84 0.88 60.66
CA LYS B 213 4.99 0.24 59.66
C LYS B 213 5.82 -0.65 58.73
N LEU B 214 5.39 -1.91 58.57
CA LEU B 214 6.08 -2.92 57.74
C LEU B 214 6.03 -2.61 56.25
N ALA B 215 7.11 -2.98 55.50
CA ALA B 215 7.20 -2.65 54.08
C ALA B 215 7.52 -3.79 53.12
N ASP B 216 8.62 -4.52 53.36
CA ASP B 216 9.00 -5.59 52.45
C ASP B 216 8.18 -6.84 52.72
N PHE B 217 7.35 -7.25 51.73
CA PHE B 217 6.45 -8.40 51.84
C PHE B 217 6.70 -9.48 50.76
N GLY B 218 7.93 -9.54 50.25
CA GLY B 218 8.33 -10.50 49.22
C GLY B 218 8.48 -11.93 49.73
N THR B 219 8.52 -12.11 51.06
CA THR B 219 8.66 -13.40 51.75
C THR B 219 7.32 -13.96 52.27
N CYS B 220 6.23 -13.16 52.16
CA CYS B 220 4.88 -13.51 52.60
C CYS B 220 4.24 -14.63 51.79
N MET B 221 3.22 -15.28 52.37
CA MET B 221 2.42 -16.34 51.73
C MET B 221 1.03 -16.42 52.35
N LYS B 222 -0.01 -16.55 51.49
CA LYS B 222 -1.42 -16.68 51.90
C LYS B 222 -1.63 -17.97 52.68
N MET B 223 -2.39 -17.89 53.77
CA MET B 223 -2.69 -19.02 54.67
C MET B 223 -3.56 -20.10 54.03
N ASN B 224 -3.07 -21.36 54.07
CA ASN B 224 -3.76 -22.54 53.55
C ASN B 224 -4.70 -23.10 54.61
N LYS B 225 -5.90 -23.52 54.17
CA LYS B 225 -6.99 -24.12 54.96
C LYS B 225 -7.45 -23.23 56.13
N GLU B 226 -6.80 -23.37 57.31
CA GLU B 226 -7.15 -22.63 58.51
C GLU B 226 -6.11 -21.57 58.91
N GLY B 227 -4.83 -21.92 58.85
CA GLY B 227 -3.75 -21.01 59.23
C GLY B 227 -2.36 -21.60 59.18
N MET B 228 -2.05 -22.34 58.10
CA MET B 228 -0.74 -22.98 57.88
C MET B 228 -0.19 -22.59 56.51
N VAL B 229 1.15 -22.55 56.35
CA VAL B 229 1.80 -22.23 55.07
C VAL B 229 2.88 -23.25 54.71
N THR B 237 17.00 -14.13 54.26
CA THR B 237 16.12 -14.59 55.33
C THR B 237 16.90 -14.83 56.66
N PRO B 238 18.07 -15.53 56.73
CA PRO B 238 18.76 -15.69 58.03
C PRO B 238 19.43 -14.40 58.52
N ASP B 239 19.76 -14.23 59.83
CA ASP B 239 19.64 -15.17 60.96
C ASP B 239 18.24 -15.24 61.59
N TYR B 240 17.39 -14.23 61.33
CA TYR B 240 16.02 -14.07 61.85
C TYR B 240 15.07 -15.27 61.56
N ILE B 241 15.55 -16.31 60.84
CA ILE B 241 14.78 -17.50 60.48
C ILE B 241 14.46 -18.39 61.71
N SER B 242 13.23 -18.93 61.74
CA SER B 242 12.70 -19.80 62.79
C SER B 242 13.13 -21.27 62.55
N PRO B 243 13.37 -22.09 63.60
CA PRO B 243 13.82 -23.48 63.36
C PRO B 243 12.82 -24.39 62.64
N GLU B 244 11.50 -24.21 62.86
CA GLU B 244 10.45 -25.02 62.24
C GLU B 244 10.40 -24.86 60.71
N VAL B 245 10.84 -23.70 60.21
CA VAL B 245 10.91 -23.34 58.78
C VAL B 245 12.00 -24.19 58.09
N LEU B 246 13.18 -24.34 58.75
CA LEU B 246 14.36 -25.10 58.30
C LEU B 246 14.05 -26.53 57.83
N LYS B 247 13.19 -27.27 58.58
CA LYS B 247 12.76 -28.64 58.34
C LYS B 247 13.92 -29.63 58.23
N TYR B 254 3.36 -28.54 57.47
CA TYR B 254 3.32 -27.10 57.26
C TYR B 254 3.19 -26.33 58.58
N TYR B 255 3.91 -25.19 58.70
CA TYR B 255 3.96 -24.32 59.89
C TYR B 255 2.95 -23.15 59.84
N GLY B 256 2.56 -22.66 61.03
CA GLY B 256 1.61 -21.57 61.21
C GLY B 256 2.20 -20.18 61.37
N ARG B 257 1.45 -19.28 62.04
CA ARG B 257 1.83 -17.88 62.27
C ARG B 257 2.85 -17.67 63.41
N GLU B 258 3.11 -18.74 64.20
CA GLU B 258 4.04 -18.75 65.33
C GLU B 258 5.50 -18.46 64.95
N CYS B 259 5.89 -18.72 63.69
CA CYS B 259 7.24 -18.49 63.17
C CYS B 259 7.62 -17.02 63.12
N ASP B 260 6.61 -16.13 62.92
CA ASP B 260 6.84 -14.69 62.88
C ASP B 260 7.14 -14.14 64.28
N TRP B 261 6.62 -14.80 65.32
CA TRP B 261 6.83 -14.41 66.72
C TRP B 261 8.26 -14.71 67.19
N TRP B 262 8.93 -15.69 66.55
CA TRP B 262 10.33 -16.07 66.81
C TRP B 262 11.22 -14.88 66.45
N SER B 263 10.98 -14.29 65.27
CA SER B 263 11.70 -13.14 64.71
C SER B 263 11.56 -11.87 65.56
N VAL B 264 10.46 -11.75 66.34
CA VAL B 264 10.20 -10.62 67.26
C VAL B 264 11.22 -10.69 68.41
N GLY B 265 11.42 -11.91 68.94
CA GLY B 265 12.37 -12.19 70.01
C GLY B 265 13.80 -11.92 69.59
N VAL B 266 14.13 -12.28 68.33
CA VAL B 266 15.45 -12.06 67.72
C VAL B 266 15.67 -10.54 67.61
N PHE B 267 14.63 -9.81 67.15
CA PHE B 267 14.61 -8.36 67.00
C PHE B 267 14.79 -7.64 68.34
N LEU B 268 14.08 -8.09 69.39
CA LEU B 268 14.16 -7.52 70.75
C LEU B 268 15.55 -7.74 71.36
N TYR B 269 16.19 -8.89 71.07
CA TYR B 269 17.52 -9.25 71.53
C TYR B 269 18.56 -8.29 70.93
N GLU B 270 18.56 -8.16 69.58
CA GLU B 270 19.48 -7.30 68.82
C GLU B 270 19.38 -5.82 69.23
N MET B 271 18.16 -5.39 69.58
CA MET B 271 17.85 -4.02 69.99
C MET B 271 18.44 -3.66 71.36
N LEU B 272 18.52 -4.65 72.26
CA LEU B 272 19.03 -4.45 73.63
C LEU B 272 20.49 -4.85 73.83
N VAL B 273 20.93 -5.96 73.19
CA VAL B 273 22.30 -6.49 73.28
C VAL B 273 23.25 -5.76 72.31
N GLY B 274 22.81 -5.59 71.07
CA GLY B 274 23.58 -4.94 70.02
C GLY B 274 23.92 -5.85 68.87
N ASP B 275 23.87 -7.18 69.12
CA ASP B 275 24.15 -8.23 68.14
C ASP B 275 22.99 -9.23 68.10
N THR B 276 22.86 -9.96 66.97
CA THR B 276 21.83 -10.98 66.78
C THR B 276 22.13 -12.20 67.70
N PRO B 277 21.11 -12.87 68.28
CA PRO B 277 21.40 -13.98 69.21
C PRO B 277 22.13 -15.18 68.64
N PHE B 278 21.91 -15.49 67.35
CA PHE B 278 22.51 -16.66 66.70
C PHE B 278 23.59 -16.28 65.66
N TYR B 279 24.29 -15.14 65.88
CA TYR B 279 25.35 -14.68 64.98
C TYR B 279 26.58 -15.59 64.99
N ALA B 280 27.09 -15.87 63.78
CA ALA B 280 28.27 -16.67 63.52
C ALA B 280 29.06 -16.02 62.38
N ASP B 281 30.40 -16.15 62.40
CA ASP B 281 31.30 -15.58 61.38
C ASP B 281 31.13 -16.23 60.00
N SER B 282 30.55 -17.44 59.97
CA SER B 282 30.21 -18.21 58.77
C SER B 282 28.69 -18.39 58.77
N LEU B 283 28.03 -18.24 57.60
CA LEU B 283 26.58 -18.36 57.46
C LEU B 283 26.04 -19.73 57.85
N VAL B 284 26.86 -20.77 57.68
CA VAL B 284 26.55 -22.16 58.01
C VAL B 284 26.44 -22.35 59.53
N GLY B 285 27.28 -21.64 60.28
CA GLY B 285 27.31 -21.66 61.74
C GLY B 285 26.04 -21.15 62.39
N THR B 286 25.40 -20.15 61.76
CA THR B 286 24.14 -19.53 62.21
C THR B 286 23.01 -20.56 62.17
N TYR B 287 22.93 -21.35 61.07
CA TYR B 287 21.96 -22.42 60.79
C TYR B 287 21.94 -23.47 61.91
N SER B 288 23.14 -23.87 62.41
CA SER B 288 23.33 -24.86 63.46
C SER B 288 22.98 -24.30 64.84
N LYS B 289 23.22 -23.00 65.06
CA LYS B 289 22.93 -22.32 66.33
C LYS B 289 21.43 -22.19 66.57
N ILE B 290 20.64 -21.95 65.49
CA ILE B 290 19.17 -21.82 65.56
C ILE B 290 18.52 -23.14 65.99
N MET B 291 18.94 -24.27 65.37
CA MET B 291 18.45 -25.61 65.69
C MET B 291 18.83 -26.03 67.12
N ASN B 292 19.93 -25.46 67.64
CA ASN B 292 20.45 -25.73 68.98
C ASN B 292 20.23 -24.52 69.92
N HIS B 293 19.10 -23.81 69.74
CA HIS B 293 18.71 -22.64 70.55
C HIS B 293 18.60 -22.90 72.05
N LYS B 294 18.35 -24.18 72.44
CA LYS B 294 18.24 -24.63 73.82
C LYS B 294 19.58 -24.51 74.57
N ASN B 295 20.71 -24.54 73.83
CA ASN B 295 22.06 -24.45 74.39
C ASN B 295 22.88 -23.26 73.86
N SER B 296 22.54 -22.74 72.67
CA SER B 296 23.24 -21.61 72.06
C SER B 296 22.80 -20.26 72.61
N ILE B 305 18.51 -4.98 79.72
CA ILE B 305 19.28 -5.70 80.75
C ILE B 305 18.39 -6.02 81.98
N SER B 306 17.07 -6.23 81.75
CA SER B 306 16.08 -6.56 82.80
C SER B 306 15.62 -8.01 82.71
N LYS B 307 15.11 -8.54 83.84
CA LYS B 307 14.59 -9.91 83.95
C LYS B 307 13.35 -10.12 83.09
N GLU B 308 12.46 -9.09 83.03
CA GLU B 308 11.23 -9.11 82.23
C GLU B 308 11.51 -9.11 80.73
N ALA B 309 12.65 -8.52 80.32
CA ALA B 309 13.11 -8.47 78.94
C ALA B 309 13.62 -9.87 78.54
N LYS B 310 14.41 -10.52 79.43
CA LYS B 310 14.97 -11.86 79.27
C LYS B 310 13.85 -12.91 79.17
N ASN B 311 12.79 -12.73 80.00
CA ASN B 311 11.60 -13.60 80.07
C ASN B 311 10.83 -13.62 78.74
N LEU B 312 10.78 -12.47 78.03
CA LEU B 312 10.10 -12.34 76.74
C LEU B 312 10.90 -12.96 75.59
N ILE B 313 12.23 -12.75 75.56
CA ILE B 313 13.16 -13.28 74.56
C ILE B 313 13.16 -14.82 74.58
N CYS B 314 13.15 -15.41 75.80
CA CYS B 314 13.10 -16.85 76.01
C CYS B 314 11.72 -17.45 75.73
N ALA B 315 10.64 -16.65 75.89
CA ALA B 315 9.26 -17.08 75.63
C ALA B 315 9.00 -17.32 74.15
N PHE B 316 9.56 -16.46 73.27
CA PHE B 316 9.43 -16.59 71.82
C PHE B 316 10.36 -17.68 71.28
N LEU B 317 11.55 -17.83 71.88
CA LEU B 317 12.56 -18.82 71.50
C LEU B 317 12.16 -20.25 71.81
N LEU B 324 4.48 -20.05 72.99
CA LEU B 324 3.91 -18.73 73.25
C LEU B 324 3.37 -18.12 71.97
N GLY B 325 2.21 -17.47 72.06
CA GLY B 325 1.53 -16.82 70.95
C GLY B 325 0.88 -17.77 69.95
N ARG B 326 0.85 -19.08 70.28
CA ARG B 326 0.25 -20.12 69.44
C ARG B 326 -1.28 -20.03 69.48
N ASN B 327 -1.83 -19.74 70.68
CA ASN B 327 -3.26 -19.61 70.94
C ASN B 327 -3.83 -18.26 70.47
N GLY B 328 -3.21 -17.17 70.90
CA GLY B 328 -3.63 -15.81 70.56
C GLY B 328 -2.59 -14.72 70.77
N VAL B 329 -2.87 -13.54 70.22
CA VAL B 329 -2.01 -12.35 70.32
C VAL B 329 -2.11 -11.69 71.72
N GLU B 330 -3.25 -11.89 72.43
CA GLU B 330 -3.51 -11.35 73.77
C GLU B 330 -2.48 -11.83 74.80
N GLU B 331 -1.99 -13.08 74.61
CA GLU B 331 -0.98 -13.76 75.42
C GLU B 331 0.34 -12.98 75.39
N ILE B 332 0.66 -12.37 74.24
CA ILE B 332 1.87 -11.56 74.02
C ILE B 332 1.70 -10.18 74.69
N LYS B 333 0.54 -9.54 74.49
CA LYS B 333 0.16 -8.22 75.03
C LYS B 333 0.10 -8.19 76.56
N ARG B 334 -0.34 -9.30 77.19
CA ARG B 334 -0.50 -9.43 78.64
C ARG B 334 0.81 -9.73 79.41
N HIS B 335 1.97 -9.72 78.72
CA HIS B 335 3.27 -9.96 79.36
C HIS B 335 3.68 -8.77 80.22
N LEU B 336 4.35 -9.03 81.36
CA LEU B 336 4.80 -8.05 82.35
C LEU B 336 5.78 -6.99 81.79
N PHE B 337 6.48 -7.31 80.68
CA PHE B 337 7.42 -6.39 80.01
C PHE B 337 6.67 -5.21 79.37
N PHE B 338 5.45 -5.46 78.83
CA PHE B 338 4.65 -4.43 78.17
C PHE B 338 3.86 -3.54 79.14
N LYS B 339 3.90 -3.84 80.46
CA LYS B 339 3.23 -3.02 81.47
C LYS B 339 4.07 -1.74 81.69
N ASN B 340 3.48 -0.59 81.29
CA ASN B 340 4.14 0.71 81.36
C ASN B 340 3.16 1.87 81.65
N ASP B 341 3.69 3.02 82.10
CA ASP B 341 2.94 4.21 82.45
C ASP B 341 2.74 5.14 81.24
N GLN B 342 3.60 5.01 80.21
CA GLN B 342 3.63 5.84 79.00
C GLN B 342 2.45 5.65 78.04
N TRP B 343 2.28 4.44 77.49
CA TRP B 343 1.25 4.12 76.48
C TRP B 343 0.32 2.95 76.85
N ALA B 344 -0.73 2.78 76.02
CA ALA B 344 -1.73 1.70 76.09
C ALA B 344 -1.77 0.98 74.73
N TRP B 345 -2.12 -0.32 74.74
CA TRP B 345 -2.18 -1.16 73.53
C TRP B 345 -3.23 -0.74 72.50
N GLU B 346 -4.34 -0.11 72.95
CA GLU B 346 -5.44 0.35 72.10
C GLU B 346 -5.14 1.71 71.44
N THR B 347 -4.23 2.51 72.04
CA THR B 347 -3.87 3.84 71.55
C THR B 347 -2.32 4.05 71.52
N LEU B 348 -1.59 3.02 71.05
CA LEU B 348 -0.13 3.05 70.95
C LEU B 348 0.39 3.94 69.81
N ARG B 349 -0.23 3.88 68.62
CA ARG B 349 0.20 4.68 67.47
C ARG B 349 -0.16 6.17 67.58
N ASP B 350 -1.02 6.51 68.56
CA ASP B 350 -1.46 7.88 68.81
C ASP B 350 -0.55 8.62 69.80
N THR B 351 0.29 7.88 70.57
CA THR B 351 1.24 8.45 71.53
C THR B 351 2.50 8.95 70.82
N VAL B 352 3.31 9.79 71.51
CA VAL B 352 4.55 10.36 70.98
C VAL B 352 5.61 9.26 70.83
N ALA B 353 6.25 9.19 69.64
CA ALA B 353 7.30 8.23 69.30
C ALA B 353 8.62 8.60 70.01
N PRO B 354 9.53 7.63 70.31
CA PRO B 354 10.80 7.98 70.98
C PRO B 354 11.67 8.93 70.16
N VAL B 355 11.74 8.70 68.84
CA VAL B 355 12.49 9.55 67.89
C VAL B 355 11.54 10.03 66.81
N VAL B 356 11.46 11.35 66.62
CA VAL B 356 10.64 11.99 65.60
C VAL B 356 11.59 12.60 64.54
N PRO B 357 11.47 12.19 63.25
CA PRO B 357 12.40 12.73 62.23
C PRO B 357 12.30 14.23 61.95
N ASP B 358 13.46 14.92 62.02
CA ASP B 358 13.57 16.36 61.76
C ASP B 358 13.72 16.54 60.24
N LEU B 359 12.61 16.91 59.58
CA LEU B 359 12.56 17.05 58.12
C LEU B 359 12.50 18.50 57.66
N SER B 360 13.45 18.88 56.81
CA SER B 360 13.58 20.23 56.26
C SER B 360 12.75 20.43 54.99
N SER B 361 12.62 19.38 54.16
CA SER B 361 11.89 19.42 52.90
C SER B 361 11.10 18.13 52.65
N ASP B 362 10.21 18.15 51.64
CA ASP B 362 9.39 17.01 51.22
C ASP B 362 10.22 15.90 50.57
N ILE B 363 11.49 16.21 50.19
CA ILE B 363 12.42 15.28 49.57
C ILE B 363 13.70 15.06 50.44
N ASP B 364 13.53 15.16 51.78
CA ASP B 364 14.60 14.97 52.78
C ASP B 364 14.98 13.49 52.83
N THR B 365 16.28 13.17 52.63
CA THR B 365 16.80 11.80 52.63
C THR B 365 17.96 11.60 53.62
N SER B 366 17.95 12.36 54.73
CA SER B 366 18.98 12.29 55.79
C SER B 366 19.00 10.96 56.54
N ASN B 367 17.83 10.32 56.72
CA ASN B 367 17.69 9.05 57.41
C ASN B 367 18.06 7.83 56.54
N PHE B 368 18.26 8.05 55.24
CA PHE B 368 18.67 7.03 54.27
C PHE B 368 20.13 7.22 53.94
N ASP B 369 20.94 6.17 54.12
CA ASP B 369 22.36 6.22 53.79
C ASP B 369 22.59 6.14 52.27
N ASP B 370 23.48 7.01 51.76
CA ASP B 370 23.82 7.17 50.35
C ASP B 370 24.18 5.87 49.61
N LEU B 371 23.77 5.79 48.32
CA LEU B 371 24.01 4.66 47.44
C LEU B 371 24.32 5.12 46.01
N GLU B 372 25.03 4.28 45.22
CA GLU B 372 25.38 4.57 43.83
C GLU B 372 24.15 4.45 42.91
N GLU B 373 24.02 5.37 41.94
CA GLU B 373 22.90 5.44 40.99
C GLU B 373 22.76 4.20 40.09
N ASP B 374 23.90 3.66 39.59
CA ASP B 374 23.95 2.49 38.72
C ASP B 374 24.88 1.42 39.28
N PHE B 381 14.68 -11.15 27.34
CA PHE B 381 15.68 -10.31 26.70
C PHE B 381 16.00 -10.72 25.24
N PRO B 382 16.43 -11.98 24.90
CA PRO B 382 16.75 -12.27 23.49
C PRO B 382 15.53 -12.38 22.59
N ILE B 383 15.73 -12.13 21.29
CA ILE B 383 14.68 -12.20 20.27
C ILE B 383 14.23 -13.68 20.16
N PRO B 384 12.92 -13.96 20.35
CA PRO B 384 12.47 -15.37 20.28
C PRO B 384 12.27 -15.90 18.86
N LYS B 385 12.59 -17.19 18.68
CA LYS B 385 12.47 -17.89 17.41
C LYS B 385 11.07 -18.53 17.28
N ALA B 386 10.32 -18.55 18.39
CA ALA B 386 8.95 -19.06 18.54
C ALA B 386 8.36 -18.45 19.83
N PHE B 387 7.02 -18.54 20.01
CA PHE B 387 6.34 -17.99 21.20
C PHE B 387 6.87 -18.54 22.51
N VAL B 388 7.28 -17.63 23.41
CA VAL B 388 7.81 -17.96 24.73
C VAL B 388 6.95 -17.38 25.85
N GLY B 389 6.34 -16.22 25.60
CA GLY B 389 5.45 -15.52 26.52
C GLY B 389 6.10 -15.09 27.83
N ASN B 390 7.22 -14.35 27.73
CA ASN B 390 7.97 -13.87 28.89
C ASN B 390 7.23 -12.81 29.72
N GLN B 391 6.21 -12.15 29.14
CA GLN B 391 5.41 -11.12 29.81
C GLN B 391 4.15 -11.69 30.50
N LEU B 392 3.82 -12.98 30.22
CA LEU B 392 2.65 -13.67 30.78
C LEU B 392 2.63 -13.79 32.32
N PRO B 393 3.75 -14.11 33.05
CA PRO B 393 3.64 -14.21 34.52
C PRO B 393 3.47 -12.86 35.23
N PHE B 394 3.38 -11.76 34.47
CA PHE B 394 3.22 -10.40 34.98
C PHE B 394 1.86 -9.76 34.63
N VAL B 395 1.02 -10.47 33.84
CA VAL B 395 -0.33 -10.04 33.44
C VAL B 395 -1.23 -9.96 34.67
N GLY B 396 -1.80 -8.78 34.91
CA GLY B 396 -2.69 -8.53 36.03
C GLY B 396 -2.06 -7.82 37.22
N PHE B 397 -0.83 -7.30 37.03
CA PHE B 397 -0.10 -6.58 38.07
C PHE B 397 -0.55 -5.12 38.20
N THR B 398 -1.03 -4.50 37.10
CA THR B 398 -1.44 -3.10 37.06
C THR B 398 -2.60 -2.82 38.03
N TYR B 399 -2.39 -1.82 38.90
CA TYR B 399 -3.34 -1.37 39.92
C TYR B 399 -3.36 0.16 40.01
N TYR B 400 -4.56 0.73 40.10
CA TYR B 400 -4.78 2.17 40.25
C TYR B 400 -5.75 2.39 41.43
N SER B 401 -5.29 3.03 42.52
CA SER B 401 -6.16 3.26 43.67
C SER B 401 -7.09 4.46 43.42
N ASN B 402 -8.28 4.44 44.05
CA ASN B 402 -9.34 5.46 43.98
C ASN B 402 -9.91 5.64 42.56
N HIS C 4 22.96 27.02 -38.53
CA HIS C 4 22.35 25.73 -38.24
C HIS C 4 22.50 24.81 -39.46
N MET C 5 23.66 24.12 -39.57
CA MET C 5 23.99 23.29 -40.73
C MET C 5 24.46 21.85 -40.40
N SER C 6 24.89 21.11 -41.47
CA SER C 6 25.39 19.72 -41.58
C SER C 6 24.33 18.63 -41.35
N PHE C 7 24.58 17.42 -41.89
CA PHE C 7 23.70 16.24 -41.85
C PHE C 7 24.11 15.20 -40.80
N GLU C 8 25.32 14.62 -40.92
CA GLU C 8 25.85 13.60 -40.01
C GLU C 8 26.07 14.14 -38.58
N THR C 9 26.25 15.47 -38.45
CA THR C 9 26.42 16.16 -37.17
C THR C 9 25.09 16.16 -36.42
N ARG C 10 23.98 16.33 -37.16
CA ARG C 10 22.63 16.33 -36.60
C ARG C 10 22.29 15.01 -35.94
N PHE C 11 22.79 13.89 -36.51
CA PHE C 11 22.60 12.54 -35.97
C PHE C 11 23.40 12.34 -34.68
N GLU C 12 24.67 12.83 -34.66
CA GLU C 12 25.61 12.77 -33.52
C GLU C 12 25.00 13.46 -32.30
N LYS C 13 24.55 14.72 -32.45
CA LYS C 13 23.92 15.54 -31.41
C LYS C 13 22.64 14.89 -30.87
N MET C 14 21.86 14.26 -31.78
CA MET C 14 20.62 13.54 -31.47
C MET C 14 20.89 12.31 -30.61
N ASP C 15 22.02 11.62 -30.88
CA ASP C 15 22.46 10.43 -30.15
C ASP C 15 22.90 10.78 -28.72
N ASN C 16 23.48 12.00 -28.52
CA ASN C 16 23.93 12.51 -27.21
C ASN C 16 22.74 12.73 -26.28
N LEU C 17 21.66 13.34 -26.82
CA LEU C 17 20.39 13.67 -26.16
C LEU C 17 19.64 12.42 -25.68
N LEU C 18 19.96 11.26 -26.29
CA LEU C 18 19.32 9.98 -26.02
C LEU C 18 20.01 9.14 -24.96
N ARG C 19 21.35 9.25 -24.86
CA ARG C 19 22.18 8.48 -23.94
C ARG C 19 22.39 9.16 -22.59
N ASP C 20 22.54 10.50 -22.60
CA ASP C 20 22.81 11.33 -21.42
C ASP C 20 21.85 11.08 -20.23
N PRO C 21 22.37 10.74 -19.02
CA PRO C 21 21.47 10.50 -17.87
C PRO C 21 20.83 11.76 -17.30
N LYS C 22 21.47 12.92 -17.49
CA LYS C 22 20.97 14.21 -17.01
C LYS C 22 19.95 14.84 -18.00
N SER C 23 19.87 14.29 -19.25
CA SER C 23 18.99 14.76 -20.34
C SER C 23 17.51 14.54 -20.07
N GLU C 24 16.67 15.52 -20.49
CA GLU C 24 15.21 15.48 -20.34
C GLU C 24 14.58 14.48 -21.32
N VAL C 25 15.20 14.31 -22.50
CA VAL C 25 14.73 13.40 -23.56
C VAL C 25 15.60 12.13 -23.64
N ASN C 26 16.04 11.64 -22.46
CA ASN C 26 16.84 10.43 -22.28
C ASN C 26 16.00 9.19 -22.63
N SER C 27 16.67 8.07 -22.98
CA SER C 27 16.06 6.80 -23.37
C SER C 27 14.97 6.30 -22.40
N ASP C 28 15.26 6.31 -21.08
CA ASP C 28 14.34 5.87 -20.03
C ASP C 28 13.20 6.87 -19.78
N CYS C 29 13.43 8.16 -20.14
CA CYS C 29 12.44 9.22 -20.00
C CYS C 29 11.43 9.20 -21.15
N LEU C 30 11.85 8.71 -22.33
CA LEU C 30 11.00 8.61 -23.52
C LEU C 30 9.96 7.51 -23.38
N LEU C 31 10.32 6.42 -22.67
CA LEU C 31 9.42 5.30 -22.38
C LEU C 31 8.32 5.75 -21.44
N ASP C 32 8.65 6.67 -20.49
CA ASP C 32 7.69 7.26 -19.54
C ASP C 32 6.53 7.90 -20.25
N GLY C 33 6.80 8.52 -21.40
CA GLY C 33 5.81 9.18 -22.24
C GLY C 33 4.80 8.20 -22.79
N LEU C 34 5.29 7.10 -23.40
CA LEU C 34 4.47 6.02 -23.97
C LEU C 34 3.68 5.31 -22.87
N ASP C 35 4.29 5.16 -21.68
CA ASP C 35 3.71 4.52 -20.50
C ASP C 35 2.57 5.34 -19.91
N ALA C 36 2.80 6.67 -19.75
CA ALA C 36 1.80 7.62 -19.22
C ALA C 36 0.63 7.76 -20.17
N LEU C 37 0.92 7.74 -21.48
CA LEU C 37 -0.08 7.85 -22.54
C LEU C 37 -1.05 6.68 -22.51
N VAL C 38 -0.53 5.44 -22.33
CA VAL C 38 -1.36 4.23 -22.23
C VAL C 38 -2.21 4.28 -20.96
N TYR C 39 -1.62 4.73 -19.83
CA TYR C 39 -2.31 4.88 -18.54
C TYR C 39 -3.49 5.85 -18.63
N ASP C 40 -3.26 7.03 -19.25
CA ASP C 40 -4.26 8.09 -19.37
C ASP C 40 -5.30 7.89 -20.49
N LEU C 41 -5.00 7.04 -21.50
CA LEU C 41 -5.94 6.82 -22.60
C LEU C 41 -6.80 5.56 -22.49
N ASP C 42 -6.32 4.51 -21.77
CA ASP C 42 -7.05 3.24 -21.66
C ASP C 42 -8.24 3.32 -20.68
N PHE C 43 -9.36 3.86 -21.17
CA PHE C 43 -10.64 4.01 -20.47
C PHE C 43 -11.76 3.88 -21.52
N PRO C 44 -12.92 3.26 -21.18
CA PRO C 44 -13.98 3.07 -22.20
C PRO C 44 -14.50 4.34 -22.88
N ALA C 45 -14.70 5.44 -22.11
CA ALA C 45 -15.20 6.72 -22.62
C ALA C 45 -14.26 7.30 -23.70
N LEU C 46 -12.93 7.23 -23.42
CA LEU C 46 -11.85 7.70 -24.30
C LEU C 46 -11.65 6.77 -25.48
N ARG C 47 -11.77 5.44 -25.27
CA ARG C 47 -11.60 4.40 -26.29
C ARG C 47 -12.63 4.51 -27.43
N LYS C 48 -13.69 5.33 -27.26
CA LYS C 48 -14.72 5.57 -28.27
C LYS C 48 -14.15 6.37 -29.45
N ASN C 49 -13.05 7.11 -29.21
CA ASN C 49 -12.30 7.90 -30.19
C ASN C 49 -11.51 6.92 -31.07
N LYS C 50 -11.73 6.98 -32.39
CA LYS C 50 -11.07 6.13 -33.40
C LYS C 50 -9.54 6.20 -33.31
N ASN C 51 -8.99 7.40 -33.01
CA ASN C 51 -7.56 7.65 -32.88
C ASN C 51 -6.97 7.01 -31.62
N ILE C 52 -7.65 7.17 -30.47
CA ILE C 52 -7.23 6.63 -29.17
C ILE C 52 -7.29 5.09 -29.18
N ASP C 53 -8.34 4.52 -29.79
CA ASP C 53 -8.54 3.07 -29.90
C ASP C 53 -7.45 2.42 -30.76
N ASN C 54 -7.10 3.05 -31.91
CA ASN C 54 -6.05 2.60 -32.84
C ASN C 54 -4.68 2.56 -32.15
N PHE C 55 -4.40 3.58 -31.33
CA PHE C 55 -3.13 3.71 -30.61
C PHE C 55 -2.98 2.60 -29.60
N LEU C 56 -3.99 2.43 -28.72
CA LEU C 56 -4.00 1.41 -27.66
C LEU C 56 -3.95 -0.01 -28.20
N SER C 57 -4.69 -0.31 -29.28
CA SER C 57 -4.68 -1.64 -29.91
C SER C 57 -3.30 -1.99 -30.48
N ARG C 58 -2.49 -0.96 -30.77
CA ARG C 58 -1.15 -1.08 -31.34
C ARG C 58 -0.04 -1.05 -30.28
N TYR C 59 -0.23 -0.33 -29.16
CA TYR C 59 0.83 -0.20 -28.15
C TYR C 59 0.56 -0.82 -26.78
N LYS C 60 -0.70 -1.04 -26.36
CA LYS C 60 -1.00 -1.59 -25.02
C LYS C 60 -0.33 -2.94 -24.74
N ASP C 61 -0.36 -3.87 -25.73
CA ASP C 61 0.26 -5.21 -25.58
C ASP C 61 1.77 -5.13 -25.33
N THR C 62 2.49 -4.38 -26.18
CA THR C 62 3.94 -4.20 -26.11
C THR C 62 4.34 -3.32 -24.90
N ILE C 63 3.46 -2.39 -24.45
CA ILE C 63 3.74 -1.54 -23.29
C ILE C 63 3.65 -2.35 -21.99
N ASN C 64 2.77 -3.37 -21.96
CA ASN C 64 2.61 -4.25 -20.81
C ASN C 64 3.82 -5.18 -20.67
N LYS C 65 4.43 -5.54 -21.83
CA LYS C 65 5.66 -6.36 -21.89
C LYS C 65 6.82 -5.58 -21.28
N ILE C 66 6.88 -4.26 -21.56
CA ILE C 66 7.88 -3.31 -21.04
C ILE C 66 7.71 -3.14 -19.53
N ARG C 67 6.43 -2.95 -19.08
CA ARG C 67 6.07 -2.77 -17.67
C ARG C 67 6.59 -3.91 -16.80
N ASP C 68 6.59 -5.14 -17.32
CA ASP C 68 7.10 -6.34 -16.65
C ASP C 68 8.64 -6.32 -16.63
N LEU C 69 9.28 -5.96 -17.77
CA LEU C 69 10.74 -5.90 -17.93
C LEU C 69 11.40 -4.82 -17.06
N ARG C 70 10.85 -3.60 -17.10
CA ARG C 70 11.32 -2.44 -16.34
C ARG C 70 11.10 -2.63 -14.84
N MET C 71 11.78 -1.82 -14.00
CA MET C 71 11.70 -1.88 -12.55
C MET C 71 10.29 -1.64 -11.99
N LYS C 72 9.85 -2.53 -11.09
CA LYS C 72 8.54 -2.52 -10.45
C LYS C 72 8.68 -2.52 -8.92
N ALA C 73 7.60 -2.13 -8.21
CA ALA C 73 7.54 -2.16 -6.74
C ALA C 73 7.50 -3.61 -6.27
N GLU C 74 7.07 -4.53 -7.16
CA GLU C 74 6.98 -5.99 -6.94
C GLU C 74 8.37 -6.61 -6.84
N ASP C 75 9.41 -5.96 -7.41
CA ASP C 75 10.80 -6.43 -7.38
C ASP C 75 11.41 -6.35 -5.99
N TYR C 76 10.81 -5.55 -5.09
CA TYR C 76 11.29 -5.31 -3.74
C TYR C 76 10.33 -5.85 -2.69
N GLU C 77 10.88 -6.45 -1.61
CA GLU C 77 10.09 -6.93 -0.48
C GLU C 77 10.22 -5.92 0.67
N VAL C 78 9.08 -5.42 1.15
CA VAL C 78 9.02 -4.41 2.21
C VAL C 78 9.23 -5.08 3.58
N VAL C 79 10.30 -4.70 4.28
CA VAL C 79 10.68 -5.23 5.59
C VAL C 79 9.95 -4.48 6.72
N LYS C 80 10.11 -3.14 6.77
CA LYS C 80 9.52 -2.28 7.80
C LYS C 80 9.38 -0.84 7.30
N VAL C 81 8.33 -0.12 7.74
CA VAL C 81 8.11 1.30 7.40
C VAL C 81 8.97 2.10 8.40
N ILE C 82 10.09 2.66 7.91
CA ILE C 82 11.06 3.40 8.74
C ILE C 82 10.69 4.88 8.91
N GLY C 83 10.01 5.46 7.92
CA GLY C 83 9.60 6.86 7.97
C GLY C 83 8.27 7.14 7.28
N ARG C 84 7.73 8.35 7.52
CA ARG C 84 6.46 8.84 6.96
C ARG C 84 6.52 10.35 6.77
N GLY C 85 6.17 10.79 5.56
CA GLY C 85 6.15 12.20 5.18
C GLY C 85 4.77 12.69 4.84
N ALA C 86 4.68 13.90 4.26
CA ALA C 86 3.43 14.54 3.87
C ALA C 86 2.68 13.82 2.73
N PHE C 87 3.41 13.43 1.66
CA PHE C 87 2.86 12.76 0.48
C PHE C 87 3.23 11.28 0.35
N GLY C 88 3.93 10.74 1.33
CA GLY C 88 4.33 9.33 1.27
C GLY C 88 5.01 8.81 2.51
N GLU C 89 5.86 7.79 2.32
CA GLU C 89 6.57 7.10 3.38
C GLU C 89 7.91 6.53 2.91
N VAL C 90 8.80 6.20 3.86
CA VAL C 90 10.09 5.58 3.58
C VAL C 90 10.04 4.16 4.15
N GLN C 91 10.31 3.16 3.31
CA GLN C 91 10.27 1.76 3.71
C GLN C 91 11.64 1.12 3.55
N LEU C 92 11.99 0.20 4.47
CA LEU C 92 13.22 -0.56 4.37
C LEU C 92 12.90 -1.73 3.44
N VAL C 93 13.55 -1.78 2.26
CA VAL C 93 13.28 -2.81 1.27
C VAL C 93 14.51 -3.64 0.93
N ARG C 94 14.27 -4.86 0.41
CA ARG C 94 15.28 -5.79 -0.06
C ARG C 94 14.86 -6.18 -1.47
N HIS C 95 15.74 -5.94 -2.47
CA HIS C 95 15.45 -6.30 -3.86
C HIS C 95 15.48 -7.82 -3.95
N LYS C 96 14.34 -8.43 -4.30
CA LYS C 96 14.14 -9.88 -4.36
C LYS C 96 15.20 -10.67 -5.15
N SER C 97 15.72 -10.11 -6.26
CA SER C 97 16.73 -10.78 -7.09
C SER C 97 18.16 -10.64 -6.55
N THR C 98 18.64 -9.40 -6.34
CA THR C 98 20.00 -9.11 -5.88
C THR C 98 20.22 -9.32 -4.37
N ARG C 99 19.12 -9.26 -3.59
CA ARG C 99 19.05 -9.39 -2.12
C ARG C 99 19.71 -8.19 -1.42
N LYS C 100 19.88 -7.08 -2.16
CA LYS C 100 20.47 -5.82 -1.68
C LYS C 100 19.46 -5.05 -0.84
N VAL C 101 19.92 -4.44 0.27
CA VAL C 101 19.10 -3.67 1.19
C VAL C 101 19.13 -2.18 0.85
N TYR C 102 17.94 -1.59 0.64
CA TYR C 102 17.75 -0.18 0.29
C TYR C 102 16.67 0.50 1.15
N ALA C 103 16.57 1.83 1.05
CA ALA C 103 15.55 2.66 1.69
C ALA C 103 14.72 3.22 0.52
N MET C 104 13.43 2.86 0.44
CA MET C 104 12.57 3.30 -0.65
C MET C 104 11.51 4.31 -0.22
N LYS C 105 11.58 5.50 -0.84
CA LYS C 105 10.65 6.61 -0.62
C LYS C 105 9.54 6.53 -1.65
N LEU C 106 8.29 6.59 -1.17
CA LEU C 106 7.10 6.56 -2.01
C LEU C 106 6.44 7.92 -2.00
N LEU C 107 5.94 8.38 -3.15
CA LEU C 107 5.24 9.66 -3.25
C LEU C 107 3.91 9.44 -3.96
N SER C 108 2.80 9.81 -3.30
CA SER C 108 1.45 9.66 -3.82
C SER C 108 1.18 10.63 -4.98
N LYS C 109 0.90 10.06 -6.17
CA LYS C 109 0.58 10.85 -7.36
C LYS C 109 -0.75 11.59 -7.20
N PHE C 110 -1.73 10.98 -6.48
CA PHE C 110 -3.01 11.62 -6.23
C PHE C 110 -2.84 12.85 -5.38
N GLU C 111 -2.07 12.74 -4.28
CA GLU C 111 -1.82 13.85 -3.36
C GLU C 111 -1.11 15.02 -4.04
N MET C 112 -0.23 14.74 -5.00
CA MET C 112 0.51 15.75 -5.78
C MET C 112 -0.39 16.50 -6.78
N ILE C 113 -1.29 15.77 -7.49
CA ILE C 113 -2.22 16.33 -8.47
C ILE C 113 -3.26 17.22 -7.78
N LYS C 114 -3.83 16.73 -6.66
CA LYS C 114 -4.83 17.42 -5.84
C LYS C 114 -4.27 18.75 -5.27
N ARG C 115 -3.13 18.68 -4.57
CA ARG C 115 -2.48 19.82 -3.90
C ARG C 115 -1.65 20.72 -4.82
N SER C 116 -1.57 20.38 -6.13
CA SER C 116 -0.83 21.12 -7.18
C SER C 116 0.70 21.19 -6.95
N ASP C 117 1.23 20.39 -6.00
CA ASP C 117 2.67 20.28 -5.68
C ASP C 117 3.25 19.13 -6.51
N SER C 118 3.34 19.29 -7.84
CA SER C 118 3.83 18.23 -8.73
C SER C 118 5.16 18.59 -9.44
N ALA C 119 6.06 19.28 -8.73
CA ALA C 119 7.35 19.71 -9.26
C ALA C 119 8.53 19.68 -8.27
N PHE C 120 8.25 19.55 -6.96
CA PHE C 120 9.27 19.54 -5.88
C PHE C 120 10.30 18.40 -5.99
N PHE C 121 9.88 17.23 -6.51
CA PHE C 121 10.69 16.03 -6.62
C PHE C 121 11.83 16.12 -7.64
N TRP C 122 11.71 16.99 -8.67
CA TRP C 122 12.71 17.16 -9.72
C TRP C 122 14.10 17.53 -9.17
N GLU C 123 14.14 18.47 -8.20
CA GLU C 123 15.39 18.89 -7.55
C GLU C 123 15.90 17.86 -6.53
N GLU C 124 14.99 17.07 -5.94
CA GLU C 124 15.37 16.00 -5.00
C GLU C 124 16.00 14.85 -5.79
N ARG C 125 15.52 14.62 -7.03
CA ARG C 125 15.98 13.59 -7.96
C ARG C 125 17.41 13.91 -8.45
N ASP C 126 17.60 15.10 -9.05
CA ASP C 126 18.87 15.58 -9.59
C ASP C 126 19.98 15.68 -8.56
N ILE C 127 19.68 16.15 -7.32
CA ILE C 127 20.66 16.30 -6.25
C ILE C 127 21.16 14.91 -5.81
N MET C 128 20.25 13.99 -5.47
CA MET C 128 20.60 12.65 -5.01
C MET C 128 21.27 11.75 -6.06
N ALA C 129 20.81 11.82 -7.33
CA ALA C 129 21.34 11.00 -8.43
C ALA C 129 22.68 11.46 -9.01
N PHE C 130 22.90 12.78 -9.10
CA PHE C 130 24.12 13.32 -9.70
C PHE C 130 25.03 14.11 -8.72
N ALA C 131 24.93 13.86 -7.39
CA ALA C 131 25.74 14.54 -6.36
C ALA C 131 27.18 14.10 -6.35
N ASN C 132 27.42 12.78 -6.27
CA ASN C 132 28.74 12.14 -6.19
C ASN C 132 29.55 12.68 -4.98
N SER C 133 28.84 12.89 -3.85
CA SER C 133 29.38 13.41 -2.60
C SER C 133 29.00 12.50 -1.42
N PRO C 134 29.90 12.28 -0.41
CA PRO C 134 29.53 11.42 0.72
C PRO C 134 28.51 12.07 1.66
N TRP C 135 28.34 13.40 1.53
CA TRP C 135 27.42 14.22 2.32
C TRP C 135 25.97 14.17 1.84
N VAL C 136 25.71 13.49 0.72
CA VAL C 136 24.37 13.34 0.13
C VAL C 136 24.01 11.86 0.02
N VAL C 137 22.79 11.49 0.48
CA VAL C 137 22.25 10.13 0.40
C VAL C 137 22.07 9.83 -1.10
N GLN C 138 22.72 8.75 -1.57
CA GLN C 138 22.72 8.34 -2.97
C GLN C 138 21.39 7.76 -3.43
N LEU C 139 20.99 8.08 -4.67
CA LEU C 139 19.80 7.54 -5.33
C LEU C 139 20.30 6.55 -6.38
N PHE C 140 19.93 5.28 -6.22
CA PHE C 140 20.37 4.22 -7.14
C PHE C 140 19.38 4.04 -8.28
N TYR C 141 18.07 3.98 -7.97
CA TYR C 141 17.02 3.82 -8.97
C TYR C 141 15.82 4.68 -8.66
N ALA C 142 15.19 5.22 -9.70
CA ALA C 142 13.99 6.03 -9.62
C ALA C 142 13.02 5.47 -10.65
N PHE C 143 11.83 5.02 -10.21
CA PHE C 143 10.81 4.45 -11.07
C PHE C 143 9.41 4.90 -10.65
N GLN C 144 8.37 4.51 -11.42
CA GLN C 144 7.00 4.91 -11.16
C GLN C 144 5.96 3.96 -11.74
N ASP C 145 4.72 4.08 -11.25
CA ASP C 145 3.54 3.37 -11.74
C ASP C 145 2.38 4.38 -11.76
N ASP C 146 1.14 3.92 -11.98
CA ASP C 146 -0.03 4.82 -12.04
C ASP C 146 -0.40 5.43 -10.68
N ARG C 147 0.12 4.85 -9.58
CA ARG C 147 -0.18 5.29 -8.22
C ARG C 147 0.93 6.09 -7.53
N TYR C 148 2.19 5.63 -7.63
CA TYR C 148 3.29 6.29 -6.92
C TYR C 148 4.56 6.55 -7.72
N LEU C 149 5.45 7.37 -7.11
CA LEU C 149 6.80 7.66 -7.55
C LEU C 149 7.68 6.92 -6.53
N TYR C 150 8.72 6.22 -7.00
CA TYR C 150 9.58 5.45 -6.13
C TYR C 150 11.02 5.92 -6.22
N MET C 151 11.68 6.02 -5.06
CA MET C 151 13.07 6.44 -4.98
C MET C 151 13.88 5.44 -4.17
N VAL C 152 14.54 4.50 -4.87
CA VAL C 152 15.37 3.45 -4.28
C VAL C 152 16.71 4.09 -3.93
N MET C 153 16.91 4.38 -2.63
CA MET C 153 18.09 5.07 -2.12
C MET C 153 18.94 4.24 -1.16
N GLU C 154 20.06 4.83 -0.73
CA GLU C 154 21.03 4.33 0.22
C GLU C 154 20.36 4.29 1.60
N TYR C 155 20.42 3.14 2.28
CA TYR C 155 19.82 3.02 3.62
C TYR C 155 20.77 3.51 4.69
N MET C 156 20.23 4.32 5.62
CA MET C 156 20.96 4.93 6.73
C MET C 156 20.65 4.17 8.03
N PRO C 157 21.48 3.19 8.43
CA PRO C 157 21.15 2.40 9.64
C PRO C 157 21.34 3.12 10.97
N GLY C 158 22.11 4.21 10.96
CA GLY C 158 22.38 5.01 12.16
C GLY C 158 21.20 5.84 12.62
N GLY C 159 20.26 6.09 11.71
CA GLY C 159 19.04 6.86 11.97
C GLY C 159 19.23 8.36 11.90
N ASP C 160 18.13 9.09 12.15
CA ASP C 160 18.07 10.55 12.15
C ASP C 160 18.68 11.16 13.43
N LEU C 161 19.02 12.46 13.37
CA LEU C 161 19.61 13.17 14.51
C LEU C 161 18.58 13.52 15.60
N VAL C 162 17.27 13.49 15.25
CA VAL C 162 16.15 13.73 16.18
C VAL C 162 16.16 12.60 17.22
N ASN C 163 16.35 11.36 16.76
CA ASN C 163 16.44 10.16 17.61
C ASN C 163 17.69 10.22 18.49
N LEU C 164 18.81 10.77 17.96
CA LEU C 164 20.09 10.89 18.68
C LEU C 164 19.95 11.82 19.88
N MET C 165 19.37 13.02 19.68
CA MET C 165 19.15 14.04 20.71
C MET C 165 18.16 13.56 21.77
N SER C 166 17.21 12.69 21.37
CA SER C 166 16.20 12.13 22.26
C SER C 166 16.76 10.99 23.10
N ASN C 167 17.70 10.20 22.56
CA ASN C 167 18.32 9.05 23.22
C ASN C 167 19.67 9.37 23.93
N TYR C 168 20.24 10.56 23.69
CA TYR C 168 21.52 10.96 24.30
C TYR C 168 21.50 12.42 24.76
N ASP C 169 22.17 12.69 25.90
CA ASP C 169 22.35 14.04 26.44
C ASP C 169 23.65 14.53 25.77
N VAL C 170 23.49 15.11 24.55
CA VAL C 170 24.56 15.56 23.65
C VAL C 170 25.51 16.60 24.30
N PRO C 171 26.80 16.23 24.52
CA PRO C 171 27.77 17.20 25.05
C PRO C 171 28.30 18.12 23.94
N GLU C 172 29.10 19.14 24.31
CA GLU C 172 29.67 20.11 23.36
C GLU C 172 30.62 19.46 22.35
N LYS C 173 31.39 18.44 22.78
CA LYS C 173 32.35 17.70 21.95
C LYS C 173 31.65 17.05 20.73
N TRP C 174 30.45 16.47 20.97
CA TRP C 174 29.61 15.83 19.96
C TRP C 174 28.98 16.89 19.06
N ALA C 175 28.43 17.96 19.69
CA ALA C 175 27.79 19.10 19.01
C ALA C 175 28.75 19.77 18.03
N ARG C 176 30.05 19.88 18.40
CA ARG C 176 31.11 20.45 17.57
C ARG C 176 31.31 19.63 16.30
N PHE C 177 31.26 18.28 16.43
CA PHE C 177 31.43 17.34 15.32
C PHE C 177 30.28 17.43 14.31
N TYR C 178 29.04 17.18 14.77
CA TYR C 178 27.84 17.15 13.91
C TYR C 178 27.54 18.49 13.25
N THR C 179 27.86 19.62 13.89
CA THR C 179 27.66 20.96 13.31
C THR C 179 28.61 21.15 12.12
N ALA C 180 29.90 20.78 12.31
CA ALA C 180 30.95 20.86 11.30
C ALA C 180 30.64 19.99 10.07
N GLU C 181 29.98 18.83 10.29
CA GLU C 181 29.57 17.92 9.23
C GLU C 181 28.45 18.56 8.38
N VAL C 182 27.47 19.22 9.04
CA VAL C 182 26.36 19.94 8.41
C VAL C 182 26.91 21.09 7.57
N VAL C 183 27.92 21.82 8.10
CA VAL C 183 28.60 22.93 7.42
C VAL C 183 29.24 22.42 6.12
N LEU C 184 30.00 21.31 6.20
CA LEU C 184 30.64 20.70 5.03
C LEU C 184 29.62 20.15 4.04
N ALA C 185 28.49 19.61 4.56
CA ALA C 185 27.40 19.05 3.76
C ALA C 185 26.68 20.13 2.97
N LEU C 186 26.37 21.26 3.62
CA LEU C 186 25.68 22.39 2.99
C LEU C 186 26.54 23.06 1.93
N ASP C 187 27.87 23.14 2.18
CA ASP C 187 28.83 23.71 1.25
C ASP C 187 28.87 22.92 -0.06
N ALA C 188 28.69 21.58 0.04
CA ALA C 188 28.65 20.68 -1.10
C ALA C 188 27.39 20.92 -1.95
N ILE C 189 26.26 21.23 -1.28
CA ILE C 189 24.97 21.52 -1.93
C ILE C 189 25.04 22.91 -2.60
N HIS C 190 25.73 23.87 -1.95
CA HIS C 190 25.93 25.23 -2.49
C HIS C 190 26.83 25.17 -3.73
N SER C 191 27.81 24.24 -3.73
CA SER C 191 28.76 24.03 -4.82
C SER C 191 28.05 23.58 -6.11
N MET C 192 26.95 22.83 -5.97
CA MET C 192 26.12 22.37 -7.09
C MET C 192 25.17 23.47 -7.57
N GLY C 193 25.09 24.56 -6.80
CA GLY C 193 24.21 25.69 -7.09
C GLY C 193 22.83 25.45 -6.55
N PHE C 194 22.74 25.07 -5.26
CA PHE C 194 21.47 24.80 -4.59
C PHE C 194 21.44 25.31 -3.15
N ILE C 195 20.26 25.78 -2.72
CA ILE C 195 20.00 26.28 -1.36
C ILE C 195 18.90 25.40 -0.76
N HIS C 196 19.23 24.68 0.32
CA HIS C 196 18.35 23.73 1.03
C HIS C 196 17.00 24.31 1.44
N ARG C 197 16.99 25.54 1.99
CA ARG C 197 15.80 26.29 2.48
C ARG C 197 15.09 25.62 3.68
N ASP C 198 15.57 24.44 4.16
CA ASP C 198 15.01 23.71 5.30
C ASP C 198 16.02 22.74 5.91
N VAL C 199 17.00 23.29 6.63
CA VAL C 199 18.03 22.48 7.30
C VAL C 199 17.50 22.17 8.70
N LYS C 200 17.25 20.88 8.98
CA LYS C 200 16.72 20.41 10.27
C LYS C 200 17.25 19.00 10.65
N PRO C 201 17.31 18.63 11.96
CA PRO C 201 17.81 17.30 12.34
C PRO C 201 17.05 16.10 11.76
N ASP C 202 15.79 16.31 11.31
CA ASP C 202 14.95 15.27 10.70
C ASP C 202 15.51 14.88 9.33
N ASN C 203 16.12 15.84 8.62
CA ASN C 203 16.71 15.67 7.28
C ASN C 203 18.16 15.15 7.33
N MET C 204 18.79 15.21 8.52
CA MET C 204 20.17 14.75 8.75
C MET C 204 20.14 13.29 9.18
N LEU C 205 20.74 12.41 8.37
CA LEU C 205 20.79 10.97 8.66
C LEU C 205 22.21 10.44 8.80
N LEU C 206 22.38 9.37 9.60
CA LEU C 206 23.69 8.76 9.86
C LEU C 206 23.85 7.38 9.22
N ASP C 207 25.03 7.12 8.64
CA ASP C 207 25.36 5.84 7.99
C ASP C 207 25.83 4.77 9.00
N LYS C 208 26.38 3.63 8.51
CA LYS C 208 26.87 2.54 9.34
C LYS C 208 28.04 2.92 10.26
N SER C 209 28.80 3.98 9.88
CA SER C 209 29.95 4.49 10.62
C SER C 209 29.59 5.58 11.63
N GLY C 210 28.39 6.15 11.50
CA GLY C 210 27.90 7.22 12.36
C GLY C 210 28.16 8.61 11.84
N HIS C 211 28.43 8.73 10.52
CA HIS C 211 28.69 10.01 9.84
C HIS C 211 27.46 10.59 9.16
N LEU C 212 27.29 11.91 9.28
CA LEU C 212 26.16 12.68 8.76
C LEU C 212 26.16 12.82 7.24
N LYS C 213 24.94 12.82 6.67
CA LYS C 213 24.63 13.06 5.27
C LYS C 213 23.16 13.46 5.09
N LEU C 214 22.92 14.58 4.37
CA LEU C 214 21.59 15.14 4.13
C LEU C 214 20.72 14.26 3.23
N ALA C 215 19.39 14.26 3.46
CA ALA C 215 18.49 13.39 2.71
C ALA C 215 17.26 14.06 2.06
N ASP C 216 16.46 14.84 2.82
CA ASP C 216 15.24 15.44 2.26
C ASP C 216 15.59 16.68 1.45
N PHE C 217 15.26 16.66 0.14
CA PHE C 217 15.58 17.78 -0.76
C PHE C 217 14.38 18.36 -1.54
N GLY C 218 13.19 18.22 -0.98
CA GLY C 218 11.96 18.73 -1.57
C GLY C 218 11.83 20.24 -1.45
N THR C 219 12.58 20.85 -0.51
CA THR C 219 12.60 22.29 -0.21
C THR C 219 13.69 23.06 -0.97
N CYS C 220 14.60 22.34 -1.65
CA CYS C 220 15.70 22.91 -2.42
C CYS C 220 15.24 23.70 -3.64
N MET C 221 16.03 24.70 -4.06
CA MET C 221 15.77 25.52 -5.23
C MET C 221 17.07 25.85 -5.95
N LYS C 222 17.08 25.70 -7.30
CA LYS C 222 18.26 25.94 -8.15
C LYS C 222 18.70 27.40 -8.14
N MET C 223 19.85 27.66 -7.49
CA MET C 223 20.47 28.97 -7.33
C MET C 223 20.90 29.55 -8.69
N ASN C 224 20.74 30.88 -8.86
CA ASN C 224 21.09 31.59 -10.10
C ASN C 224 22.59 31.96 -10.17
N LYS C 225 22.99 32.72 -11.22
CA LYS C 225 24.35 33.18 -11.44
C LYS C 225 24.85 34.18 -10.39
N GLU C 226 23.92 34.99 -9.83
CA GLU C 226 24.20 35.99 -8.79
C GLU C 226 24.51 35.35 -7.43
N GLY C 227 23.94 34.18 -7.18
CA GLY C 227 24.09 33.42 -5.95
C GLY C 227 22.91 33.60 -5.01
N MET C 228 21.70 33.68 -5.59
CA MET C 228 20.44 33.89 -4.85
C MET C 228 19.27 33.06 -5.40
N VAL C 229 18.15 33.05 -4.65
CA VAL C 229 16.90 32.37 -4.99
C VAL C 229 15.74 33.33 -4.74
N ARG C 230 14.97 33.65 -5.80
CA ARG C 230 13.82 34.53 -5.75
C ARG C 230 12.64 33.72 -5.21
N CYS C 231 12.16 34.06 -4.00
CA CYS C 231 11.08 33.34 -3.34
C CYS C 231 9.95 34.26 -2.84
N ASP C 232 8.72 33.72 -2.83
CA ASP C 232 7.50 34.40 -2.37
C ASP C 232 6.68 33.49 -1.43
N THR C 233 6.61 32.18 -1.77
CA THR C 233 5.90 31.14 -1.01
C THR C 233 6.58 30.85 0.34
N ALA C 234 5.80 30.33 1.31
CA ALA C 234 6.30 29.98 2.64
C ALA C 234 6.67 28.49 2.74
N VAL C 235 7.96 28.18 2.52
CA VAL C 235 8.54 26.83 2.54
C VAL C 235 9.31 26.54 3.86
N GLY C 236 9.59 25.27 4.12
CA GLY C 236 10.34 24.84 5.30
C GLY C 236 9.51 24.56 6.53
N THR C 237 10.20 24.41 7.68
CA THR C 237 9.58 24.14 8.98
C THR C 237 9.40 25.43 9.82
N PRO C 238 8.39 25.52 10.71
CA PRO C 238 8.18 26.76 11.48
C PRO C 238 9.31 27.21 12.39
N ASP C 239 9.99 26.28 13.08
CA ASP C 239 11.05 26.61 14.04
C ASP C 239 12.45 26.83 13.44
N TYR C 240 12.72 26.33 12.21
CA TYR C 240 14.03 26.46 11.56
C TYR C 240 14.09 27.49 10.42
N ILE C 241 12.94 28.14 10.09
CA ILE C 241 12.84 29.13 9.01
C ILE C 241 13.60 30.45 9.37
N SER C 242 14.29 31.02 8.36
CA SER C 242 15.05 32.27 8.44
C SER C 242 14.13 33.49 8.27
N PRO C 243 14.39 34.65 8.93
CA PRO C 243 13.48 35.81 8.79
C PRO C 243 13.41 36.41 7.39
N GLU C 244 14.51 36.28 6.61
CA GLU C 244 14.64 36.78 5.22
C GLU C 244 13.60 36.14 4.28
N VAL C 245 13.17 34.91 4.58
CA VAL C 245 12.16 34.15 3.83
C VAL C 245 10.78 34.77 4.13
N LEU C 246 10.60 35.22 5.38
CA LEU C 246 9.36 35.83 5.87
C LEU C 246 9.34 37.32 5.56
N ASP C 252 7.76 35.77 1.70
CA ASP C 252 8.22 36.70 0.66
C ASP C 252 9.60 37.27 0.96
N GLY C 253 10.44 37.33 -0.08
CA GLY C 253 11.80 37.85 0.00
C GLY C 253 12.77 37.13 -0.91
N TYR C 254 13.68 37.89 -1.52
CA TYR C 254 14.73 37.38 -2.43
C TYR C 254 16.03 37.30 -1.62
N TYR C 255 16.53 36.07 -1.40
CA TYR C 255 17.70 35.80 -0.56
C TYR C 255 18.75 34.87 -1.19
N GLY C 256 19.96 34.90 -0.63
CA GLY C 256 21.08 34.07 -1.05
C GLY C 256 21.25 32.84 -0.17
N ARG C 257 22.45 32.21 -0.22
CA ARG C 257 22.78 30.99 0.52
C ARG C 257 22.93 31.17 2.05
N GLU C 258 22.88 32.43 2.54
CA GLU C 258 23.03 32.76 3.97
C GLU C 258 21.86 32.28 4.86
N CYS C 259 20.67 32.01 4.26
CA CYS C 259 19.48 31.53 4.99
C CYS C 259 19.67 30.13 5.57
N ASP C 260 20.51 29.30 4.92
CA ASP C 260 20.81 27.93 5.35
C ASP C 260 21.64 27.94 6.64
N TRP C 261 22.53 28.95 6.78
CA TRP C 261 23.38 29.11 7.96
C TRP C 261 22.60 29.52 9.20
N TRP C 262 21.42 30.18 9.03
CA TRP C 262 20.52 30.55 10.13
C TRP C 262 20.07 29.26 10.81
N SER C 263 19.62 28.28 10.00
CA SER C 263 19.14 26.96 10.43
C SER C 263 20.21 26.13 11.15
N VAL C 264 21.50 26.38 10.86
CA VAL C 264 22.65 25.72 11.50
C VAL C 264 22.72 26.18 12.97
N GLY C 265 22.55 27.49 13.18
CA GLY C 265 22.54 28.12 14.50
C GLY C 265 21.38 27.64 15.35
N VAL C 266 20.19 27.46 14.72
CA VAL C 266 18.97 26.95 15.35
C VAL C 266 19.24 25.50 15.79
N PHE C 267 19.88 24.71 14.90
CA PHE C 267 20.26 23.31 15.12
C PHE C 267 21.26 23.16 16.27
N LEU C 268 22.30 24.04 16.30
CA LEU C 268 23.33 24.04 17.35
C LEU C 268 22.74 24.41 18.71
N TYR C 269 21.73 25.31 18.74
CA TYR C 269 21.04 25.75 19.94
C TYR C 269 20.26 24.57 20.54
N GLU C 270 19.39 23.92 19.72
CA GLU C 270 18.55 22.78 20.11
C GLU C 270 19.38 21.59 20.60
N MET C 271 20.58 21.40 20.04
CA MET C 271 21.49 20.32 20.38
C MET C 271 22.13 20.50 21.77
N LEU C 272 22.35 21.76 22.18
CA LEU C 272 22.98 22.08 23.46
C LEU C 272 22.00 22.44 24.58
N VAL C 273 20.93 23.18 24.24
CA VAL C 273 19.89 23.62 25.19
C VAL C 273 18.84 22.52 25.44
N GLY C 274 18.37 21.90 24.36
CA GLY C 274 17.35 20.84 24.42
C GLY C 274 16.06 21.22 23.73
N ASP C 275 15.84 22.54 23.55
CA ASP C 275 14.65 23.11 22.89
C ASP C 275 15.07 24.07 21.79
N THR C 276 14.18 24.30 20.80
CA THR C 276 14.41 25.23 19.70
C THR C 276 14.41 26.69 20.23
N PRO C 277 15.27 27.59 19.70
CA PRO C 277 15.33 28.96 20.26
C PRO C 277 14.06 29.79 20.15
N PHE C 278 13.26 29.58 19.10
CA PHE C 278 12.04 30.36 18.87
C PHE C 278 10.75 29.54 19.09
N TYR C 279 10.78 28.54 20.00
CA TYR C 279 9.63 27.70 20.31
C TYR C 279 8.51 28.47 21.00
N ALA C 280 7.27 28.22 20.55
CA ALA C 280 6.04 28.78 21.07
C ALA C 280 4.96 27.70 21.08
N ASP C 281 4.03 27.76 22.04
CA ASP C 281 2.94 26.78 22.19
C ASP C 281 1.92 26.83 21.05
N SER C 282 1.90 27.96 20.31
CA SER C 282 1.09 28.21 19.12
C SER C 282 2.05 28.44 17.96
N LEU C 283 1.76 27.87 16.78
CA LEU C 283 2.62 27.98 15.59
C LEU C 283 2.80 29.42 15.11
N VAL C 284 1.78 30.26 15.36
CA VAL C 284 1.77 31.69 15.00
C VAL C 284 2.78 32.47 15.83
N GLY C 285 2.94 32.08 17.11
CA GLY C 285 3.87 32.69 18.06
C GLY C 285 5.33 32.55 17.66
N THR C 286 5.67 31.41 17.03
CA THR C 286 7.02 31.10 16.54
C THR C 286 7.44 32.09 15.43
N TYR C 287 6.54 32.38 14.46
CA TYR C 287 6.82 33.30 13.36
C TYR C 287 7.10 34.75 13.82
N SER C 288 6.43 35.19 14.90
CA SER C 288 6.64 36.53 15.49
C SER C 288 7.97 36.59 16.25
N LYS C 289 8.38 35.47 16.87
CA LYS C 289 9.63 35.37 17.63
C LYS C 289 10.86 35.44 16.72
N ILE C 290 10.77 34.84 15.50
CA ILE C 290 11.84 34.82 14.49
C ILE C 290 12.12 36.26 13.99
N MET C 291 11.07 37.00 13.64
CA MET C 291 11.17 38.39 13.17
C MET C 291 11.71 39.33 14.27
N ASN C 292 11.48 38.95 15.54
CA ASN C 292 11.92 39.69 16.72
C ASN C 292 13.09 38.98 17.44
N HIS C 293 13.99 38.33 16.66
CA HIS C 293 15.15 37.60 17.16
C HIS C 293 16.12 38.45 17.99
N LYS C 294 16.12 39.78 17.76
CA LYS C 294 16.95 40.77 18.45
C LYS C 294 16.58 40.88 19.94
N ASN C 295 15.31 40.54 20.29
CA ASN C 295 14.80 40.60 21.66
C ASN C 295 14.29 39.25 22.19
N SER C 296 13.90 38.33 21.30
CA SER C 296 13.40 37.00 21.68
C SER C 296 14.53 36.02 22.06
N LEU C 297 15.76 36.31 21.60
CA LEU C 297 16.97 35.52 21.87
C LEU C 297 17.30 35.53 23.37
N THR C 298 17.04 34.38 24.03
CA THR C 298 17.29 34.21 25.47
C THR C 298 18.17 32.99 25.69
N PHE C 299 19.36 33.20 26.27
CA PHE C 299 20.34 32.15 26.54
C PHE C 299 20.32 31.64 27.99
N PRO C 300 20.07 30.32 28.19
CA PRO C 300 20.04 29.80 29.57
C PRO C 300 21.42 29.34 30.06
N ILE C 305 26.42 26.45 29.27
CA ILE C 305 27.19 26.18 28.05
C ILE C 305 28.44 27.08 27.94
N SER C 306 29.19 27.00 26.82
CA SER C 306 30.42 27.79 26.62
C SER C 306 30.18 29.10 25.89
N LYS C 307 31.10 30.08 26.10
CA LYS C 307 31.07 31.41 25.48
C LYS C 307 31.25 31.31 23.96
N GLU C 308 32.14 30.41 23.50
CA GLU C 308 32.44 30.18 22.08
C GLU C 308 31.24 29.56 21.34
N ALA C 309 30.41 28.80 22.07
CA ALA C 309 29.19 28.17 21.55
C ALA C 309 28.13 29.26 21.35
N LYS C 310 27.97 30.16 22.35
CA LYS C 310 27.05 31.30 22.35
C LYS C 310 27.38 32.27 21.22
N ASN C 311 28.70 32.52 20.99
CA ASN C 311 29.22 33.41 19.95
C ASN C 311 28.84 32.94 18.55
N LEU C 312 28.84 31.60 18.32
CA LEU C 312 28.49 31.00 17.04
C LEU C 312 27.00 31.07 16.74
N ILE C 313 26.15 30.76 17.75
CA ILE C 313 24.69 30.79 17.64
C ILE C 313 24.22 32.20 17.29
N CYS C 314 24.77 33.22 17.98
CA CYS C 314 24.46 34.64 17.75
C CYS C 314 24.98 35.16 16.42
N ALA C 315 26.07 34.58 15.89
CA ALA C 315 26.69 34.93 14.61
C ALA C 315 25.78 34.54 13.44
N PHE C 316 25.00 33.46 13.61
CA PHE C 316 24.04 32.97 12.63
C PHE C 316 22.62 33.48 12.89
N LEU C 317 22.26 33.69 14.18
CA LEU C 317 20.94 34.17 14.57
C LEU C 317 20.84 35.71 14.60
N THR C 318 21.16 36.33 13.44
CA THR C 318 21.11 37.79 13.18
C THR C 318 20.54 38.07 11.77
N ASP C 319 20.40 39.36 11.40
CA ASP C 319 19.86 39.79 10.10
C ASP C 319 20.75 39.46 8.89
N ARG C 320 20.16 39.48 7.67
CA ARG C 320 20.81 39.18 6.39
C ARG C 320 21.89 40.22 6.00
N GLU C 321 21.74 41.47 6.47
CA GLU C 321 22.64 42.59 6.21
C GLU C 321 24.07 42.34 6.70
N VAL C 322 24.22 41.79 7.92
CA VAL C 322 25.51 41.45 8.54
C VAL C 322 25.38 40.16 9.38
N ARG C 323 25.90 39.03 8.84
CA ARG C 323 25.85 37.70 9.47
C ARG C 323 27.05 36.84 9.08
N LEU C 324 27.35 35.80 9.89
CA LEU C 324 28.48 34.90 9.62
C LEU C 324 28.18 33.95 8.47
N GLY C 325 29.03 34.00 7.45
CA GLY C 325 28.91 33.17 6.26
C GLY C 325 28.39 33.89 5.02
N ARG C 326 28.29 35.23 5.07
CA ARG C 326 27.81 36.05 3.96
C ARG C 326 28.80 36.09 2.79
N ASN C 327 30.11 36.21 3.09
CA ASN C 327 31.16 36.27 2.08
C ASN C 327 31.60 34.86 1.62
N GLY C 328 31.90 33.98 2.57
CA GLY C 328 32.33 32.62 2.30
C GLY C 328 32.17 31.63 3.43
N VAL C 329 32.38 30.34 3.12
CA VAL C 329 32.27 29.22 4.07
C VAL C 329 33.49 29.18 5.02
N GLU C 330 34.65 29.72 4.59
CA GLU C 330 35.90 29.76 5.35
C GLU C 330 35.80 30.53 6.67
N GLU C 331 34.97 31.61 6.72
CA GLU C 331 34.80 32.39 7.96
C GLU C 331 34.04 31.60 9.05
N ILE C 332 33.22 30.62 8.63
CA ILE C 332 32.48 29.72 9.54
C ILE C 332 33.50 28.72 10.10
N LYS C 333 34.33 28.12 9.22
CA LYS C 333 35.37 27.14 9.55
C LYS C 333 36.45 27.71 10.48
N ARG C 334 36.80 29.01 10.30
CA ARG C 334 37.83 29.70 11.07
C ARG C 334 37.35 30.22 12.45
N HIS C 335 36.12 29.85 12.88
CA HIS C 335 35.59 30.26 14.18
C HIS C 335 36.29 29.49 15.31
N LEU C 336 36.51 30.15 16.47
CA LEU C 336 37.17 29.60 17.65
C LEU C 336 36.49 28.35 18.25
N PHE C 337 35.17 28.17 18.00
CA PHE C 337 34.41 27.02 18.47
C PHE C 337 34.86 25.72 17.78
N PHE C 338 35.24 25.81 16.48
CA PHE C 338 35.68 24.65 15.70
C PHE C 338 37.15 24.25 15.93
N LYS C 339 37.90 25.05 16.74
CA LYS C 339 39.30 24.74 17.07
C LYS C 339 39.29 23.61 18.09
N ASN C 340 39.80 22.43 17.67
CA ASN C 340 39.84 21.23 18.50
C ASN C 340 41.08 20.35 18.20
N ASP C 341 41.39 19.44 19.14
CA ASP C 341 42.53 18.53 19.06
C ASP C 341 42.17 17.21 18.36
N GLN C 342 40.85 16.88 18.32
CA GLN C 342 40.31 15.63 17.77
C GLN C 342 40.39 15.50 16.24
N TRP C 343 39.73 16.41 15.49
CA TRP C 343 39.63 16.36 14.02
C TRP C 343 40.10 17.62 13.30
N ALA C 344 40.20 17.52 11.95
CA ALA C 344 40.57 18.59 11.01
C ALA C 344 39.45 18.71 9.97
N TRP C 345 39.26 19.92 9.40
CA TRP C 345 38.22 20.23 8.41
C TRP C 345 38.36 19.48 7.09
N GLU C 346 39.60 19.16 6.68
CA GLU C 346 39.91 18.45 5.43
C GLU C 346 39.73 16.93 5.55
N THR C 347 39.79 16.39 6.78
CA THR C 347 39.68 14.95 7.04
C THR C 347 38.69 14.66 8.21
N LEU C 348 37.54 15.38 8.23
CA LEU C 348 36.49 15.23 9.26
C LEU C 348 35.69 13.94 9.13
N ARG C 349 35.29 13.55 7.90
CA ARG C 349 34.50 12.35 7.66
C ARG C 349 35.31 11.05 7.80
N ASP C 350 36.65 11.16 7.86
CA ASP C 350 37.55 10.03 8.00
C ASP C 350 37.86 9.69 9.48
N THR C 351 37.56 10.63 10.41
CA THR C 351 37.75 10.43 11.85
C THR C 351 36.60 9.61 12.45
N VAL C 352 36.79 9.07 13.67
CA VAL C 352 35.79 8.27 14.39
C VAL C 352 34.63 9.16 14.84
N ALA C 353 33.38 8.73 14.54
CA ALA C 353 32.15 9.42 14.90
C ALA C 353 31.86 9.30 16.42
N PRO C 354 31.13 10.26 17.06
CA PRO C 354 30.84 10.13 18.50
C PRO C 354 30.03 8.88 18.86
N VAL C 355 29.02 8.58 18.02
CA VAL C 355 28.16 7.39 18.17
C VAL C 355 28.25 6.56 16.89
N VAL C 356 28.65 5.30 17.03
CA VAL C 356 28.74 4.36 15.91
C VAL C 356 27.62 3.33 16.09
N PRO C 357 26.69 3.18 15.11
CA PRO C 357 25.56 2.25 15.30
C PRO C 357 25.96 0.78 15.40
N ASP C 358 25.50 0.10 16.47
CA ASP C 358 25.74 -1.32 16.74
C ASP C 358 24.69 -2.10 15.95
N LEU C 359 25.10 -2.65 14.79
CA LEU C 359 24.21 -3.36 13.88
C LEU C 359 24.42 -4.86 13.90
N SER C 360 23.35 -5.61 14.19
CA SER C 360 23.33 -7.07 14.27
C SER C 360 23.10 -7.72 12.90
N SER C 361 22.29 -7.07 12.05
CA SER C 361 21.93 -7.58 10.71
C SER C 361 21.86 -6.45 9.68
N ASP C 362 21.79 -6.82 8.39
CA ASP C 362 21.68 -5.89 7.26
C ASP C 362 20.32 -5.18 7.21
N ILE C 363 19.34 -5.69 7.98
CA ILE C 363 17.98 -5.15 8.09
C ILE C 363 17.65 -4.67 9.53
N ASP C 364 18.69 -4.21 10.26
CA ASP C 364 18.57 -3.70 11.63
C ASP C 364 17.87 -2.34 11.62
N THR C 365 16.76 -2.21 12.37
CA THR C 365 15.95 -0.99 12.44
C THR C 365 15.77 -0.47 13.88
N SER C 366 16.79 -0.70 14.74
CA SER C 366 16.78 -0.26 16.15
C SER C 366 16.80 1.26 16.29
N ASN C 367 17.49 1.96 15.36
CA ASN C 367 17.62 3.43 15.37
C ASN C 367 16.38 4.16 14.81
N PHE C 368 15.45 3.43 14.18
CA PHE C 368 14.20 3.99 13.65
C PHE C 368 13.04 3.57 14.54
N ASP C 369 12.31 4.54 15.13
CA ASP C 369 11.17 4.27 16.00
C ASP C 369 9.96 3.77 15.22
N ASP C 370 9.29 2.71 15.74
CA ASP C 370 8.14 2.01 15.17
C ASP C 370 7.02 2.93 14.68
N LEU C 371 6.40 2.55 13.55
CA LEU C 371 5.30 3.29 12.92
C LEU C 371 4.20 2.34 12.44
N GLU C 372 2.95 2.81 12.53
CA GLU C 372 1.73 2.10 12.14
C GLU C 372 1.50 2.11 10.62
N GLU C 373 0.83 1.06 10.10
CA GLU C 373 0.52 0.91 8.67
C GLU C 373 -0.50 1.95 8.20
N ASP C 374 -1.50 2.27 9.08
CA ASP C 374 -2.57 3.25 8.87
C ASP C 374 -3.31 3.06 7.53
N GLU C 377 -9.81 3.82 2.58
CA GLU C 377 -9.04 4.97 3.07
C GLU C 377 -8.04 5.51 2.04
N GLU C 378 -7.56 4.65 1.12
CA GLU C 378 -6.59 4.99 0.06
C GLU C 378 -7.27 5.79 -1.08
N GLU C 379 -6.98 7.10 -1.15
CA GLU C 379 -7.52 8.01 -2.16
C GLU C 379 -6.91 7.72 -3.52
N THR C 380 -7.75 7.61 -4.55
CA THR C 380 -7.33 7.30 -5.93
C THR C 380 -8.06 8.18 -6.96
N PHE C 381 -7.44 8.38 -8.13
CA PHE C 381 -7.98 9.19 -9.23
C PHE C 381 -9.26 8.57 -9.77
N PRO C 382 -10.35 9.36 -9.97
CA PRO C 382 -11.57 8.78 -10.55
C PRO C 382 -11.40 8.47 -12.05
N ILE C 383 -12.28 7.59 -12.59
CA ILE C 383 -12.26 7.21 -14.00
C ILE C 383 -12.65 8.44 -14.83
N PRO C 384 -11.80 8.87 -15.79
CA PRO C 384 -12.11 10.11 -16.54
C PRO C 384 -13.15 9.95 -17.63
N LYS C 385 -13.97 11.00 -17.81
CA LYS C 385 -15.03 11.09 -18.82
C LYS C 385 -14.48 11.67 -20.13
N ALA C 386 -13.25 12.22 -20.06
CA ALA C 386 -12.47 12.83 -21.15
C ALA C 386 -10.99 12.90 -20.72
N PHE C 387 -10.06 13.12 -21.68
CA PHE C 387 -8.62 13.20 -21.38
C PHE C 387 -8.26 14.26 -20.34
N VAL C 388 -7.54 13.83 -19.30
CA VAL C 388 -7.12 14.70 -18.20
C VAL C 388 -5.59 14.75 -18.08
N GLY C 389 -4.93 13.64 -18.42
CA GLY C 389 -3.48 13.50 -18.41
C GLY C 389 -2.83 13.65 -17.04
N ASN C 390 -3.32 12.89 -16.05
CA ASN C 390 -2.81 12.94 -14.68
C ASN C 390 -1.39 12.40 -14.51
N GLN C 391 -0.91 11.60 -15.48
CA GLN C 391 0.44 11.00 -15.45
C GLN C 391 1.50 11.88 -16.15
N LEU C 392 1.05 12.93 -16.87
CA LEU C 392 1.91 13.86 -17.62
C LEU C 392 2.93 14.65 -16.75
N PRO C 393 2.61 15.20 -15.56
CA PRO C 393 3.65 15.93 -14.78
C PRO C 393 4.75 15.06 -14.16
N PHE C 394 4.67 13.74 -14.39
CA PHE C 394 5.60 12.73 -13.87
C PHE C 394 6.46 12.07 -14.94
N VAL C 395 6.21 12.41 -16.24
CA VAL C 395 6.96 11.90 -17.40
C VAL C 395 8.42 12.39 -17.32
N GLY C 396 9.35 11.44 -17.31
CA GLY C 396 10.78 11.75 -17.25
C GLY C 396 11.42 11.58 -15.89
N PHE C 397 10.69 10.97 -14.94
CA PHE C 397 11.19 10.73 -13.59
C PHE C 397 12.08 9.48 -13.50
N THR C 398 11.86 8.48 -14.38
CA THR C 398 12.60 7.21 -14.38
C THR C 398 14.10 7.44 -14.61
N TYR C 399 14.92 6.93 -13.68
CA TYR C 399 16.37 7.02 -13.70
C TYR C 399 16.99 5.68 -13.34
N TYR C 400 18.13 5.36 -13.96
CA TYR C 400 18.90 4.15 -13.69
C TYR C 400 20.39 4.49 -13.54
N SER C 401 21.01 4.00 -12.46
CA SER C 401 22.43 4.19 -12.22
C SER C 401 23.24 3.06 -12.87
N ASN C 402 22.55 1.95 -13.24
CA ASN C 402 23.12 0.77 -13.90
C ASN C 402 22.55 0.59 -15.31
N SER D 6 15.66 -12.65 -13.48
CA SER D 6 16.94 -12.03 -13.17
C SER D 6 16.94 -10.53 -13.50
N PHE D 7 17.58 -9.73 -12.64
CA PHE D 7 17.71 -8.27 -12.75
C PHE D 7 18.50 -7.82 -13.99
N GLU D 8 19.77 -8.26 -14.10
CA GLU D 8 20.69 -7.91 -15.19
C GLU D 8 20.24 -8.39 -16.58
N THR D 9 19.50 -9.52 -16.64
CA THR D 9 18.97 -10.07 -17.89
C THR D 9 17.77 -9.24 -18.38
N ARG D 10 17.00 -8.62 -17.45
CA ARG D 10 15.85 -7.77 -17.77
C ARG D 10 16.29 -6.46 -18.43
N PHE D 11 17.48 -5.95 -18.06
CA PHE D 11 18.05 -4.73 -18.62
C PHE D 11 18.50 -4.93 -20.06
N GLU D 12 19.10 -6.11 -20.36
CA GLU D 12 19.59 -6.47 -21.70
C GLU D 12 18.43 -6.56 -22.68
N LYS D 13 17.33 -7.24 -22.30
CA LYS D 13 16.13 -7.38 -23.13
C LYS D 13 15.49 -6.02 -23.41
N MET D 14 15.47 -5.14 -22.39
CA MET D 14 14.93 -3.78 -22.47
C MET D 14 15.81 -2.91 -23.38
N ASP D 15 17.14 -3.11 -23.32
CA ASP D 15 18.11 -2.39 -24.14
C ASP D 15 18.02 -2.80 -25.61
N ASN D 16 17.66 -4.08 -25.87
CA ASN D 16 17.48 -4.62 -27.22
C ASN D 16 16.27 -3.96 -27.88
N LEU D 17 15.16 -3.84 -27.15
CA LEU D 17 13.90 -3.22 -27.60
C LEU D 17 14.05 -1.74 -27.97
N LEU D 18 15.08 -1.07 -27.42
CA LEU D 18 15.37 0.34 -27.62
C LEU D 18 16.25 0.64 -28.83
N ARG D 19 17.19 -0.27 -29.15
CA ARG D 19 18.14 -0.12 -30.26
C ARG D 19 17.62 -0.72 -31.57
N ASP D 20 16.88 -1.85 -31.49
CA ASP D 20 16.34 -2.61 -32.62
C ASP D 20 15.54 -1.75 -33.61
N PRO D 21 15.91 -1.76 -34.91
CA PRO D 21 15.16 -0.94 -35.89
C PRO D 21 13.77 -1.47 -36.21
N LYS D 22 13.55 -2.78 -36.02
CA LYS D 22 12.25 -3.45 -36.26
C LYS D 22 11.29 -3.33 -35.07
N SER D 23 11.82 -2.89 -33.91
CA SER D 23 11.06 -2.72 -32.67
C SER D 23 10.03 -1.59 -32.72
N GLU D 24 8.84 -1.83 -32.13
CA GLU D 24 7.75 -0.85 -32.05
C GLU D 24 8.08 0.27 -31.06
N VAL D 25 8.85 -0.06 -30.01
CA VAL D 25 9.26 0.88 -28.95
C VAL D 25 10.75 1.27 -29.09
N ASN D 26 11.18 1.45 -30.36
CA ASN D 26 12.51 1.87 -30.78
C ASN D 26 12.77 3.33 -30.33
N SER D 27 14.06 3.71 -30.23
CA SER D 27 14.50 5.05 -29.81
C SER D 27 13.82 6.18 -30.61
N ASP D 28 13.79 6.08 -31.96
CA ASP D 28 13.21 7.07 -32.86
C ASP D 28 11.67 7.06 -32.83
N CYS D 29 11.07 5.92 -32.42
CA CYS D 29 9.62 5.76 -32.29
C CYS D 29 9.10 6.35 -30.99
N LEU D 30 9.95 6.37 -29.94
CA LEU D 30 9.61 6.92 -28.63
C LEU D 30 9.53 8.43 -28.66
N LEU D 31 10.38 9.09 -29.50
CA LEU D 31 10.39 10.53 -29.71
C LEU D 31 9.10 10.97 -30.40
N ASP D 32 8.57 10.12 -31.31
CA ASP D 32 7.32 10.37 -32.03
C ASP D 32 6.16 10.59 -31.08
N GLY D 33 6.18 9.86 -29.96
CA GLY D 33 5.17 9.96 -28.91
C GLY D 33 5.17 11.32 -28.26
N LEU D 34 6.36 11.78 -27.84
CA LEU D 34 6.59 13.09 -27.22
C LEU D 34 6.26 14.22 -28.19
N ASP D 35 6.59 14.02 -29.48
CA ASP D 35 6.37 14.96 -30.58
C ASP D 35 4.87 15.13 -30.88
N ALA D 36 4.13 13.99 -30.99
CA ALA D 36 2.69 13.97 -31.25
C ALA D 36 1.91 14.56 -30.08
N LEU D 37 2.38 14.29 -28.86
CA LEU D 37 1.79 14.77 -27.62
C LEU D 37 1.84 16.28 -27.55
N VAL D 38 2.99 16.89 -27.91
CA VAL D 38 3.15 18.35 -27.94
C VAL D 38 2.25 18.97 -29.01
N TYR D 39 2.17 18.33 -30.21
CA TYR D 39 1.32 18.77 -31.32
C TYR D 39 -0.16 18.82 -30.92
N ASP D 40 -0.65 17.72 -30.29
CA ASP D 40 -2.05 17.55 -29.88
C ASP D 40 -2.45 18.28 -28.60
N LEU D 41 -1.49 18.65 -27.73
CA LEU D 41 -1.81 19.32 -26.47
C LEU D 41 -1.65 20.85 -26.48
N ASP D 42 -0.76 21.40 -27.34
CA ASP D 42 -0.50 22.83 -27.38
C ASP D 42 -1.62 23.64 -28.06
N PHE D 43 -2.70 23.91 -27.30
CA PHE D 43 -3.88 24.68 -27.70
C PHE D 43 -4.44 25.39 -26.46
N PRO D 44 -4.97 26.63 -26.57
CA PRO D 44 -5.47 27.35 -25.37
C PRO D 44 -6.50 26.63 -24.51
N ALA D 45 -7.50 26.00 -25.15
CA ALA D 45 -8.58 25.26 -24.47
C ALA D 45 -8.02 24.12 -23.61
N LEU D 46 -7.04 23.37 -24.15
CA LEU D 46 -6.37 22.26 -23.49
C LEU D 46 -5.35 22.74 -22.45
N ARG D 47 -4.65 23.86 -22.72
CA ARG D 47 -3.65 24.47 -21.82
C ARG D 47 -4.25 24.94 -20.49
N LYS D 48 -5.60 25.00 -20.38
CA LYS D 48 -6.33 25.39 -19.16
C LYS D 48 -6.15 24.33 -18.08
N ASN D 49 -5.86 23.08 -18.50
CA ASN D 49 -5.61 21.93 -17.63
C ASN D 49 -4.21 22.10 -17.02
N LYS D 50 -4.14 22.09 -15.67
CA LYS D 50 -2.90 22.23 -14.91
C LYS D 50 -1.84 21.21 -15.30
N ASN D 51 -2.27 19.97 -15.61
CA ASN D 51 -1.39 18.86 -16.02
C ASN D 51 -0.80 19.07 -17.43
N ILE D 52 -1.64 19.48 -18.40
CA ILE D 52 -1.26 19.74 -19.80
C ILE D 52 -0.30 20.94 -19.88
N ASP D 53 -0.58 22.00 -19.11
CA ASP D 53 0.22 23.22 -19.05
C ASP D 53 1.63 22.96 -18.50
N ASN D 54 1.72 22.18 -17.40
CA ASN D 54 3.00 21.83 -16.76
C ASN D 54 3.86 20.91 -17.62
N PHE D 55 3.23 20.10 -18.49
CA PHE D 55 3.95 19.21 -19.41
C PHE D 55 4.57 20.04 -20.54
N LEU D 56 3.75 20.88 -21.20
CA LEU D 56 4.18 21.75 -22.31
C LEU D 56 5.26 22.75 -21.91
N SER D 57 5.13 23.38 -20.74
CA SER D 57 6.12 24.33 -20.23
C SER D 57 7.49 23.65 -19.98
N ARG D 58 7.47 22.32 -19.79
CA ARG D 58 8.64 21.50 -19.52
C ARG D 58 9.23 20.85 -20.77
N TYR D 59 8.39 20.51 -21.76
CA TYR D 59 8.88 19.79 -22.95
C TYR D 59 8.81 20.54 -24.29
N LYS D 60 7.93 21.57 -24.46
CA LYS D 60 7.80 22.28 -25.75
C LYS D 60 9.10 22.88 -26.27
N ASP D 61 9.90 23.52 -25.40
CA ASP D 61 11.17 24.15 -25.77
C ASP D 61 12.18 23.13 -26.31
N THR D 62 12.41 22.03 -25.57
CA THR D 62 13.34 20.96 -25.93
C THR D 62 12.81 20.13 -27.12
N ILE D 63 11.48 20.02 -27.30
CA ILE D 63 10.91 19.28 -28.43
C ILE D 63 11.08 20.05 -29.75
N ASN D 64 11.10 21.40 -29.67
CA ASN D 64 11.30 22.26 -30.83
C ASN D 64 12.76 22.18 -31.29
N LYS D 65 13.67 21.99 -30.35
CA LYS D 65 15.09 21.81 -30.65
C LYS D 65 15.29 20.51 -31.44
N ILE D 66 14.60 19.45 -31.01
CA ILE D 66 14.62 18.12 -31.62
C ILE D 66 14.04 18.20 -33.04
N ARG D 67 12.91 18.91 -33.20
CA ARG D 67 12.22 19.09 -34.50
C ARG D 67 13.15 19.65 -35.57
N ASP D 68 14.04 20.58 -35.17
CA ASP D 68 15.02 21.21 -36.03
C ASP D 68 16.16 20.23 -36.34
N LEU D 69 16.64 19.49 -35.32
CA LEU D 69 17.71 18.49 -35.39
C LEU D 69 17.35 17.30 -36.28
N ARG D 70 16.18 16.68 -36.03
CA ARG D 70 15.63 15.53 -36.76
C ARG D 70 15.30 15.91 -38.22
N MET D 71 15.09 14.89 -39.08
CA MET D 71 14.77 15.10 -40.49
C MET D 71 13.57 15.99 -40.71
N LYS D 72 13.67 16.84 -41.74
CA LYS D 72 12.59 17.75 -42.12
C LYS D 72 12.38 17.70 -43.63
N ALA D 73 11.20 18.14 -44.10
CA ALA D 73 10.90 18.24 -45.53
C ALA D 73 11.72 19.39 -46.15
N GLU D 74 12.17 20.32 -45.31
CA GLU D 74 13.00 21.48 -45.66
C GLU D 74 14.41 21.04 -46.08
N ASP D 75 14.86 19.85 -45.62
CA ASP D 75 16.18 19.29 -45.94
C ASP D 75 16.30 18.86 -47.41
N TYR D 76 15.15 18.68 -48.09
CA TYR D 76 15.08 18.22 -49.48
C TYR D 76 14.52 19.28 -50.40
N GLU D 77 15.09 19.38 -51.63
CA GLU D 77 14.60 20.29 -52.65
C GLU D 77 13.81 19.47 -53.68
N VAL D 78 12.55 19.85 -53.90
CA VAL D 78 11.65 19.17 -54.83
C VAL D 78 11.95 19.58 -56.28
N VAL D 79 12.34 18.59 -57.10
CA VAL D 79 12.70 18.78 -58.51
C VAL D 79 11.46 18.73 -59.41
N LYS D 80 10.68 17.62 -59.33
CA LYS D 80 9.48 17.40 -60.15
C LYS D 80 8.55 16.39 -59.47
N VAL D 81 7.22 16.57 -59.64
CA VAL D 81 6.22 15.65 -59.11
C VAL D 81 6.11 14.50 -60.14
N ILE D 82 6.66 13.32 -59.78
CA ILE D 82 6.71 12.16 -60.66
C ILE D 82 5.43 11.31 -60.61
N GLY D 83 4.75 11.31 -59.45
CA GLY D 83 3.53 10.54 -59.25
C GLY D 83 2.52 11.20 -58.33
N ARG D 84 1.28 10.69 -58.34
CA ARG D 84 0.15 11.18 -57.53
C ARG D 84 -0.78 10.02 -57.19
N GLY D 85 -1.10 9.91 -55.91
CA GLY D 85 -1.98 8.88 -55.38
C GLY D 85 -3.22 9.42 -54.72
N ALA D 86 -3.94 8.53 -54.02
CA ALA D 86 -5.18 8.83 -53.33
C ALA D 86 -5.01 9.85 -52.18
N PHE D 87 -4.03 9.59 -51.29
CA PHE D 87 -3.74 10.41 -50.12
C PHE D 87 -2.41 11.19 -50.21
N GLY D 88 -1.77 11.22 -51.37
CA GLY D 88 -0.53 11.96 -51.54
C GLY D 88 0.05 11.98 -52.93
N GLU D 89 1.38 12.16 -53.00
CA GLU D 89 2.13 12.25 -54.25
C GLU D 89 3.57 11.78 -54.07
N VAL D 90 4.24 11.46 -55.19
CA VAL D 90 5.64 11.05 -55.21
C VAL D 90 6.42 12.16 -55.93
N GLN D 91 7.43 12.70 -55.26
CA GLN D 91 8.25 13.78 -55.82
C GLN D 91 9.69 13.34 -55.96
N LEU D 92 10.36 13.82 -57.03
CA LEU D 92 11.78 13.58 -57.23
C LEU D 92 12.49 14.64 -56.39
N VAL D 93 13.24 14.21 -55.36
CA VAL D 93 13.91 15.14 -54.45
C VAL D 93 15.42 14.95 -54.43
N ARG D 94 16.13 16.01 -54.02
CA ARG D 94 17.57 16.04 -53.84
C ARG D 94 17.81 16.58 -52.42
N HIS D 95 18.50 15.79 -51.58
CA HIS D 95 18.80 16.22 -50.19
C HIS D 95 19.82 17.35 -50.29
N LYS D 96 19.44 18.55 -49.82
CA LYS D 96 20.24 19.78 -49.90
C LYS D 96 21.70 19.66 -49.40
N SER D 97 21.94 18.87 -48.33
CA SER D 97 23.28 18.70 -47.77
C SER D 97 24.14 17.67 -48.52
N THR D 98 23.64 16.41 -48.66
CA THR D 98 24.36 15.32 -49.33
C THR D 98 24.35 15.37 -50.85
N ARG D 99 23.35 16.05 -51.44
CA ARG D 99 23.08 16.23 -52.89
C ARG D 99 22.64 14.90 -53.55
N LYS D 100 22.20 13.94 -52.72
CA LYS D 100 21.73 12.63 -53.15
C LYS D 100 20.32 12.72 -53.72
N VAL D 101 20.05 11.99 -54.81
CA VAL D 101 18.75 11.97 -55.50
C VAL D 101 17.88 10.82 -54.99
N TYR D 102 16.67 11.15 -54.52
CA TYR D 102 15.69 10.20 -53.98
C TYR D 102 14.28 10.42 -54.56
N ALA D 103 13.37 9.49 -54.28
CA ALA D 103 11.95 9.56 -54.63
C ALA D 103 11.20 9.66 -53.29
N MET D 104 10.51 10.78 -53.02
CA MET D 104 9.83 11.00 -51.77
C MET D 104 8.30 10.95 -51.88
N LYS D 105 7.70 10.00 -51.16
CA LYS D 105 6.26 9.78 -51.09
C LYS D 105 5.70 10.56 -49.90
N LEU D 106 4.66 11.37 -50.15
CA LEU D 106 3.98 12.15 -49.12
C LEU D 106 2.60 11.56 -48.87
N LEU D 107 2.16 11.53 -47.61
CA LEU D 107 0.82 11.05 -47.26
C LEU D 107 0.14 12.07 -46.36
N SER D 108 -1.04 12.57 -46.79
CA SER D 108 -1.81 13.57 -46.07
C SER D 108 -2.44 12.99 -44.81
N LYS D 109 -2.05 13.54 -43.64
CA LYS D 109 -2.58 13.13 -42.34
C LYS D 109 -4.04 13.51 -42.20
N PHE D 110 -4.44 14.65 -42.82
CA PHE D 110 -5.81 15.16 -42.82
C PHE D 110 -6.76 14.22 -43.58
N GLU D 111 -6.31 13.72 -44.75
CA GLU D 111 -7.08 12.80 -45.59
C GLU D 111 -7.21 11.43 -44.93
N MET D 112 -6.14 10.96 -44.27
CA MET D 112 -6.13 9.66 -43.59
C MET D 112 -7.09 9.62 -42.39
N ILE D 113 -7.22 10.74 -41.66
CA ILE D 113 -8.08 10.87 -40.48
C ILE D 113 -9.58 10.94 -40.87
N LYS D 114 -9.94 11.79 -41.85
CA LYS D 114 -11.35 11.96 -42.26
C LYS D 114 -11.93 10.72 -42.99
N ARG D 115 -11.08 9.99 -43.75
CA ARG D 115 -11.48 8.78 -44.47
C ARG D 115 -11.35 7.52 -43.59
N SER D 116 -10.79 7.68 -42.36
CA SER D 116 -10.55 6.66 -41.32
C SER D 116 -9.45 5.63 -41.64
N ASP D 117 -9.06 5.47 -42.92
CA ASP D 117 -7.99 4.55 -43.33
C ASP D 117 -6.62 5.12 -42.92
N SER D 118 -6.13 4.78 -41.71
CA SER D 118 -4.86 5.26 -41.17
C SER D 118 -4.00 4.13 -40.55
N ALA D 119 -3.79 3.04 -41.33
CA ALA D 119 -3.02 1.85 -40.93
C ALA D 119 -2.32 1.12 -42.10
N PHE D 120 -2.67 1.45 -43.36
CA PHE D 120 -2.12 0.83 -44.57
C PHE D 120 -0.60 0.95 -44.73
N PHE D 121 -0.04 2.10 -44.29
CA PHE D 121 1.37 2.45 -44.42
C PHE D 121 2.33 1.58 -43.60
N TRP D 122 1.85 0.95 -42.50
CA TRP D 122 2.68 0.14 -41.61
C TRP D 122 3.38 -1.04 -42.31
N GLU D 123 2.65 -1.78 -43.15
CA GLU D 123 3.22 -2.91 -43.93
C GLU D 123 4.13 -2.41 -45.05
N GLU D 124 3.78 -1.27 -45.69
CA GLU D 124 4.57 -0.64 -46.75
C GLU D 124 5.91 -0.17 -46.19
N ARG D 125 5.91 0.29 -44.93
CA ARG D 125 7.10 0.74 -44.19
C ARG D 125 8.03 -0.44 -43.91
N ASP D 126 7.53 -1.50 -43.24
CA ASP D 126 8.29 -2.70 -42.87
C ASP D 126 8.84 -3.48 -44.04
N ILE D 127 8.06 -3.61 -45.14
CA ILE D 127 8.50 -4.33 -46.34
C ILE D 127 9.68 -3.60 -47.02
N MET D 128 9.54 -2.29 -47.26
CA MET D 128 10.55 -1.46 -47.91
C MET D 128 11.84 -1.26 -47.09
N ALA D 129 11.71 -1.05 -45.77
CA ALA D 129 12.84 -0.80 -44.89
C ALA D 129 13.66 -2.03 -44.52
N PHE D 130 13.00 -3.20 -44.33
CA PHE D 130 13.68 -4.42 -43.89
C PHE D 130 13.67 -5.56 -44.90
N ALA D 131 13.49 -5.27 -46.19
CA ALA D 131 13.45 -6.30 -47.22
C ALA D 131 14.81 -6.93 -47.51
N ASN D 132 15.84 -6.08 -47.76
CA ASN D 132 17.21 -6.48 -48.11
C ASN D 132 17.22 -7.38 -49.37
N SER D 133 16.34 -7.03 -50.33
CA SER D 133 16.15 -7.73 -51.60
C SER D 133 16.20 -6.75 -52.78
N PRO D 134 16.79 -7.14 -53.94
CA PRO D 134 16.82 -6.22 -55.10
C PRO D 134 15.46 -6.04 -55.75
N TRP D 135 14.51 -6.95 -55.44
CA TRP D 135 13.14 -6.97 -55.96
C TRP D 135 12.20 -5.99 -55.24
N VAL D 136 12.68 -5.32 -54.18
CA VAL D 136 11.89 -4.36 -53.40
C VAL D 136 12.59 -2.99 -53.41
N VAL D 137 11.83 -1.91 -53.69
CA VAL D 137 12.31 -0.53 -53.69
C VAL D 137 12.68 -0.21 -52.25
N GLN D 138 13.95 0.17 -52.02
CA GLN D 138 14.48 0.45 -50.69
C GLN D 138 13.97 1.75 -50.07
N LEU D 139 13.73 1.73 -48.76
CA LEU D 139 13.34 2.90 -47.97
C LEU D 139 14.56 3.29 -47.14
N PHE D 140 15.08 4.49 -47.37
CA PHE D 140 16.26 4.98 -46.66
C PHE D 140 15.88 5.72 -45.39
N TYR D 141 14.90 6.64 -45.47
CA TYR D 141 14.43 7.42 -44.33
C TYR D 141 12.92 7.57 -44.35
N ALA D 142 12.31 7.54 -43.17
CA ALA D 142 10.88 7.74 -42.96
C ALA D 142 10.73 8.75 -41.83
N PHE D 143 10.06 9.88 -42.11
CA PHE D 143 9.84 10.93 -41.13
C PHE D 143 8.45 11.54 -41.25
N GLN D 144 8.09 12.48 -40.35
CA GLN D 144 6.77 13.08 -40.32
C GLN D 144 6.74 14.45 -39.66
N ASP D 145 5.66 15.21 -39.90
CA ASP D 145 5.35 16.49 -39.26
C ASP D 145 3.86 16.50 -38.93
N ASP D 146 3.29 17.64 -38.52
CA ASP D 146 1.87 17.73 -38.19
C ASP D 146 0.94 17.60 -39.41
N ARG D 147 1.49 17.75 -40.62
CA ARG D 147 0.73 17.70 -41.87
C ARG D 147 0.88 16.41 -42.68
N TYR D 148 2.10 15.90 -42.85
CA TYR D 148 2.33 14.71 -43.68
C TYR D 148 3.24 13.63 -43.09
N LEU D 149 3.25 12.46 -43.76
CA LEU D 149 4.14 11.32 -43.55
C LEU D 149 5.06 11.34 -44.77
N TYR D 150 6.36 11.15 -44.57
CA TYR D 150 7.33 11.19 -45.65
C TYR D 150 8.09 9.89 -45.77
N MET D 151 8.29 9.42 -47.01
CA MET D 151 9.03 8.18 -47.28
C MET D 151 10.12 8.44 -48.32
N VAL D 152 11.35 8.68 -47.85
CA VAL D 152 12.53 8.93 -48.69
C VAL D 152 13.02 7.57 -49.18
N MET D 153 12.72 7.26 -50.45
CA MET D 153 13.03 5.97 -51.08
C MET D 153 13.99 6.07 -52.27
N GLU D 154 14.34 4.89 -52.81
CA GLU D 154 15.19 4.66 -53.98
C GLU D 154 14.41 5.15 -55.21
N TYR D 155 15.06 5.99 -56.04
CA TYR D 155 14.41 6.51 -57.24
C TYR D 155 14.53 5.53 -58.41
N MET D 156 13.41 5.29 -59.11
CA MET D 156 13.30 4.37 -60.26
C MET D 156 13.30 5.18 -61.56
N PRO D 157 14.45 5.38 -62.23
CA PRO D 157 14.46 6.22 -63.44
C PRO D 157 13.84 5.58 -64.68
N GLY D 158 13.72 4.25 -64.68
CA GLY D 158 13.14 3.49 -65.79
C GLY D 158 11.64 3.63 -65.93
N GLY D 159 10.98 4.04 -64.84
CA GLY D 159 9.54 4.23 -64.80
C GLY D 159 8.73 2.96 -64.60
N ASP D 160 7.40 3.11 -64.57
CA ASP D 160 6.42 2.03 -64.37
C ASP D 160 6.22 1.18 -65.65
N LEU D 161 5.66 -0.03 -65.49
CA LEU D 161 5.39 -0.93 -66.62
C LEU D 161 4.17 -0.52 -67.45
N VAL D 162 3.30 0.35 -66.90
CA VAL D 162 2.13 0.90 -67.59
C VAL D 162 2.62 1.78 -68.74
N ASN D 163 3.67 2.60 -68.48
CA ASN D 163 4.30 3.47 -69.47
C ASN D 163 5.01 2.63 -70.54
N LEU D 164 5.61 1.46 -70.14
CA LEU D 164 6.32 0.55 -71.05
C LEU D 164 5.36 -0.06 -72.08
N MET D 165 4.22 -0.58 -71.62
CA MET D 165 3.19 -1.20 -72.46
C MET D 165 2.53 -0.18 -73.40
N SER D 166 2.47 1.08 -72.95
CA SER D 166 1.89 2.18 -73.71
C SER D 166 2.84 2.69 -74.80
N ASN D 167 4.16 2.66 -74.52
CA ASN D 167 5.21 3.14 -75.43
C ASN D 167 5.85 2.03 -76.31
N TYR D 168 5.56 0.75 -76.02
CA TYR D 168 6.11 -0.38 -76.78
C TYR D 168 5.07 -1.47 -77.03
N ASP D 169 5.15 -2.11 -78.22
CA ASP D 169 4.30 -3.24 -78.57
C ASP D 169 5.10 -4.47 -78.09
N VAL D 170 4.88 -4.83 -76.82
CA VAL D 170 5.58 -5.88 -76.06
C VAL D 170 5.48 -7.29 -76.71
N PRO D 171 6.63 -7.84 -77.21
CA PRO D 171 6.61 -9.20 -77.77
C PRO D 171 6.67 -10.26 -76.66
N GLU D 172 6.53 -11.55 -77.02
CA GLU D 172 6.55 -12.68 -76.07
C GLU D 172 7.88 -12.81 -75.33
N LYS D 173 9.01 -12.52 -76.02
CA LYS D 173 10.37 -12.59 -75.46
C LYS D 173 10.51 -11.65 -74.25
N TRP D 174 9.95 -10.42 -74.35
CA TRP D 174 9.95 -9.41 -73.30
C TRP D 174 9.00 -9.81 -72.18
N ALA D 175 7.78 -10.28 -72.54
CA ALA D 175 6.73 -10.74 -71.63
C ALA D 175 7.22 -11.88 -70.75
N ARG D 176 8.05 -12.80 -71.31
CA ARG D 176 8.64 -13.93 -70.61
C ARG D 176 9.60 -13.44 -69.52
N PHE D 177 10.38 -12.39 -69.82
CA PHE D 177 11.34 -11.79 -68.89
C PHE D 177 10.65 -11.12 -67.69
N TYR D 178 9.79 -10.12 -67.96
CA TYR D 178 9.10 -9.33 -66.93
C TYR D 178 8.18 -10.16 -66.04
N THR D 179 7.55 -11.24 -66.58
CA THR D 179 6.69 -12.14 -65.79
C THR D 179 7.54 -12.91 -64.78
N ALA D 180 8.68 -13.45 -65.23
CA ALA D 180 9.64 -14.20 -64.41
C ALA D 180 10.23 -13.35 -63.28
N GLU D 181 10.42 -12.04 -63.52
CA GLU D 181 10.92 -11.08 -62.54
C GLU D 181 9.87 -10.86 -61.45
N VAL D 182 8.58 -10.72 -61.84
CA VAL D 182 7.43 -10.55 -60.94
C VAL D 182 7.29 -11.80 -60.05
N VAL D 183 7.46 -13.01 -60.66
CA VAL D 183 7.41 -14.29 -59.96
C VAL D 183 8.49 -14.35 -58.87
N LEU D 184 9.74 -13.99 -59.22
CA LEU D 184 10.85 -13.95 -58.27
C LEU D 184 10.66 -12.87 -57.20
N ALA D 185 10.03 -11.73 -57.59
CA ALA D 185 9.75 -10.61 -56.70
C ALA D 185 8.70 -10.97 -55.67
N LEU D 186 7.61 -11.63 -56.11
CA LEU D 186 6.52 -12.05 -55.22
C LEU D 186 6.95 -13.14 -54.25
N ASP D 187 7.85 -14.06 -54.70
CA ASP D 187 8.41 -15.13 -53.89
C ASP D 187 9.21 -14.55 -52.72
N ALA D 188 9.89 -13.41 -52.95
CA ALA D 188 10.67 -12.70 -51.95
C ALA D 188 9.75 -12.09 -50.88
N ILE D 189 8.57 -11.58 -51.30
CA ILE D 189 7.56 -10.99 -50.42
C ILE D 189 6.88 -12.11 -49.61
N HIS D 190 6.67 -13.28 -50.24
CA HIS D 190 6.07 -14.46 -49.60
C HIS D 190 7.03 -15.06 -48.56
N SER D 191 8.35 -14.93 -48.80
CA SER D 191 9.43 -15.39 -47.92
C SER D 191 9.42 -14.62 -46.60
N MET D 192 9.03 -13.35 -46.64
CA MET D 192 8.94 -12.47 -45.46
C MET D 192 7.63 -12.74 -44.69
N GLY D 193 6.74 -13.55 -45.28
CA GLY D 193 5.45 -13.91 -44.71
C GLY D 193 4.40 -12.85 -44.98
N PHE D 194 4.42 -12.27 -46.20
CA PHE D 194 3.49 -11.24 -46.64
C PHE D 194 2.81 -11.60 -47.94
N ILE D 195 1.53 -11.21 -48.09
CA ILE D 195 0.73 -11.41 -49.29
C ILE D 195 0.44 -10.01 -49.86
N HIS D 196 0.84 -9.74 -51.12
CA HIS D 196 0.69 -8.45 -51.80
C HIS D 196 -0.77 -7.97 -51.91
N ARG D 197 -1.68 -8.87 -52.36
CA ARG D 197 -3.13 -8.67 -52.55
C ARG D 197 -3.50 -7.68 -53.68
N ASP D 198 -2.50 -7.07 -54.36
CA ASP D 198 -2.70 -6.14 -55.47
C ASP D 198 -1.46 -6.04 -56.37
N VAL D 199 -1.23 -7.09 -57.17
CA VAL D 199 -0.12 -7.12 -58.11
C VAL D 199 -0.61 -6.54 -59.44
N LYS D 200 -0.05 -5.39 -59.84
CA LYS D 200 -0.43 -4.68 -61.07
C LYS D 200 0.77 -3.93 -61.70
N PRO D 201 0.77 -3.67 -63.06
CA PRO D 201 1.90 -2.96 -63.68
C PRO D 201 2.21 -1.56 -63.14
N ASP D 202 1.24 -0.93 -62.46
CA ASP D 202 1.40 0.40 -61.85
C ASP D 202 2.37 0.33 -60.66
N ASN D 203 2.37 -0.80 -59.94
CA ASN D 203 3.21 -1.06 -58.76
C ASN D 203 4.60 -1.60 -59.12
N MET D 204 4.77 -2.05 -60.38
CA MET D 204 6.04 -2.60 -60.89
C MET D 204 6.86 -1.45 -61.50
N LEU D 205 8.04 -1.18 -60.92
CA LEU D 205 8.92 -0.11 -61.39
C LEU D 205 10.29 -0.62 -61.84
N LEU D 206 10.92 0.10 -62.79
CA LEU D 206 12.22 -0.27 -63.35
C LEU D 206 13.36 0.66 -62.92
N ASP D 207 14.52 0.08 -62.58
CA ASP D 207 15.71 0.82 -62.16
C ASP D 207 16.52 1.36 -63.37
N LYS D 208 17.76 1.85 -63.13
CA LYS D 208 18.64 2.38 -64.18
C LYS D 208 19.06 1.34 -65.23
N SER D 209 19.03 0.05 -64.85
CA SER D 209 19.40 -1.07 -65.72
C SER D 209 18.22 -1.66 -66.50
N GLY D 210 17.00 -1.32 -66.08
CA GLY D 210 15.77 -1.80 -66.71
C GLY D 210 15.18 -3.04 -66.06
N HIS D 211 15.59 -3.32 -64.81
CA HIS D 211 15.13 -4.47 -64.03
C HIS D 211 14.00 -4.13 -63.08
N LEU D 212 13.01 -5.03 -63.01
CA LEU D 212 11.79 -4.89 -62.21
C LEU D 212 12.03 -5.01 -60.71
N LYS D 213 11.26 -4.23 -59.94
CA LYS D 213 11.18 -4.23 -58.48
C LYS D 213 9.87 -3.59 -58.00
N LEU D 214 9.14 -4.30 -57.11
CA LEU D 214 7.83 -3.86 -56.58
C LEU D 214 7.95 -2.64 -55.68
N ALA D 215 6.91 -1.77 -55.68
CA ALA D 215 6.96 -0.54 -54.90
C ALA D 215 5.76 -0.24 -53.98
N ASP D 216 4.52 -0.30 -54.48
CA ASP D 216 3.37 0.06 -53.64
C ASP D 216 2.85 -1.14 -52.83
N PHE D 217 3.09 -1.12 -51.50
CA PHE D 217 2.68 -2.22 -50.62
C PHE D 217 1.53 -1.86 -49.65
N GLY D 218 0.71 -0.86 -50.02
CA GLY D 218 -0.42 -0.40 -49.22
C GLY D 218 -1.58 -1.37 -49.09
N THR D 219 -1.52 -2.50 -49.84
CA THR D 219 -2.53 -3.56 -49.88
C THR D 219 -2.08 -4.87 -49.18
N CYS D 220 -0.83 -4.91 -48.69
CA CYS D 220 -0.20 -6.06 -48.01
C CYS D 220 -0.79 -6.35 -46.63
N MET D 221 -0.50 -7.58 -46.12
CA MET D 221 -0.81 -8.08 -44.77
C MET D 221 -0.13 -9.43 -44.51
N LYS D 222 0.41 -9.57 -43.28
CA LYS D 222 1.17 -10.74 -42.80
C LYS D 222 0.32 -12.00 -42.66
N MET D 223 0.84 -13.13 -43.18
CA MET D 223 0.19 -14.45 -43.12
C MET D 223 0.70 -15.28 -41.94
N ASN D 224 -0.19 -16.15 -41.39
CA ASN D 224 0.10 -17.03 -40.25
C ASN D 224 1.07 -18.18 -40.61
N LYS D 225 1.45 -19.01 -39.61
CA LYS D 225 2.39 -20.14 -39.73
C LYS D 225 2.09 -21.09 -40.91
N GLU D 226 0.79 -21.29 -41.25
CA GLU D 226 0.36 -22.14 -42.38
C GLU D 226 0.66 -21.41 -43.70
N GLY D 227 0.44 -20.10 -43.70
CA GLY D 227 0.60 -19.21 -44.85
C GLY D 227 -0.75 -18.74 -45.35
N MET D 228 -1.65 -18.41 -44.40
CA MET D 228 -3.03 -18.00 -44.65
C MET D 228 -3.38 -16.65 -44.01
N VAL D 229 -4.45 -15.99 -44.50
CA VAL D 229 -4.96 -14.72 -43.97
C VAL D 229 -6.47 -14.76 -43.81
N ARG D 230 -6.97 -14.41 -42.61
CA ARG D 230 -8.41 -14.37 -42.34
C ARG D 230 -8.87 -12.91 -42.50
N CYS D 231 -9.48 -12.61 -43.67
CA CYS D 231 -9.96 -11.28 -44.02
C CYS D 231 -11.45 -11.26 -44.35
N ASP D 232 -12.10 -10.09 -44.22
CA ASP D 232 -13.52 -9.91 -44.51
C ASP D 232 -13.77 -8.77 -45.51
N THR D 233 -12.74 -7.98 -45.82
CA THR D 233 -12.77 -6.82 -46.72
C THR D 233 -12.01 -7.10 -48.02
N ALA D 234 -12.60 -6.73 -49.17
CA ALA D 234 -11.98 -6.89 -50.48
C ALA D 234 -11.05 -5.71 -50.73
N VAL D 235 -9.79 -5.99 -51.14
CA VAL D 235 -8.75 -4.97 -51.41
C VAL D 235 -8.11 -5.17 -52.79
N GLY D 236 -7.66 -4.06 -53.38
CA GLY D 236 -6.96 -4.06 -54.67
C GLY D 236 -7.64 -3.29 -55.80
N THR D 237 -7.29 -3.69 -57.03
CA THR D 237 -7.77 -3.11 -58.29
C THR D 237 -8.85 -4.05 -58.85
N PRO D 238 -9.98 -3.53 -59.39
CA PRO D 238 -11.02 -4.43 -59.90
C PRO D 238 -10.56 -5.31 -61.07
N ASP D 239 -9.67 -4.79 -61.91
CA ASP D 239 -9.17 -5.53 -63.07
C ASP D 239 -8.22 -6.70 -62.72
N TYR D 240 -7.54 -6.62 -61.55
CA TYR D 240 -6.53 -7.58 -61.10
C TYR D 240 -6.90 -8.42 -59.86
N ILE D 241 -8.08 -8.18 -59.26
CA ILE D 241 -8.57 -8.86 -58.06
C ILE D 241 -8.90 -10.36 -58.34
N SER D 242 -8.53 -11.23 -57.39
CA SER D 242 -8.77 -12.68 -57.43
C SER D 242 -10.20 -13.01 -56.95
N PRO D 243 -10.87 -14.07 -57.47
CA PRO D 243 -12.26 -14.36 -57.04
C PRO D 243 -12.41 -14.69 -55.55
N GLU D 244 -11.34 -15.17 -54.87
CA GLU D 244 -11.37 -15.48 -53.44
C GLU D 244 -11.34 -14.21 -52.57
N VAL D 245 -10.60 -13.16 -53.03
CA VAL D 245 -10.49 -11.86 -52.36
C VAL D 245 -11.83 -11.12 -52.54
N LEU D 246 -12.49 -11.33 -53.70
CA LEU D 246 -13.79 -10.76 -54.04
C LEU D 246 -14.88 -11.45 -53.20
N LYS D 247 -14.85 -12.82 -53.17
CA LYS D 247 -15.79 -13.70 -52.45
C LYS D 247 -15.77 -13.53 -50.92
N SER D 248 -14.60 -13.21 -50.34
CA SER D 248 -14.40 -13.04 -48.90
C SER D 248 -15.08 -11.79 -48.30
N GLN D 249 -15.99 -11.14 -49.07
CA GLN D 249 -16.70 -9.96 -48.60
C GLN D 249 -17.86 -10.32 -47.67
N GLY D 250 -17.60 -10.18 -46.37
CA GLY D 250 -18.57 -10.45 -45.31
C GLY D 250 -18.90 -11.92 -45.08
N GLY D 251 -18.64 -12.38 -43.86
CA GLY D 251 -18.90 -13.75 -43.40
C GLY D 251 -18.11 -14.85 -44.09
N ASP D 252 -16.99 -14.48 -44.72
CA ASP D 252 -16.10 -15.39 -45.43
C ASP D 252 -14.67 -14.85 -45.40
N GLY D 253 -13.69 -15.72 -45.65
CA GLY D 253 -12.28 -15.37 -45.67
C GLY D 253 -11.38 -16.53 -46.03
N TYR D 254 -10.24 -16.62 -45.33
CA TYR D 254 -9.22 -17.67 -45.44
C TYR D 254 -8.74 -17.94 -46.87
N TYR D 255 -7.59 -17.33 -47.23
CA TYR D 255 -6.90 -17.49 -48.51
C TYR D 255 -5.41 -17.33 -48.33
N GLY D 256 -4.64 -18.10 -49.09
CA GLY D 256 -3.19 -18.09 -49.03
C GLY D 256 -2.52 -17.12 -49.99
N ARG D 257 -1.27 -17.42 -50.34
CA ARG D 257 -0.45 -16.62 -51.25
C ARG D 257 -0.79 -16.86 -52.73
N GLU D 258 -1.66 -17.83 -53.02
CA GLU D 258 -2.10 -18.20 -54.37
C GLU D 258 -2.89 -17.10 -55.09
N CYS D 259 -3.53 -16.16 -54.34
CA CYS D 259 -4.28 -15.03 -54.89
C CYS D 259 -3.38 -14.05 -55.66
N ASP D 260 -2.08 -13.99 -55.30
CA ASP D 260 -1.09 -13.15 -55.96
C ASP D 260 -0.69 -13.72 -57.32
N TRP D 261 -0.81 -15.05 -57.50
CA TRP D 261 -0.49 -15.70 -58.77
C TRP D 261 -1.59 -15.49 -59.81
N TRP D 262 -2.83 -15.21 -59.34
CA TRP D 262 -3.97 -14.91 -60.20
C TRP D 262 -3.65 -13.62 -60.97
N SER D 263 -3.19 -12.58 -60.24
CA SER D 263 -2.80 -11.26 -60.75
C SER D 263 -1.63 -11.31 -61.74
N VAL D 264 -0.77 -12.34 -61.65
CA VAL D 264 0.37 -12.55 -62.54
C VAL D 264 -0.18 -12.95 -63.93
N GLY D 265 -1.19 -13.85 -63.94
CA GLY D 265 -1.87 -14.30 -65.14
C GLY D 265 -2.60 -13.19 -65.84
N VAL D 266 -3.24 -12.29 -65.06
CA VAL D 266 -3.96 -11.11 -65.54
C VAL D 266 -2.94 -10.18 -66.20
N PHE D 267 -1.78 -9.98 -65.54
CA PHE D 267 -0.67 -9.15 -66.00
C PHE D 267 -0.07 -9.68 -67.31
N LEU D 268 0.15 -11.01 -67.40
CA LEU D 268 0.71 -11.67 -68.59
C LEU D 268 -0.25 -11.55 -69.78
N TYR D 269 -1.57 -11.61 -69.51
CA TYR D 269 -2.62 -11.49 -70.52
C TYR D 269 -2.60 -10.08 -71.13
N GLU D 270 -2.66 -9.03 -70.27
CA GLU D 270 -2.67 -7.62 -70.66
C GLU D 270 -1.42 -7.23 -71.45
N MET D 271 -0.28 -7.85 -71.11
CA MET D 271 1.01 -7.60 -71.74
C MET D 271 1.08 -8.14 -73.17
N LEU D 272 0.37 -9.24 -73.45
CA LEU D 272 0.37 -9.89 -74.77
C LEU D 272 -0.84 -9.54 -75.66
N VAL D 273 -2.03 -9.43 -75.06
CA VAL D 273 -3.28 -9.10 -75.76
C VAL D 273 -3.44 -7.58 -75.96
N GLY D 274 -3.16 -6.81 -74.91
CA GLY D 274 -3.28 -5.35 -74.94
C GLY D 274 -4.33 -4.82 -73.99
N ASP D 275 -5.29 -5.68 -73.61
CA ASP D 275 -6.39 -5.38 -72.70
C ASP D 275 -6.43 -6.39 -71.56
N THR D 276 -7.03 -6.00 -70.42
CA THR D 276 -7.19 -6.88 -69.25
C THR D 276 -8.20 -7.99 -69.59
N PRO D 277 -8.02 -9.24 -69.10
CA PRO D 277 -8.94 -10.33 -69.48
C PRO D 277 -10.39 -10.16 -69.07
N PHE D 278 -10.65 -9.50 -67.93
CA PHE D 278 -12.00 -9.31 -67.42
C PHE D 278 -12.47 -7.88 -67.56
N TYR D 279 -11.95 -7.19 -68.60
CA TYR D 279 -12.27 -5.81 -68.94
C TYR D 279 -13.75 -5.64 -69.30
N ALA D 280 -14.40 -4.64 -68.70
CA ALA D 280 -15.78 -4.25 -68.94
C ALA D 280 -15.83 -2.73 -68.95
N ASP D 281 -16.75 -2.15 -69.77
CA ASP D 281 -16.91 -0.71 -69.90
C ASP D 281 -17.48 -0.05 -68.64
N SER D 282 -18.09 -0.86 -67.76
CA SER D 282 -18.59 -0.47 -66.44
C SER D 282 -17.78 -1.28 -65.39
N LEU D 283 -17.34 -0.62 -64.31
CA LEU D 283 -16.53 -1.26 -63.27
C LEU D 283 -17.23 -2.43 -62.58
N VAL D 284 -18.58 -2.37 -62.53
CA VAL D 284 -19.42 -3.40 -61.93
C VAL D 284 -19.38 -4.70 -62.75
N GLY D 285 -19.31 -4.56 -64.08
CA GLY D 285 -19.25 -5.66 -65.04
C GLY D 285 -18.02 -6.53 -64.89
N THR D 286 -16.89 -5.90 -64.51
CA THR D 286 -15.60 -6.56 -64.27
C THR D 286 -15.70 -7.56 -63.10
N TYR D 287 -16.34 -7.17 -61.97
CA TYR D 287 -16.51 -8.03 -60.79
C TYR D 287 -17.23 -9.33 -61.14
N SER D 288 -18.31 -9.22 -61.95
CA SER D 288 -19.13 -10.36 -62.37
C SER D 288 -18.39 -11.30 -63.33
N LYS D 289 -17.50 -10.74 -64.17
CA LYS D 289 -16.69 -11.49 -65.12
C LYS D 289 -15.63 -12.35 -64.42
N ILE D 290 -15.05 -11.85 -63.30
CA ILE D 290 -14.04 -12.54 -62.49
C ILE D 290 -14.64 -13.81 -61.85
N MET D 291 -15.83 -13.68 -61.24
CA MET D 291 -16.54 -14.81 -60.61
C MET D 291 -16.97 -15.85 -61.64
N ASN D 292 -17.16 -15.41 -62.90
CA ASN D 292 -17.55 -16.27 -64.03
C ASN D 292 -16.38 -16.50 -65.01
N HIS D 293 -15.14 -16.59 -64.47
CA HIS D 293 -13.91 -16.80 -65.25
C HIS D 293 -13.91 -18.08 -66.09
N LYS D 294 -14.71 -19.09 -65.67
CA LYS D 294 -14.85 -20.37 -66.35
C LYS D 294 -15.51 -20.22 -67.74
N ASN D 295 -16.32 -19.15 -67.93
CA ASN D 295 -17.02 -18.86 -69.18
C ASN D 295 -16.65 -17.51 -69.81
N SER D 296 -16.13 -16.55 -69.00
CA SER D 296 -15.75 -15.21 -69.48
C SER D 296 -14.37 -15.15 -70.12
N LEU D 297 -13.38 -15.93 -69.62
CA LEU D 297 -12.02 -15.91 -70.16
C LEU D 297 -11.95 -16.48 -71.59
N THR D 298 -11.76 -15.57 -72.57
CA THR D 298 -11.67 -15.88 -73.99
C THR D 298 -10.46 -15.13 -74.60
N PHE D 299 -9.66 -15.83 -75.42
CA PHE D 299 -8.50 -15.25 -76.09
C PHE D 299 -8.94 -14.65 -77.45
N PRO D 300 -8.30 -13.58 -77.96
CA PRO D 300 -8.76 -12.97 -79.23
C PRO D 300 -8.66 -13.88 -80.45
N ASP D 301 -9.57 -13.66 -81.44
CA ASP D 301 -9.69 -14.40 -82.71
C ASP D 301 -8.39 -14.37 -83.52
N ASP D 302 -7.68 -13.22 -83.50
CA ASP D 302 -6.38 -13.05 -84.15
C ASP D 302 -5.36 -13.54 -83.10
N ASN D 303 -5.13 -14.87 -83.10
CA ASN D 303 -4.25 -15.52 -82.14
C ASN D 303 -2.80 -15.65 -82.61
N ASP D 304 -1.99 -14.66 -82.20
CA ASP D 304 -0.55 -14.61 -82.46
C ASP D 304 0.11 -15.17 -81.19
N ILE D 305 -0.66 -15.22 -80.10
CA ILE D 305 -0.27 -15.71 -78.77
C ILE D 305 -0.04 -17.22 -78.83
N SER D 306 1.14 -17.64 -78.36
CA SER D 306 1.60 -19.04 -78.32
C SER D 306 0.74 -19.91 -77.39
N LYS D 307 0.76 -21.24 -77.63
CA LYS D 307 0.01 -22.23 -76.83
C LYS D 307 0.53 -22.28 -75.39
N GLU D 308 1.86 -22.18 -75.21
CA GLU D 308 2.53 -22.20 -73.90
C GLU D 308 2.19 -20.96 -73.06
N ALA D 309 1.90 -19.83 -73.74
CA ALA D 309 1.51 -18.58 -73.12
C ALA D 309 0.08 -18.70 -72.59
N LYS D 310 -0.86 -19.20 -73.45
CA LYS D 310 -2.27 -19.40 -73.12
C LYS D 310 -2.47 -20.44 -72.00
N ASN D 311 -1.55 -21.43 -71.93
CA ASN D 311 -1.55 -22.50 -70.93
C ASN D 311 -1.26 -21.95 -69.53
N LEU D 312 -0.25 -21.05 -69.40
CA LEU D 312 0.13 -20.41 -68.15
C LEU D 312 -0.99 -19.52 -67.64
N ILE D 313 -1.56 -18.70 -68.55
CA ILE D 313 -2.66 -17.77 -68.28
C ILE D 313 -3.84 -18.54 -67.68
N CYS D 314 -4.25 -19.64 -68.33
CA CYS D 314 -5.34 -20.49 -67.86
C CYS D 314 -5.01 -21.26 -66.58
N ALA D 315 -3.72 -21.62 -66.37
CA ALA D 315 -3.25 -22.33 -65.18
C ALA D 315 -3.35 -21.41 -63.95
N PHE D 316 -3.15 -20.11 -64.17
CA PHE D 316 -3.23 -19.07 -63.15
C PHE D 316 -4.65 -18.53 -62.99
N LEU D 317 -5.43 -18.47 -64.09
CA LEU D 317 -6.80 -17.94 -64.04
C LEU D 317 -7.85 -19.05 -63.90
N THR D 318 -7.83 -19.72 -62.74
CA THR D 318 -8.75 -20.79 -62.34
C THR D 318 -9.03 -20.70 -60.84
N ASP D 319 -9.77 -21.69 -60.28
CA ASP D 319 -10.12 -21.79 -58.86
C ASP D 319 -8.89 -21.99 -57.97
N ARG D 320 -8.95 -21.50 -56.72
CA ARG D 320 -7.91 -21.54 -55.69
C ARG D 320 -7.25 -22.91 -55.53
N GLU D 321 -8.04 -23.96 -55.25
CA GLU D 321 -7.59 -25.33 -55.00
C GLU D 321 -6.95 -26.04 -56.23
N VAL D 322 -7.18 -25.54 -57.46
CA VAL D 322 -6.65 -26.15 -58.70
C VAL D 322 -5.60 -25.25 -59.41
N ARG D 323 -5.39 -24.01 -58.90
CA ARG D 323 -4.47 -23.02 -59.46
C ARG D 323 -2.98 -23.41 -59.32
N LEU D 324 -2.18 -23.08 -60.36
CA LEU D 324 -0.73 -23.31 -60.41
C LEU D 324 -0.05 -22.41 -59.37
N GLY D 325 0.85 -23.01 -58.61
CA GLY D 325 1.60 -22.32 -57.56
C GLY D 325 0.94 -22.38 -56.20
N ARG D 326 0.13 -23.43 -55.95
CA ARG D 326 -0.57 -23.63 -54.68
C ARG D 326 0.31 -24.35 -53.66
N ASN D 327 1.10 -25.34 -54.12
CA ASN D 327 2.00 -26.12 -53.27
C ASN D 327 3.43 -25.55 -53.20
N GLY D 328 3.85 -24.80 -54.22
CA GLY D 328 5.18 -24.17 -54.27
C GLY D 328 5.43 -23.27 -55.47
N VAL D 329 6.48 -22.43 -55.37
CA VAL D 329 6.89 -21.51 -56.43
C VAL D 329 7.63 -22.26 -57.57
N GLU D 330 8.24 -23.41 -57.26
CA GLU D 330 8.97 -24.24 -58.22
C GLU D 330 8.13 -24.75 -59.39
N GLU D 331 6.82 -25.04 -59.15
CA GLU D 331 5.93 -25.51 -60.22
C GLU D 331 5.64 -24.41 -61.25
N ILE D 332 5.74 -23.13 -60.85
CA ILE D 332 5.56 -21.96 -61.72
C ILE D 332 6.83 -21.85 -62.59
N LYS D 333 8.01 -21.93 -61.94
CA LYS D 333 9.33 -21.85 -62.58
C LYS D 333 9.56 -22.99 -63.60
N ARG D 334 9.05 -24.20 -63.30
CA ARG D 334 9.20 -25.39 -64.13
C ARG D 334 8.22 -25.48 -65.33
N HIS D 335 7.44 -24.39 -65.58
CA HIS D 335 6.50 -24.35 -66.71
C HIS D 335 7.27 -24.19 -68.02
N LEU D 336 6.76 -24.84 -69.10
CA LEU D 336 7.35 -24.85 -70.44
C LEU D 336 7.50 -23.46 -71.08
N PHE D 337 6.70 -22.47 -70.64
CA PHE D 337 6.75 -21.08 -71.14
C PHE D 337 8.05 -20.39 -70.72
N PHE D 338 8.56 -20.72 -69.51
CA PHE D 338 9.79 -20.12 -68.98
C PHE D 338 11.07 -20.76 -69.52
N LYS D 339 10.96 -21.84 -70.33
CA LYS D 339 12.11 -22.50 -70.94
C LYS D 339 12.60 -21.63 -72.11
N ASN D 340 13.80 -21.06 -71.95
CA ASN D 340 14.41 -20.14 -72.92
C ASN D 340 15.94 -20.26 -72.99
N ASP D 341 16.52 -19.75 -74.09
CA ASP D 341 17.96 -19.76 -74.36
C ASP D 341 18.68 -18.54 -73.78
N GLN D 342 17.93 -17.45 -73.52
CA GLN D 342 18.44 -16.16 -73.05
C GLN D 342 18.93 -16.14 -71.60
N TRP D 343 18.04 -16.41 -70.62
CA TRP D 343 18.33 -16.35 -69.18
C TRP D 343 18.05 -17.62 -68.39
N ALA D 344 18.48 -17.62 -67.11
CA ALA D 344 18.29 -18.67 -66.11
C ALA D 344 17.60 -18.06 -64.88
N TRP D 345 16.82 -18.87 -64.13
CA TRP D 345 16.08 -18.43 -62.94
C TRP D 345 16.95 -17.98 -61.76
N GLU D 346 18.16 -18.55 -61.65
CA GLU D 346 19.11 -18.23 -60.56
C GLU D 346 19.92 -16.94 -60.85
N THR D 347 20.02 -16.55 -62.14
CA THR D 347 20.79 -15.37 -62.57
C THR D 347 19.98 -14.50 -63.57
N LEU D 348 18.67 -14.31 -63.29
CA LEU D 348 17.77 -13.51 -64.14
C LEU D 348 18.02 -12.00 -64.04
N ARG D 349 18.23 -11.48 -62.83
CA ARG D 349 18.45 -10.05 -62.61
C ARG D 349 19.84 -9.57 -63.06
N ASP D 350 20.76 -10.52 -63.33
CA ASP D 350 22.12 -10.24 -63.79
C ASP D 350 22.23 -10.16 -65.33
N THR D 351 21.22 -10.67 -66.05
CA THR D 351 21.17 -10.62 -67.52
C THR D 351 20.69 -9.25 -68.01
N VAL D 352 20.92 -8.95 -69.30
CA VAL D 352 20.53 -7.67 -69.93
C VAL D 352 19.01 -7.60 -70.05
N ALA D 353 18.41 -6.48 -69.60
CA ALA D 353 16.97 -6.21 -69.64
C ALA D 353 16.52 -5.91 -71.09
N PRO D 354 15.22 -6.16 -71.46
CA PRO D 354 14.78 -5.85 -72.84
C PRO D 354 14.89 -4.38 -73.20
N VAL D 355 14.52 -3.50 -72.26
CA VAL D 355 14.59 -2.04 -72.40
C VAL D 355 15.45 -1.48 -71.27
N VAL D 356 16.51 -0.75 -71.63
CA VAL D 356 17.42 -0.12 -70.68
C VAL D 356 17.19 1.40 -70.79
N PRO D 357 16.82 2.09 -69.68
CA PRO D 357 16.55 3.54 -69.78
C PRO D 357 17.75 4.41 -70.14
N ASP D 358 17.58 5.25 -71.16
CA ASP D 358 18.60 6.18 -71.67
C ASP D 358 18.53 7.44 -70.81
N LEU D 359 19.44 7.55 -69.83
CA LEU D 359 19.46 8.65 -68.87
C LEU D 359 20.59 9.65 -69.09
N SER D 360 20.23 10.92 -69.25
CA SER D 360 21.16 12.03 -69.49
C SER D 360 21.71 12.64 -68.21
N SER D 361 20.90 12.64 -67.14
CA SER D 361 21.28 13.22 -65.84
C SER D 361 20.73 12.40 -64.67
N ASP D 362 21.21 12.71 -63.43
CA ASP D 362 20.78 12.07 -62.18
C ASP D 362 19.33 12.43 -61.81
N ILE D 363 18.77 13.48 -62.46
CA ILE D 363 17.40 13.96 -62.25
C ILE D 363 16.54 13.86 -63.54
N ASP D 364 16.83 12.84 -64.38
CA ASP D 364 16.11 12.56 -65.63
C ASP D 364 14.72 12.00 -65.31
N THR D 365 13.66 12.64 -65.86
CA THR D 365 12.26 12.23 -65.61
C THR D 365 11.47 11.96 -66.91
N SER D 366 12.17 11.51 -67.97
CA SER D 366 11.58 11.21 -69.28
C SER D 366 10.58 10.05 -69.27
N ASN D 367 10.81 9.04 -68.40
CA ASN D 367 9.96 7.85 -68.28
C ASN D 367 8.69 8.08 -67.43
N PHE D 368 8.61 9.23 -66.73
CA PHE D 368 7.45 9.61 -65.92
C PHE D 368 6.70 10.72 -66.66
N ASP D 369 5.42 10.48 -67.01
CA ASP D 369 4.61 11.47 -67.73
C ASP D 369 4.28 12.65 -66.82
N ASP D 370 4.40 13.88 -67.38
CA ASP D 370 4.19 15.18 -66.70
C ASP D 370 2.89 15.28 -65.90
N LEU D 371 2.96 15.95 -64.74
CA LEU D 371 1.82 16.17 -63.84
C LEU D 371 1.79 17.58 -63.25
N GLU D 372 0.60 18.03 -62.80
CA GLU D 372 0.33 19.33 -62.15
C GLU D 372 1.31 19.62 -61.01
N GLU D 373 1.82 20.87 -60.97
CA GLU D 373 2.85 21.33 -60.03
C GLU D 373 2.34 21.63 -58.59
N ASP D 374 1.10 21.19 -58.23
CA ASP D 374 0.55 21.40 -56.89
C ASP D 374 1.28 20.56 -55.82
N LYS D 375 1.80 21.24 -54.78
CA LYS D 375 2.57 20.67 -53.67
C LYS D 375 1.68 20.09 -52.56
N GLY D 376 0.68 20.86 -52.11
CA GLY D 376 -0.25 20.43 -51.07
C GLY D 376 -0.69 21.49 -50.09
N GLU D 377 -0.78 22.77 -50.55
CA GLU D 377 -1.25 23.87 -49.71
C GLU D 377 -2.78 23.85 -49.65
N GLU D 378 -3.33 22.93 -48.84
CA GLU D 378 -4.77 22.72 -48.69
C GLU D 378 -5.23 22.68 -47.23
N GLU D 379 -6.47 22.18 -46.98
CA GLU D 379 -7.15 22.12 -45.70
C GLU D 379 -6.33 21.51 -44.56
N THR D 380 -6.50 22.09 -43.37
CA THR D 380 -5.82 21.74 -42.13
C THR D 380 -6.82 21.32 -41.05
N PHE D 381 -6.36 20.54 -40.04
CA PHE D 381 -7.17 20.10 -38.90
C PHE D 381 -7.64 21.32 -38.09
N PRO D 382 -8.95 21.41 -37.72
CA PRO D 382 -9.41 22.57 -36.94
C PRO D 382 -8.86 22.56 -35.51
N ILE D 383 -8.88 23.74 -34.85
CA ILE D 383 -8.41 23.91 -33.48
C ILE D 383 -9.34 23.10 -32.55
N PRO D 384 -8.81 22.15 -31.76
CA PRO D 384 -9.69 21.33 -30.91
C PRO D 384 -10.14 22.02 -29.62
N LYS D 385 -11.38 21.75 -29.21
CA LYS D 385 -12.00 22.28 -28.00
C LYS D 385 -11.73 21.36 -26.80
N ALA D 386 -11.20 20.15 -27.09
CA ALA D 386 -10.81 19.08 -26.16
C ALA D 386 -9.85 18.12 -26.88
N PHE D 387 -9.13 17.26 -26.13
CA PHE D 387 -8.18 16.31 -26.70
C PHE D 387 -8.80 15.37 -27.74
N VAL D 388 -8.22 15.33 -28.93
CA VAL D 388 -8.68 14.49 -30.04
C VAL D 388 -7.61 13.46 -30.46
N GLY D 389 -6.34 13.85 -30.32
CA GLY D 389 -5.17 13.02 -30.63
C GLY D 389 -5.06 12.59 -32.08
N ASN D 390 -5.11 13.56 -33.02
CA ASN D 390 -5.04 13.30 -34.46
C ASN D 390 -3.66 12.78 -34.92
N GLN D 391 -2.61 12.99 -34.12
CA GLN D 391 -1.25 12.57 -34.44
C GLN D 391 -0.91 11.17 -33.88
N LEU D 392 -1.78 10.62 -33.00
CA LEU D 392 -1.61 9.30 -32.36
C LEU D 392 -1.54 8.11 -33.33
N PRO D 393 -2.37 7.98 -34.41
CA PRO D 393 -2.24 6.79 -35.30
C PRO D 393 -0.96 6.78 -36.17
N PHE D 394 -0.11 7.82 -36.02
CA PHE D 394 1.13 7.99 -36.77
C PHE D 394 2.41 7.85 -35.91
N VAL D 395 2.24 7.69 -34.59
CA VAL D 395 3.33 7.52 -33.62
C VAL D 395 4.07 6.20 -33.91
N GLY D 396 5.37 6.29 -34.17
CA GLY D 396 6.21 5.14 -34.44
C GLY D 396 6.54 4.91 -35.90
N PHE D 397 6.23 5.90 -36.74
CA PHE D 397 6.49 5.83 -38.18
C PHE D 397 7.95 6.20 -38.53
N THR D 398 8.60 7.05 -37.72
CA THR D 398 9.97 7.52 -37.95
C THR D 398 10.98 6.37 -37.99
N TYR D 399 11.76 6.31 -39.09
CA TYR D 399 12.80 5.31 -39.34
C TYR D 399 14.03 5.96 -39.97
N TYR D 400 15.23 5.57 -39.49
CA TYR D 400 16.51 6.03 -39.99
C TYR D 400 17.43 4.87 -40.33
N SER D 401 17.91 4.86 -41.58
CA SER D 401 18.84 3.85 -42.12
C SER D 401 20.00 4.57 -42.82
N ASN D 402 21.22 4.59 -42.22
CA ASN D 402 21.55 3.95 -40.94
C ASN D 402 21.71 4.99 -39.82
C4 B5G E . -16.77 -13.65 2.31
C6 B5G E . -16.69 -15.99 3.28
C10 B5G E . -24.06 -18.06 7.13
C20 B5G E . -28.58 -14.73 6.46
C24 B5G E . -20.44 -15.77 4.59
C28 B5G E . -30.46 -13.85 7.86
C1 B5G E . -18.13 -15.76 3.71
C2 B5G E . -18.82 -14.63 3.51
C3 B5G E . -18.22 -13.42 2.79
N5 B5G E . -16.30 -15.06 2.20
C9 B5G E . -25.40 -18.18 7.42
C11 B5G E . -23.63 -17.20 6.10
C12 B5G E . -24.59 -16.48 5.37
C27 B5G E . -16.61 -15.63 0.87
C7 B5G E . -25.94 -16.59 5.67
C8 B5G E . -26.33 -17.45 6.70
C13 B5G E . -22.20 -17.10 5.72
O14 B5G E . -21.47 -18.04 5.97
C15 B5G E . -26.93 -15.79 4.84
N16 B5G E . -28.26 -15.58 5.45
C17 B5G E . -29.24 -16.40 4.70
C18 B5G E . -28.44 -17.31 3.74
C19 B5G E . -27.18 -16.46 3.47
O21 B5G E . -27.70 -14.08 7.01
N22 B5G E . -29.89 -14.65 6.86
N23 B5G E . -21.74 -15.99 5.07
N25 B5G E . -20.07 -14.69 3.99
S26 B5G E . -19.17 -16.92 4.54
C29 B5G E . -31.76 -14.15 8.29
C30 B5G E . -32.40 -13.34 9.23
C31 B5G E . -31.75 -12.20 9.73
C32 B5G E . -30.48 -11.88 9.29
C33 B5G E . -29.85 -12.68 8.36
C34 B5G E . -33.72 -13.65 9.69
N35 B5G E . -34.77 -13.89 10.06
C4 B5G F . 12.25 -14.26 47.23
C6 B5G F . 13.34 -13.54 45.02
C10 B5G F . 13.90 -4.95 45.49
C20 B5G F . 12.12 -2.41 50.24
C24 B5G F . 13.06 -9.80 46.29
C28 B5G F . 10.92 -0.28 50.82
C1 B5G F . 13.13 -12.16 45.59
C2 B5G F . 12.26 -11.88 46.58
C3 B5G F . 11.41 -12.98 47.20
N5 B5G F . 12.94 -14.62 45.96
C9 B5G F . 13.98 -3.68 46.04
C11 B5G F . 13.72 -6.07 46.34
C12 B5G F . 13.63 -5.87 47.72
C27 B5G F . 14.08 -15.50 46.25
C7 B5G F . 13.71 -4.59 48.27
C8 B5G F . 13.87 -3.50 47.41
C13 B5G F . 13.66 -7.45 45.80
O14 B5G F . 14.04 -7.66 44.66
C15 B5G F . 13.58 -4.44 49.78
N16 B5G F . 13.31 -3.07 50.27
C17 B5G F . 14.56 -2.56 50.88
C18 B5G F . 15.67 -3.61 50.68
C19 B5G F . 14.86 -4.92 50.49
O21 B5G F . 11.15 -2.96 49.72
N22 B5G F . 12.03 -1.15 50.76
N23 B5G F . 13.18 -8.44 46.60
N25 B5G F . 12.27 -10.60 46.93
S26 B5G F . 13.97 -10.69 45.14
C29 B5G F . 11.15 1.05 51.17
C30 B5G F . 10.08 1.96 51.27
C31 B5G F . 8.77 1.53 51.02
C32 B5G F . 8.54 0.20 50.69
C33 B5G F . 9.60 -0.69 50.59
C34 B5G F . 10.31 3.32 51.64
N35 B5G F . 10.49 4.41 51.94
C4 B5G G . 6.97 20.56 -1.20
C6 B5G G . 5.05 18.93 -1.01
C10 B5G G . 7.70 11.37 2.04
C20 B5G G . 12.95 10.98 4.21
C24 B5G G . 7.37 16.09 0.51
C28 B5G G . 14.85 9.32 4.20
C1 B5G G . 6.05 17.95 -0.43
C2 B5G G . 7.36 18.20 -0.27
C3 B5G G . 8.00 19.55 -0.64
N5 B5G G . 5.53 20.32 -0.92
C9 B5G G . 8.39 10.41 2.77
C11 B5G G . 8.08 12.72 2.13
C12 B5G G . 9.16 13.08 2.97
C27 B5G G . 5.10 20.93 0.36
C7 B5G G . 9.86 12.12 3.69
C8 B5G G . 9.45 10.78 3.59
C13 B5G G . 7.32 13.78 1.41
O14 B5G G . 6.17 13.57 1.11
C15 B5G G . 10.99 12.57 4.59
N16 B5G G . 11.96 11.51 4.98
C17 B5G G . 11.73 11.23 6.42
C18 B5G G . 10.45 11.97 6.86
C19 B5G G . 10.44 13.18 5.89
O21 B5G G . 13.06 11.29 3.03
N22 B5G G . 13.78 10.05 4.77
N23 B5G G . 7.94 14.96 1.13
N25 B5G G . 8.02 17.18 0.26
S26 B5G G . 5.72 16.32 0.14
C29 B5G G . 15.31 8.19 4.89
C30 B5G G . 16.38 7.45 4.38
C31 B5G G . 17.01 7.84 3.18
C32 B5G G . 16.56 8.97 2.51
C33 B5G G . 15.50 9.70 3.02
C34 B5G G . 16.86 6.29 5.07
N35 B5G G . 17.26 5.38 5.62
C4 B5G H . -5.65 1.53 -48.83
C6 B5G H . -5.90 4.03 -48.52
C10 B5G H . 0.40 8.14 -52.67
C20 B5G H . 4.02 4.97 -55.59
C24 B5G H . -2.62 4.78 -50.61
C28 B5G H . 6.47 4.95 -56.03
C1 B5G H . -4.63 4.18 -49.32
C2 B5G H . -3.86 3.14 -49.72
C3 B5G H . -4.21 1.69 -49.37
N5 B5G H . -6.54 2.73 -48.83
C9 B5G H . 1.40 8.38 -53.60
C11 B5G H . -0.23 6.87 -52.64
C12 B5G H . 0.14 5.90 -53.56
C27 B5G H . -7.34 2.80 -50.07
C7 B5G H . 1.15 6.14 -54.49
C8 B5G H . 1.77 7.38 -54.50
C13 B5G H . -1.33 6.58 -51.69
O14 B5G H . -2.00 7.50 -51.26
C15 B5G H . 1.49 5.03 -55.45
N16 B5G H . 2.80 5.16 -56.14
C17 B5G H . 2.54 5.49 -57.56
C18 B5G H . 1.02 5.78 -57.69
C19 B5G H . 0.43 4.89 -56.56
O21 B5G H . 4.11 4.70 -54.40
N22 B5G H . 5.12 5.12 -56.37
N23 B5G H . -1.57 5.28 -51.40
N25 B5G H . -2.81 3.51 -50.42
S26 B5G H . -3.91 5.67 -49.93
C29 B5G H . 7.42 5.50 -56.88
C30 B5G H . 8.79 5.32 -56.61
C31 B5G H . 9.19 4.57 -55.50
C32 B5G H . 8.25 3.99 -54.67
C33 B5G H . 6.90 4.17 -54.93
C34 B5G H . 9.78 5.90 -57.48
N35 B5G H . 10.56 6.34 -58.17
#